data_9DES
#
_entry.id   9DES
#
_cell.length_a   1.00
_cell.length_b   1.00
_cell.length_c   1.00
_cell.angle_alpha   90.00
_cell.angle_beta   90.00
_cell.angle_gamma   90.00
#
_symmetry.space_group_name_H-M   'P 1'
#
loop_
_entity.id
_entity.type
_entity.pdbx_description
1 polymer 'ATP-dependent DNA helicase UvrD1'
2 polymer 'DNA (38-MER)'
3 polymer "DNA (5'-D(P*GP*CP*CP*CP*TP*GP*CP*TP*GP*CP*CP*GP*AP*CP*CP*AP*AP*C)-3')"
#
loop_
_entity_poly.entity_id
_entity_poly.type
_entity_poly.pdbx_seq_one_letter_code
_entity_poly.pdbx_strand_id
1 'polypeptide(L)'
;MSVHATDAKPPGPSPADQLLDGLNPQQRQAVVHEGSPLLIVAGAGSGKTAVLTRRIAYLMAARGVGVGQILAITFTNKAA
AEMRERVVGLVGEKARYMWVSTFHSTCVRILRNQAALIEGLNSNFSIYDADDSRRLLQMVGRDLGLDIKRYSPRLLANAI
SNLKNELIDPHQALAGLTEDSDDLARAVASVYDEYQRRLRAANALDFDDLIGETVAVLQAFPQIAQYYRRRFRHVLVDEY
QDTNHAQYVLVRELVGRDSNDGIPPGELCVVGDADQSIYAFRGATIRNIEDFERDYPDTRTILLEQNYRSTQNILSAANS
VIARNAGRREKRLWTDAGAGELIVGYVADNEHDEARFVAEEIDALAEGSEITYNDVAVFYRTNNSSRSLEEVLIRAGIPY
KVVGGVRFYERKEIRDIVAYLRVLDNPGDAVSLRRILNTPRRGIGDRAEACVAVYAENTGVGFGDALVAAAQGKVPMLNT
RAEKAIAGFVEMFDELRGRLDDDLGELVEAVLERTGYRRELEASTDPQELARLDNLNELVSVAHEFSTDRENAAALGPDD
EDVPDTGVLADFLERVSLVADADEIPEHGAGVVTLMTLHTAKGLEFPVVFVTGWEDGMFPHMRALDNPTELSEERRLAYV
GITRARQRLYVSRAIVRSSWGQPMLNPESRFLREIPQELIDWRRTAPKPSFSAPVSGAGRFGSARPSPTRSGASRRPLLV
LQVGDRVTHDKYGLGRVEEVSGVGESAMSLIDFGSSGRVKLMHNHAPVTKL
;
A,B
2 'polydeoxyribonucleotide'
;(DG)(DT)(DT)(DG)(DG)(DT)(DC)(DG)(DG)(DC)(DA)(DG)(DC)(DA)(DG)(DG)(DG)(DC)(DT)(DT)
(DT)(DT)(DT)(DT)(DT)(DT)(DT)(DT)(DT)(DT)(DT)(DT)(DT)(DT)(DT)(DT)(DT)(DT)
;
Y
3 'polydeoxyribonucleotide' (DG)(DC)(DC)(DC)(DT)(DG)(DC)(DT)(DG)(DC)(DC)(DG)(DA)(DC)(DC)(DA)(DA)(DC) X
#
loop_
_chem_comp.id
_chem_comp.type
_chem_comp.name
_chem_comp.formula
DA DNA linking 2'-DEOXYADENOSINE-5'-MONOPHOSPHATE 'C10 H14 N5 O6 P'
DC DNA linking 2'-DEOXYCYTIDINE-5'-MONOPHOSPHATE 'C9 H14 N3 O7 P'
DG DNA linking 2'-DEOXYGUANOSINE-5'-MONOPHOSPHATE 'C10 H14 N5 O7 P'
DT DNA linking THYMIDINE-5'-MONOPHOSPHATE 'C10 H15 N2 O8 P'
#
# COMPACT_ATOMS: atom_id res chain seq x y z
N ALA A 16 -49.69 -40.11 -9.93
CA ALA A 16 -49.02 -41.41 -9.90
C ALA A 16 -47.51 -41.24 -9.89
N ASP A 17 -46.90 -41.21 -11.07
CA ASP A 17 -45.46 -41.02 -11.16
C ASP A 17 -45.03 -39.65 -10.67
N GLN A 18 -45.93 -38.67 -10.67
CA GLN A 18 -45.57 -37.33 -10.20
C GLN A 18 -45.10 -37.35 -8.76
N LEU A 19 -45.76 -38.15 -7.92
CA LEU A 19 -45.35 -38.24 -6.52
C LEU A 19 -43.93 -38.79 -6.39
N LEU A 20 -43.57 -39.74 -7.24
CA LEU A 20 -42.29 -40.43 -7.18
C LEU A 20 -41.58 -40.35 -8.53
N ASP A 21 -41.51 -39.13 -9.08
CA ASP A 21 -40.87 -38.90 -10.36
C ASP A 21 -39.47 -39.50 -10.41
N GLY A 22 -39.09 -39.99 -11.59
CA GLY A 22 -37.84 -40.70 -11.78
C GLY A 22 -36.62 -39.99 -11.21
N LEU A 23 -35.79 -40.74 -10.50
CA LEU A 23 -34.69 -40.17 -9.75
C LEU A 23 -33.76 -41.31 -9.36
N ASN A 24 -32.70 -40.99 -8.64
CA ASN A 24 -31.87 -42.03 -8.05
C ASN A 24 -32.60 -42.64 -6.86
N PRO A 25 -32.70 -43.97 -6.77
CA PRO A 25 -33.36 -44.58 -5.61
C PRO A 25 -32.75 -44.20 -4.27
N GLN A 26 -31.58 -43.56 -4.27
CA GLN A 26 -31.01 -43.05 -3.03
C GLN A 26 -31.92 -42.02 -2.39
N GLN A 27 -32.41 -41.05 -3.16
CA GLN A 27 -33.39 -40.13 -2.64
C GLN A 27 -34.76 -40.78 -2.47
N ARG A 28 -35.01 -41.88 -3.18
CA ARG A 28 -36.23 -42.65 -2.95
C ARG A 28 -36.26 -43.21 -1.54
N GLN A 29 -35.15 -43.78 -1.08
CA GLN A 29 -35.08 -44.23 0.30
C GLN A 29 -34.88 -43.07 1.27
N ALA A 30 -34.37 -41.94 0.80
CA ALA A 30 -34.40 -40.73 1.61
C ALA A 30 -35.85 -40.31 1.88
N VAL A 31 -36.68 -40.34 0.84
CA VAL A 31 -38.14 -40.14 0.87
C VAL A 31 -38.52 -38.96 1.76
N VAL A 32 -39.75 -38.96 2.28
CA VAL A 32 -40.22 -37.85 3.09
C VAL A 32 -39.80 -38.02 4.54
N HIS A 33 -40.25 -39.09 5.18
CA HIS A 33 -40.08 -39.31 6.61
C HIS A 33 -40.56 -38.10 7.41
N GLU A 34 -41.81 -37.72 7.15
CA GLU A 34 -42.45 -36.64 7.88
C GLU A 34 -42.68 -37.05 9.33
N GLY A 35 -42.59 -36.07 10.23
CA GLY A 35 -42.88 -36.30 11.62
C GLY A 35 -41.69 -36.14 12.54
N SER A 36 -40.57 -35.69 12.00
CA SER A 36 -39.36 -35.52 12.79
C SER A 36 -38.46 -34.50 12.10
N PRO A 37 -37.59 -33.81 12.84
CA PRO A 37 -36.54 -33.03 12.18
C PRO A 37 -35.67 -33.90 11.30
N LEU A 38 -35.24 -33.34 10.17
CA LEU A 38 -34.57 -34.12 9.12
C LEU A 38 -33.29 -33.42 8.69
N LEU A 39 -32.22 -34.20 8.55
CA LEU A 39 -30.96 -33.74 8.01
C LEU A 39 -30.58 -34.61 6.81
N ILE A 40 -30.13 -33.97 5.75
CA ILE A 40 -29.75 -34.66 4.52
C ILE A 40 -28.37 -34.19 4.10
N VAL A 41 -27.58 -35.10 3.54
CA VAL A 41 -26.20 -34.83 3.19
C VAL A 41 -26.12 -34.48 1.72
N ALA A 42 -24.94 -34.03 1.29
CA ALA A 42 -24.73 -33.57 -0.08
C ALA A 42 -23.39 -34.10 -0.56
N GLY A 43 -22.87 -33.51 -1.63
CA GLY A 43 -21.61 -33.93 -2.18
C GLY A 43 -21.64 -33.96 -3.70
N ALA A 44 -20.70 -33.28 -4.34
CA ALA A 44 -20.72 -33.08 -5.79
C ALA A 44 -22.06 -32.47 -6.16
N GLY A 45 -22.56 -32.77 -7.36
CA GLY A 45 -23.88 -32.34 -7.72
C GLY A 45 -24.95 -32.94 -6.82
N SER A 46 -25.11 -34.26 -6.90
CA SER A 46 -26.08 -34.99 -6.09
C SER A 46 -27.48 -34.41 -6.25
N GLY A 47 -27.78 -33.90 -7.44
CA GLY A 47 -29.02 -33.18 -7.65
C GLY A 47 -29.11 -31.99 -6.72
N LYS A 48 -28.04 -31.20 -6.65
CA LYS A 48 -27.99 -30.03 -5.79
C LYS A 48 -29.21 -29.14 -6.00
N THR A 49 -30.04 -29.03 -4.96
CA THR A 49 -31.28 -28.26 -4.96
C THR A 49 -32.30 -28.88 -5.90
N ALA A 50 -31.92 -29.90 -6.66
CA ALA A 50 -32.90 -30.74 -7.34
C ALA A 50 -33.56 -31.68 -6.35
N VAL A 51 -32.77 -32.20 -5.40
CA VAL A 51 -33.35 -32.91 -4.27
C VAL A 51 -34.26 -31.99 -3.49
N LEU A 52 -33.97 -30.69 -3.48
CA LEU A 52 -34.87 -29.71 -2.85
C LEU A 52 -36.20 -29.65 -3.59
N THR A 53 -36.17 -29.67 -4.93
CA THR A 53 -37.40 -29.71 -5.70
C THR A 53 -38.17 -30.99 -5.42
N ARG A 54 -37.46 -32.12 -5.36
CA ARG A 54 -38.13 -33.37 -5.02
C ARG A 54 -38.68 -33.32 -3.59
N ARG A 55 -38.04 -32.54 -2.72
CA ARG A 55 -38.56 -32.36 -1.37
C ARG A 55 -39.88 -31.58 -1.38
N ILE A 56 -39.93 -30.50 -2.16
CA ILE A 56 -41.18 -29.74 -2.23
C ILE A 56 -42.26 -30.60 -2.87
N ALA A 57 -41.90 -31.45 -3.82
CA ALA A 57 -42.85 -32.40 -4.38
C ALA A 57 -43.32 -33.38 -3.30
N TYR A 58 -42.40 -33.85 -2.46
CA TYR A 58 -42.78 -34.69 -1.32
C TYR A 58 -43.83 -34.01 -0.47
N LEU A 59 -43.55 -32.77 -0.07
CA LEU A 59 -44.47 -32.04 0.81
C LEU A 59 -45.84 -31.86 0.16
N MET A 60 -45.86 -31.55 -1.14
CA MET A 60 -47.15 -31.42 -1.82
C MET A 60 -47.91 -32.74 -1.87
N ALA A 61 -47.26 -33.80 -2.36
CA ALA A 61 -47.99 -34.99 -2.81
C ALA A 61 -47.82 -36.19 -1.90
N ALA A 62 -46.58 -36.54 -1.55
CA ALA A 62 -46.36 -37.75 -0.77
C ALA A 62 -46.98 -37.64 0.62
N ARG A 63 -46.88 -36.47 1.24
CA ARG A 63 -47.47 -36.23 2.54
C ARG A 63 -48.70 -35.34 2.51
N GLY A 64 -48.76 -34.38 1.57
CA GLY A 64 -49.91 -33.50 1.48
C GLY A 64 -50.04 -32.54 2.65
N VAL A 65 -49.07 -31.63 2.80
CA VAL A 65 -49.14 -30.63 3.85
C VAL A 65 -49.96 -29.41 3.46
N GLY A 66 -50.12 -29.13 2.18
CA GLY A 66 -50.79 -27.96 1.69
C GLY A 66 -50.00 -27.32 0.57
N VAL A 67 -50.35 -26.07 0.25
CA VAL A 67 -49.73 -25.33 -0.82
C VAL A 67 -49.15 -24.01 -0.33
N GLY A 68 -49.94 -23.20 0.35
CA GLY A 68 -49.50 -21.92 0.84
C GLY A 68 -48.66 -21.94 2.10
N GLN A 69 -48.55 -23.10 2.76
CA GLN A 69 -47.76 -23.23 3.98
C GLN A 69 -46.37 -23.70 3.57
N ILE A 70 -45.59 -22.77 3.02
CA ILE A 70 -44.21 -23.05 2.64
C ILE A 70 -43.39 -21.77 2.81
N LEU A 71 -42.28 -21.88 3.53
CA LEU A 71 -41.28 -20.81 3.57
C LEU A 71 -39.92 -21.48 3.76
N ALA A 72 -39.23 -21.72 2.64
CA ALA A 72 -37.91 -22.30 2.68
C ALA A 72 -36.85 -21.20 2.60
N ILE A 73 -35.63 -21.56 2.94
CA ILE A 73 -34.53 -20.61 3.07
C ILE A 73 -33.38 -21.07 2.17
N THR A 74 -32.80 -20.13 1.43
CA THR A 74 -31.68 -20.42 0.55
C THR A 74 -30.62 -19.34 0.74
N PHE A 75 -29.59 -19.37 -0.12
CA PHE A 75 -28.46 -18.46 -0.02
C PHE A 75 -28.23 -17.68 -1.31
N THR A 76 -29.16 -17.72 -2.26
CA THR A 76 -28.95 -17.06 -3.53
C THR A 76 -30.28 -16.73 -4.19
N ASN A 77 -30.41 -15.51 -4.70
CA ASN A 77 -31.60 -15.13 -5.46
C ASN A 77 -31.71 -15.93 -6.75
N LYS A 78 -30.58 -16.21 -7.39
CA LYS A 78 -30.61 -17.06 -8.59
C LYS A 78 -31.11 -18.45 -8.23
N ALA A 79 -30.68 -18.98 -7.08
CA ALA A 79 -31.20 -20.27 -6.62
C ALA A 79 -32.70 -20.19 -6.40
N ALA A 80 -33.16 -19.10 -5.79
CA ALA A 80 -34.59 -18.92 -5.58
C ALA A 80 -35.34 -18.92 -6.91
N ALA A 81 -34.81 -18.19 -7.90
CA ALA A 81 -35.47 -18.12 -9.20
C ALA A 81 -35.53 -19.49 -9.87
N GLU A 82 -34.42 -20.22 -9.85
CA GLU A 82 -34.40 -21.51 -10.53
C GLU A 82 -35.31 -22.52 -9.82
N MET A 83 -35.35 -22.50 -8.48
CA MET A 83 -36.25 -23.41 -7.81
C MET A 83 -37.71 -23.00 -8.01
N ARG A 84 -37.99 -21.71 -8.09
CA ARG A 84 -39.36 -21.27 -8.36
C ARG A 84 -39.80 -21.72 -9.74
N GLU A 85 -38.94 -21.57 -10.74
CA GLU A 85 -39.34 -22.00 -12.09
C GLU A 85 -39.47 -23.52 -12.15
N ARG A 86 -38.60 -24.25 -11.44
CA ARG A 86 -38.75 -25.70 -11.41
C ARG A 86 -40.05 -26.11 -10.72
N VAL A 87 -40.43 -25.39 -9.67
CA VAL A 87 -41.70 -25.69 -8.98
C VAL A 87 -42.88 -25.40 -9.88
N VAL A 88 -42.89 -24.24 -10.55
CA VAL A 88 -44.01 -23.93 -11.42
C VAL A 88 -44.01 -24.81 -12.67
N GLY A 89 -42.89 -25.46 -12.99
CA GLY A 89 -42.89 -26.41 -14.07
C GLY A 89 -43.40 -27.79 -13.67
N LEU A 90 -42.73 -28.43 -12.72
CA LEU A 90 -43.11 -29.76 -12.28
C LEU A 90 -44.31 -29.71 -11.33
N VAL A 91 -44.14 -29.03 -10.21
CA VAL A 91 -45.25 -28.82 -9.28
C VAL A 91 -46.39 -28.07 -9.96
N GLY A 92 -46.07 -26.98 -10.64
CA GLY A 92 -47.08 -26.25 -11.38
C GLY A 92 -48.10 -25.57 -10.48
N GLU A 93 -49.36 -25.62 -10.92
CA GLU A 93 -50.50 -24.97 -10.27
C GLU A 93 -50.13 -23.55 -9.81
N LYS A 94 -49.71 -22.75 -10.78
CA LYS A 94 -49.16 -21.40 -10.56
C LYS A 94 -48.25 -21.35 -9.34
N ALA A 95 -48.82 -21.44 -8.14
CA ALA A 95 -48.05 -21.49 -6.89
C ALA A 95 -47.15 -20.28 -6.72
N ARG A 96 -47.57 -19.12 -7.25
CA ARG A 96 -46.78 -17.91 -7.16
C ARG A 96 -47.35 -16.89 -6.19
N TYR A 97 -48.59 -17.06 -5.74
CA TYR A 97 -49.11 -16.19 -4.68
C TYR A 97 -48.29 -16.32 -3.41
N MET A 98 -47.96 -17.56 -3.03
CA MET A 98 -46.96 -17.81 -2.01
C MET A 98 -45.60 -18.06 -2.68
N TRP A 99 -44.54 -17.85 -1.91
CA TRP A 99 -43.21 -17.77 -2.48
C TRP A 99 -42.18 -18.28 -1.49
N VAL A 100 -41.00 -18.62 -2.02
CA VAL A 100 -39.84 -19.00 -1.23
C VAL A 100 -38.69 -18.10 -1.65
N SER A 101 -38.01 -17.53 -0.66
CA SER A 101 -37.04 -16.47 -0.91
C SER A 101 -35.74 -16.76 -0.17
N THR A 102 -34.66 -16.16 -0.64
CA THR A 102 -33.32 -16.42 -0.12
C THR A 102 -33.13 -15.71 1.22
N PHE A 103 -31.92 -15.84 1.78
CA PHE A 103 -31.70 -15.44 3.16
C PHE A 103 -31.87 -13.94 3.34
N HIS A 104 -31.19 -13.13 2.51
CA HIS A 104 -31.38 -11.68 2.57
C HIS A 104 -32.80 -11.30 2.17
N SER A 105 -33.37 -12.01 1.21
CA SER A 105 -34.75 -11.73 0.82
C SER A 105 -35.72 -12.11 1.92
N THR A 106 -35.44 -13.19 2.66
CA THR A 106 -36.24 -13.46 3.85
C THR A 106 -36.04 -12.38 4.89
N CYS A 107 -34.85 -11.77 4.94
CA CYS A 107 -34.61 -10.67 5.85
C CYS A 107 -35.52 -9.50 5.52
N VAL A 108 -35.52 -9.07 4.26
CA VAL A 108 -36.39 -7.97 3.86
C VAL A 108 -37.86 -8.39 3.95
N ARG A 109 -38.15 -9.69 3.86
CA ARG A 109 -39.52 -10.16 4.02
C ARG A 109 -40.00 -9.99 5.45
N ILE A 110 -39.16 -10.39 6.42
CA ILE A 110 -39.50 -10.22 7.82
C ILE A 110 -39.32 -8.78 8.29
N LEU A 111 -38.71 -7.93 7.48
CA LEU A 111 -38.72 -6.50 7.71
C LEU A 111 -39.74 -5.75 6.84
N ARG A 112 -40.54 -6.45 6.05
CA ARG A 112 -41.61 -5.81 5.30
C ARG A 112 -42.99 -6.27 5.76
N ASN A 113 -43.27 -7.58 5.72
CA ASN A 113 -44.51 -8.07 6.31
C ASN A 113 -44.50 -7.94 7.82
N GLN A 114 -43.32 -7.87 8.43
CA GLN A 114 -43.17 -7.64 9.86
C GLN A 114 -42.32 -6.38 10.01
N ALA A 115 -42.65 -5.36 9.23
CA ALA A 115 -41.84 -4.16 9.10
C ALA A 115 -41.66 -3.40 10.42
N ALA A 116 -42.76 -2.90 10.97
CA ALA A 116 -42.69 -2.04 12.16
C ALA A 116 -43.82 -2.35 13.14
N LEU A 117 -44.26 -3.60 13.20
CA LEU A 117 -45.20 -3.99 14.25
C LEU A 117 -44.40 -4.28 15.51
N ILE A 118 -43.58 -3.31 15.92
CA ILE A 118 -42.66 -3.46 17.04
C ILE A 118 -42.13 -2.07 17.39
N GLU A 119 -41.69 -1.88 18.63
CA GLU A 119 -41.11 -0.63 19.03
C GLU A 119 -39.74 -0.44 18.38
N GLY A 120 -39.28 0.81 18.34
CA GLY A 120 -37.98 1.12 17.80
C GLY A 120 -38.00 1.53 16.34
N LEU A 121 -37.69 0.60 15.45
CA LEU A 121 -37.58 0.91 14.03
C LEU A 121 -38.97 1.17 13.44
N ASN A 122 -38.99 1.94 12.36
CA ASN A 122 -40.20 2.33 11.66
C ASN A 122 -40.28 1.66 10.30
N SER A 123 -41.50 1.67 9.73
CA SER A 123 -41.75 0.92 8.51
C SER A 123 -41.09 1.54 7.29
N ASN A 124 -40.90 2.86 7.28
CA ASN A 124 -40.19 3.53 6.19
C ASN A 124 -38.68 3.52 6.45
N PHE A 125 -38.13 2.31 6.48
CA PHE A 125 -36.72 2.10 6.78
C PHE A 125 -35.92 2.07 5.49
N SER A 126 -34.67 1.62 5.57
CA SER A 126 -33.82 1.49 4.39
C SER A 126 -32.77 0.41 4.66
N ILE A 127 -31.97 0.14 3.62
CA ILE A 127 -30.91 -0.87 3.68
C ILE A 127 -29.64 -0.25 3.11
N TYR A 128 -28.50 -0.71 3.60
CA TYR A 128 -27.21 -0.23 3.16
C TYR A 128 -26.52 -1.27 2.28
N ASP A 129 -25.34 -0.91 1.78
CA ASP A 129 -24.55 -1.77 0.91
C ASP A 129 -23.15 -1.92 1.48
N ALA A 130 -22.24 -2.49 0.69
CA ALA A 130 -20.86 -2.64 1.15
C ALA A 130 -20.14 -1.29 1.14
N ASP A 131 -20.13 -0.62 -0.02
CA ASP A 131 -19.38 0.62 -0.16
C ASP A 131 -19.92 1.70 0.77
N ASP A 132 -21.25 1.83 0.88
CA ASP A 132 -21.79 2.86 1.74
C ASP A 132 -21.54 2.54 3.21
N SER A 133 -21.53 1.25 3.58
CA SER A 133 -21.14 0.88 4.93
C SER A 133 -19.70 1.29 5.21
N ARG A 134 -18.79 1.02 4.26
CA ARG A 134 -17.41 1.44 4.44
C ARG A 134 -17.31 2.95 4.60
N ARG A 135 -18.04 3.70 3.76
CA ARG A 135 -17.99 5.16 3.83
C ARG A 135 -18.52 5.67 5.17
N LEU A 136 -19.65 5.11 5.63
CA LEU A 136 -20.23 5.55 6.89
C LEU A 136 -19.31 5.23 8.06
N LEU A 137 -18.75 4.02 8.08
CA LEU A 137 -17.83 3.66 9.15
C LEU A 137 -16.58 4.53 9.13
N GLN A 138 -16.04 4.82 7.94
CA GLN A 138 -14.87 5.69 7.86
C GLN A 138 -15.20 7.09 8.35
N MET A 139 -16.36 7.62 7.97
CA MET A 139 -16.75 8.96 8.41
C MET A 139 -16.92 9.02 9.92
N VAL A 140 -17.59 8.02 10.51
CA VAL A 140 -17.80 8.05 11.94
C VAL A 140 -16.49 7.83 12.69
N GLY A 141 -15.57 7.05 12.11
CA GLY A 141 -14.27 6.89 12.72
C GLY A 141 -13.40 8.12 12.62
N ARG A 142 -13.65 8.96 11.59
CA ARG A 142 -12.93 10.22 11.49
C ARG A 142 -13.17 11.10 12.71
N ASP A 143 -14.32 10.96 13.37
CA ASP A 143 -14.57 11.69 14.60
C ASP A 143 -13.58 11.31 15.69
N LEU A 144 -13.10 10.06 15.67
CA LEU A 144 -12.04 9.61 16.56
C LEU A 144 -10.88 9.09 15.71
N GLY A 145 -10.45 9.90 14.75
CA GLY A 145 -9.53 9.53 13.70
C GLY A 145 -8.39 8.61 14.09
N LEU A 146 -8.28 7.48 13.38
CA LEU A 146 -7.21 6.51 13.61
C LEU A 146 -6.48 6.22 12.32
N ASP A 147 -6.14 7.29 11.58
CA ASP A 147 -5.39 7.25 10.34
C ASP A 147 -6.20 6.62 9.20
N ILE A 148 -5.99 7.12 7.98
CA ILE A 148 -6.70 6.60 6.82
C ILE A 148 -6.17 5.23 6.40
N LYS A 149 -4.98 4.86 6.86
CA LYS A 149 -4.36 3.59 6.48
C LYS A 149 -4.15 2.62 7.63
N ARG A 150 -4.12 3.09 8.88
CA ARG A 150 -3.94 2.18 10.01
C ARG A 150 -5.09 1.20 10.12
N TYR A 151 -6.32 1.71 10.09
CA TYR A 151 -7.53 0.89 10.19
C TYR A 151 -8.38 1.19 8.96
N SER A 152 -8.10 0.46 7.88
CA SER A 152 -8.74 0.73 6.60
C SER A 152 -10.23 0.42 6.67
N PRO A 153 -11.05 1.12 5.87
CA PRO A 153 -12.50 0.86 5.90
C PRO A 153 -12.88 -0.58 5.57
N ARG A 154 -12.12 -1.24 4.70
CA ARG A 154 -12.34 -2.66 4.47
C ARG A 154 -12.05 -3.47 5.73
N LEU A 155 -10.94 -3.14 6.41
CA LEU A 155 -10.63 -3.80 7.67
C LEU A 155 -11.69 -3.53 8.72
N LEU A 156 -12.15 -2.28 8.81
CA LEU A 156 -13.21 -1.94 9.74
C LEU A 156 -14.48 -2.72 9.42
N ALA A 157 -14.81 -2.86 8.13
CA ALA A 157 -16.01 -3.57 7.74
C ALA A 157 -15.92 -5.05 8.09
N ASN A 158 -14.81 -5.70 7.74
CA ASN A 158 -14.71 -7.12 8.05
C ASN A 158 -14.67 -7.37 9.56
N ALA A 159 -14.00 -6.48 10.31
CA ALA A 159 -13.97 -6.61 11.76
C ALA A 159 -15.36 -6.41 12.36
N ILE A 160 -16.10 -5.41 11.88
CA ILE A 160 -17.42 -5.16 12.44
C ILE A 160 -18.36 -6.30 12.08
N SER A 161 -18.14 -6.94 10.93
CA SER A 161 -18.97 -8.10 10.58
C SER A 161 -18.63 -9.29 11.46
N ASN A 162 -17.34 -9.58 11.64
CA ASN A 162 -16.96 -10.75 12.43
C ASN A 162 -17.11 -10.52 13.92
N LEU A 163 -17.41 -9.29 14.36
CA LEU A 163 -17.92 -9.11 15.71
C LEU A 163 -19.44 -9.02 15.74
N LYS A 164 -20.07 -8.77 14.60
CA LYS A 164 -21.53 -8.81 14.51
C LYS A 164 -22.03 -10.23 14.36
N ASN A 165 -21.21 -11.13 13.80
CA ASN A 165 -21.67 -12.49 13.54
C ASN A 165 -21.98 -13.23 14.84
N GLU A 166 -21.21 -13.00 15.90
CA GLU A 166 -21.65 -13.50 17.19
C GLU A 166 -22.79 -12.62 17.70
N LEU A 167 -23.63 -13.21 18.55
CA LEU A 167 -24.88 -12.57 18.94
C LEU A 167 -24.63 -11.64 20.13
N ILE A 168 -24.02 -10.50 19.83
CA ILE A 168 -23.95 -9.39 20.78
C ILE A 168 -24.97 -8.34 20.35
N ASP A 169 -26.13 -8.36 21.00
CA ASP A 169 -27.24 -7.52 20.60
C ASP A 169 -26.91 -6.04 20.81
N PRO A 170 -27.62 -5.14 20.12
CA PRO A 170 -27.24 -3.71 20.18
C PRO A 170 -27.55 -3.05 21.51
N HIS A 171 -27.24 -3.74 22.61
CA HIS A 171 -26.95 -3.12 23.90
C HIS A 171 -25.67 -3.81 24.36
N GLN A 172 -24.54 -3.31 23.87
CA GLN A 172 -23.26 -3.98 24.07
C GLN A 172 -22.26 -3.11 24.81
N ALA A 173 -22.73 -2.14 25.60
CA ALA A 173 -21.83 -1.41 26.47
C ALA A 173 -21.07 -2.34 27.41
N LEU A 174 -21.64 -3.51 27.70
CA LEU A 174 -20.95 -4.55 28.43
C LEU A 174 -20.15 -5.48 27.52
N ALA A 175 -20.71 -5.84 26.36
CA ALA A 175 -20.07 -6.82 25.49
C ALA A 175 -18.78 -6.28 24.89
N GLY A 176 -18.84 -5.10 24.29
CA GLY A 176 -17.65 -4.51 23.69
C GLY A 176 -16.60 -4.15 24.72
N LEU A 177 -17.02 -3.68 25.89
CA LEU A 177 -16.09 -3.30 26.94
C LEU A 177 -15.63 -4.48 27.78
N THR A 178 -16.17 -5.68 27.53
CA THR A 178 -15.72 -6.87 28.24
C THR A 178 -14.25 -7.18 27.95
N GLU A 179 -13.71 -6.68 26.85
CA GLU A 179 -12.32 -6.95 26.49
C GLU A 179 -11.36 -6.43 27.54
N ASP A 180 -10.26 -7.15 27.72
CA ASP A 180 -9.20 -6.79 28.65
C ASP A 180 -7.88 -6.71 27.89
N SER A 181 -7.13 -5.63 28.11
CA SER A 181 -5.87 -5.37 27.42
C SER A 181 -6.04 -5.50 25.90
N ASP A 182 -5.40 -6.51 25.32
CA ASP A 182 -5.53 -6.83 23.89
C ASP A 182 -5.01 -5.73 22.99
N ASP A 183 -4.94 -6.01 21.69
CA ASP A 183 -4.50 -5.03 20.71
C ASP A 183 -5.44 -5.10 19.50
N LEU A 184 -5.14 -4.31 18.48
CA LEU A 184 -5.86 -4.30 17.19
C LEU A 184 -7.32 -3.87 17.36
N ALA A 185 -7.47 -2.62 17.77
CA ALA A 185 -8.68 -1.84 17.53
C ALA A 185 -9.96 -2.48 18.07
N ARG A 186 -10.10 -2.59 19.39
CA ARG A 186 -11.46 -2.80 19.88
C ARG A 186 -12.22 -1.49 19.95
N ALA A 187 -11.53 -0.36 19.74
CA ALA A 187 -12.17 0.95 19.72
C ALA A 187 -13.37 0.99 18.79
N VAL A 188 -13.41 0.13 17.76
CA VAL A 188 -14.61 0.00 16.95
C VAL A 188 -15.79 -0.46 17.77
N ALA A 189 -15.56 -1.23 18.85
CA ALA A 189 -16.65 -1.57 19.74
C ALA A 189 -17.18 -0.33 20.46
N SER A 190 -16.29 0.58 20.83
CA SER A 190 -16.73 1.86 21.37
C SER A 190 -17.49 2.67 20.33
N VAL A 191 -17.02 2.65 19.09
CA VAL A 191 -17.71 3.34 18.00
C VAL A 191 -19.03 2.65 17.67
N TYR A 192 -19.23 1.41 18.11
CA TYR A 192 -20.41 0.64 17.72
C TYR A 192 -21.70 1.30 18.17
N ASP A 193 -21.75 1.83 19.40
CA ASP A 193 -22.98 2.45 19.88
C ASP A 193 -23.33 3.69 19.07
N GLU A 194 -22.32 4.52 18.79
CA GLU A 194 -22.56 5.69 17.95
C GLU A 194 -22.92 5.29 16.52
N TYR A 195 -22.35 4.19 16.03
CA TYR A 195 -22.71 3.66 14.72
C TYR A 195 -24.19 3.28 14.67
N GLN A 196 -24.66 2.59 15.71
CA GLN A 196 -26.07 2.26 15.80
C GLN A 196 -26.93 3.51 15.90
N ARG A 197 -26.46 4.52 16.64
CA ARG A 197 -27.19 5.78 16.74
C ARG A 197 -27.32 6.44 15.37
N ARG A 198 -26.22 6.51 14.62
CA ARG A 198 -26.24 7.14 13.31
C ARG A 198 -27.14 6.40 12.35
N LEU A 199 -27.07 5.07 12.33
CA LEU A 199 -27.95 4.33 11.44
C LEU A 199 -29.41 4.47 11.85
N ARG A 200 -29.68 4.56 13.17
CA ARG A 200 -31.03 4.82 13.62
C ARG A 200 -31.50 6.22 13.22
N ALA A 201 -30.56 7.16 13.09
CA ALA A 201 -30.93 8.49 12.61
C ALA A 201 -31.51 8.42 11.20
N ALA A 202 -31.07 7.47 10.39
CA ALA A 202 -31.65 7.21 9.09
C ALA A 202 -32.62 6.03 9.11
N ASN A 203 -32.82 5.40 10.27
CA ASN A 203 -33.73 4.27 10.42
C ASN A 203 -33.41 3.16 9.42
N ALA A 204 -32.13 2.87 9.24
CA ALA A 204 -31.69 1.85 8.31
C ALA A 204 -30.67 0.93 8.99
N LEU A 205 -30.48 -0.25 8.42
CA LEU A 205 -29.63 -1.28 8.99
C LEU A 205 -28.53 -1.67 8.02
N ASP A 206 -27.76 -2.68 8.41
CA ASP A 206 -26.65 -3.22 7.65
C ASP A 206 -27.01 -4.64 7.19
N PHE A 207 -26.08 -5.28 6.46
CA PHE A 207 -26.30 -6.66 6.04
C PHE A 207 -26.54 -7.57 7.23
N ASP A 208 -25.53 -7.70 8.09
CA ASP A 208 -25.57 -8.71 9.13
C ASP A 208 -26.54 -8.35 10.25
N ASP A 209 -26.55 -7.09 10.70
CA ASP A 209 -27.47 -6.71 11.76
C ASP A 209 -28.93 -6.82 11.32
N LEU A 210 -29.18 -6.94 10.01
CA LEU A 210 -30.54 -7.09 9.53
C LEU A 210 -31.18 -8.38 10.04
N ILE A 211 -30.36 -9.35 10.45
CA ILE A 211 -30.88 -10.50 11.18
C ILE A 211 -30.66 -10.35 12.68
N GLY A 212 -29.69 -9.54 13.11
CA GLY A 212 -29.46 -9.36 14.53
C GLY A 212 -30.64 -8.70 15.22
N GLU A 213 -31.20 -7.66 14.60
CA GLU A 213 -32.39 -7.03 15.16
C GLU A 213 -33.54 -8.02 15.25
N THR A 214 -33.73 -8.82 14.21
CA THR A 214 -34.83 -9.79 14.20
C THR A 214 -34.67 -10.82 15.30
N VAL A 215 -33.47 -11.39 15.43
CA VAL A 215 -33.27 -12.41 16.45
C VAL A 215 -33.35 -11.80 17.85
N ALA A 216 -32.89 -10.56 18.02
CA ALA A 216 -33.04 -9.90 19.31
C ALA A 216 -34.51 -9.70 19.65
N VAL A 217 -35.32 -9.29 18.67
CA VAL A 217 -36.75 -9.14 18.89
C VAL A 217 -37.38 -10.47 19.25
N LEU A 218 -37.04 -11.52 18.50
CA LEU A 218 -37.59 -12.85 18.75
C LEU A 218 -37.13 -13.41 20.09
N GLN A 219 -36.03 -12.91 20.64
CA GLN A 219 -35.54 -13.33 21.95
C GLN A 219 -35.98 -12.41 23.07
N ALA A 220 -36.16 -11.12 22.80
CA ALA A 220 -36.57 -10.17 23.82
C ALA A 220 -38.06 -9.87 23.80
N PHE A 221 -38.70 -10.01 22.65
CA PHE A 221 -40.15 -9.80 22.55
C PHE A 221 -40.82 -11.15 22.39
N PRO A 222 -41.44 -11.71 23.42
CA PRO A 222 -41.99 -13.07 23.32
C PRO A 222 -43.38 -13.10 22.71
N GLN A 223 -44.11 -11.99 22.80
CA GLN A 223 -45.49 -11.98 22.32
C GLN A 223 -45.56 -12.24 20.82
N ILE A 224 -44.67 -11.63 20.04
CA ILE A 224 -44.66 -11.85 18.60
C ILE A 224 -44.29 -13.28 18.26
N ALA A 225 -43.44 -13.91 19.08
CA ALA A 225 -43.12 -15.31 18.92
C ALA A 225 -44.35 -16.16 19.19
N GLN A 226 -44.39 -17.32 18.53
CA GLN A 226 -45.55 -18.23 18.50
C GLN A 226 -46.83 -17.50 18.14
N TYR A 227 -46.71 -16.30 17.58
CA TYR A 227 -47.83 -15.50 17.10
C TYR A 227 -47.74 -15.23 15.61
N TYR A 228 -46.58 -14.81 15.11
CA TYR A 228 -46.44 -14.69 13.66
C TYR A 228 -46.34 -16.05 12.98
N ARG A 229 -46.20 -17.13 13.74
CA ARG A 229 -46.22 -18.47 13.17
C ARG A 229 -47.60 -18.86 12.68
N ARG A 230 -48.65 -18.18 13.13
CA ARG A 230 -49.99 -18.48 12.64
C ARG A 230 -50.14 -18.18 11.15
N ARG A 231 -49.20 -17.44 10.57
CA ARG A 231 -49.18 -17.25 9.13
C ARG A 231 -48.50 -18.43 8.43
N PHE A 232 -47.30 -18.80 8.88
CA PHE A 232 -46.56 -19.90 8.29
C PHE A 232 -46.04 -20.82 9.38
N ARG A 233 -46.17 -22.12 9.16
CA ARG A 233 -45.70 -23.13 10.09
C ARG A 233 -44.65 -24.04 9.48
N HIS A 234 -44.26 -23.81 8.23
CA HIS A 234 -43.38 -24.70 7.48
C HIS A 234 -42.08 -24.00 7.17
N VAL A 235 -40.99 -24.77 7.12
CA VAL A 235 -39.66 -24.25 6.85
C VAL A 235 -38.81 -25.36 6.25
N LEU A 236 -37.89 -24.99 5.37
CA LEU A 236 -37.01 -25.93 4.70
C LEU A 236 -35.70 -25.23 4.39
N VAL A 237 -34.59 -25.92 4.64
CA VAL A 237 -33.27 -25.31 4.60
C VAL A 237 -32.39 -26.04 3.59
N ASP A 238 -31.60 -25.28 2.85
CA ASP A 238 -30.54 -25.82 2.01
C ASP A 238 -29.25 -25.06 2.27
N GLU A 239 -28.13 -25.71 1.92
CA GLU A 239 -26.78 -25.25 2.20
C GLU A 239 -26.62 -24.71 3.62
N TYR A 240 -27.34 -25.33 4.57
CA TYR A 240 -27.15 -25.01 5.98
C TYR A 240 -25.72 -25.30 6.43
N GLN A 241 -25.01 -26.18 5.71
CA GLN A 241 -23.59 -26.38 5.98
C GLN A 241 -22.81 -25.08 5.87
N ASP A 242 -23.19 -24.23 4.91
CA ASP A 242 -22.59 -22.90 4.79
C ASP A 242 -23.43 -21.96 5.64
N THR A 243 -22.93 -21.63 6.82
CA THR A 243 -23.72 -20.93 7.82
C THR A 243 -22.80 -20.28 8.85
N ASN A 244 -23.03 -19.01 9.14
CA ASN A 244 -22.32 -18.33 10.20
C ASN A 244 -23.08 -18.43 11.51
N HIS A 245 -22.42 -18.07 12.60
CA HIS A 245 -23.03 -18.20 13.92
C HIS A 245 -24.29 -17.35 14.04
N ALA A 246 -24.32 -16.20 13.37
CA ALA A 246 -25.51 -15.35 13.42
C ALA A 246 -26.71 -16.05 12.82
N GLN A 247 -26.58 -16.56 11.59
CA GLN A 247 -27.71 -17.25 11.00
C GLN A 247 -27.90 -18.64 11.58
N TYR A 248 -26.87 -19.20 12.25
CA TYR A 248 -27.09 -20.42 13.02
C TYR A 248 -28.04 -20.15 14.17
N VAL A 249 -27.82 -19.06 14.91
CA VAL A 249 -28.76 -18.71 15.96
C VAL A 249 -30.12 -18.36 15.38
N LEU A 250 -30.12 -17.74 14.19
CA LEU A 250 -31.37 -17.48 13.49
C LEU A 250 -32.16 -18.77 13.26
N VAL A 251 -31.53 -19.77 12.65
CA VAL A 251 -32.23 -21.03 12.38
C VAL A 251 -32.59 -21.72 13.68
N ARG A 252 -31.77 -21.54 14.71
CA ARG A 252 -32.13 -22.05 16.03
C ARG A 252 -33.38 -21.38 16.58
N GLU A 253 -33.67 -20.16 16.13
CA GLU A 253 -34.77 -19.41 16.73
C GLU A 253 -35.79 -18.90 15.72
N LEU A 254 -35.36 -18.50 14.52
CA LEU A 254 -36.28 -17.83 13.60
C LEU A 254 -36.91 -18.80 12.60
N VAL A 255 -36.10 -19.43 11.76
CA VAL A 255 -36.66 -20.24 10.68
C VAL A 255 -36.87 -21.69 11.12
N GLY A 256 -35.84 -22.31 11.70
CA GLY A 256 -36.08 -23.55 12.42
C GLY A 256 -37.02 -23.33 13.58
N ARG A 257 -37.02 -22.12 14.13
CA ARG A 257 -38.06 -21.60 15.00
C ARG A 257 -38.07 -22.24 16.38
N ASP A 258 -38.59 -23.46 16.49
CA ASP A 258 -38.82 -24.06 17.79
C ASP A 258 -37.51 -24.48 18.42
N SER A 259 -37.09 -23.77 19.47
CA SER A 259 -35.99 -24.19 20.33
C SER A 259 -36.53 -24.29 21.75
N ASN A 260 -36.40 -25.46 22.35
CA ASN A 260 -37.03 -25.75 23.64
C ASN A 260 -38.54 -25.57 23.54
N ASP A 261 -39.22 -25.44 24.68
CA ASP A 261 -40.67 -25.28 24.72
C ASP A 261 -41.34 -26.47 24.03
N GLY A 262 -41.44 -26.42 22.71
CA GLY A 262 -41.90 -27.55 21.94
C GLY A 262 -43.21 -27.34 21.20
N ILE A 263 -43.11 -27.16 19.88
CA ILE A 263 -44.25 -27.05 18.99
C ILE A 263 -43.86 -27.67 17.66
N PRO A 264 -44.56 -28.69 17.19
CA PRO A 264 -44.19 -29.34 15.92
C PRO A 264 -44.49 -28.44 14.74
N PRO A 265 -43.46 -27.94 14.05
CA PRO A 265 -43.70 -27.08 12.89
C PRO A 265 -43.94 -27.90 11.63
N GLY A 266 -44.02 -27.25 10.48
CA GLY A 266 -44.21 -28.01 9.26
C GLY A 266 -42.89 -28.45 8.66
N GLU A 267 -42.48 -29.68 8.98
CA GLU A 267 -41.36 -30.37 8.35
C GLU A 267 -40.12 -29.48 8.23
N LEU A 268 -39.56 -29.09 9.37
CA LEU A 268 -38.28 -28.42 9.34
C LEU A 268 -37.22 -29.39 8.82
N CYS A 269 -36.39 -28.90 7.90
CA CYS A 269 -35.53 -29.83 7.17
C CYS A 269 -34.35 -29.07 6.58
N VAL A 270 -33.20 -29.75 6.52
CA VAL A 270 -31.95 -29.15 6.07
C VAL A 270 -31.28 -30.10 5.08
N VAL A 271 -30.34 -29.55 4.32
CA VAL A 271 -29.55 -30.35 3.36
C VAL A 271 -28.23 -29.65 3.14
N GLY A 272 -27.22 -30.43 2.77
CA GLY A 272 -25.89 -29.89 2.54
C GLY A 272 -24.81 -30.74 3.18
N ASP A 273 -23.55 -30.45 2.90
CA ASP A 273 -22.42 -31.09 3.55
C ASP A 273 -21.26 -30.12 3.67
N ALA A 274 -20.37 -30.42 4.61
CA ALA A 274 -19.24 -29.54 4.90
C ALA A 274 -18.27 -29.43 3.73
N ASP A 275 -18.35 -30.31 2.74
CA ASP A 275 -17.37 -30.27 1.66
C ASP A 275 -17.54 -29.05 0.75
N GLN A 276 -18.76 -28.52 0.63
CA GLN A 276 -18.92 -27.25 -0.09
C GLN A 276 -18.84 -26.07 0.89
N SER A 277 -17.72 -26.02 1.62
CA SER A 277 -17.52 -25.04 2.68
C SER A 277 -17.01 -23.69 2.17
N ILE A 278 -17.27 -23.38 0.90
CA ILE A 278 -16.94 -22.05 0.39
C ILE A 278 -17.66 -20.99 1.23
N TYR A 279 -17.09 -19.78 1.22
CA TYR A 279 -17.60 -18.64 1.98
C TYR A 279 -17.58 -18.94 3.48
N ALA A 280 -16.35 -19.09 3.99
CA ALA A 280 -16.13 -19.32 5.41
C ALA A 280 -15.08 -18.40 6.03
N PHE A 281 -14.24 -17.74 5.24
CA PHE A 281 -13.12 -16.98 5.79
C PHE A 281 -13.60 -15.86 6.71
N ARG A 282 -14.53 -15.04 6.24
CA ARG A 282 -15.04 -13.88 6.97
C ARG A 282 -16.34 -14.18 7.67
N GLY A 283 -16.47 -15.40 8.18
CA GLY A 283 -17.55 -15.78 9.06
C GLY A 283 -18.49 -16.81 8.48
N ALA A 284 -18.20 -18.07 8.81
CA ALA A 284 -19.11 -19.19 8.65
C ALA A 284 -18.57 -20.34 9.49
N THR A 285 -19.29 -20.74 10.52
CA THR A 285 -18.80 -21.78 11.43
C THR A 285 -19.20 -23.13 10.85
N ILE A 286 -18.30 -23.67 10.02
CA ILE A 286 -18.59 -24.87 9.24
C ILE A 286 -19.06 -26.05 10.09
N ARG A 287 -18.83 -25.99 11.41
CA ARG A 287 -19.16 -27.10 12.28
C ARG A 287 -20.65 -27.33 12.44
N ASN A 288 -21.51 -26.40 11.97
CA ASN A 288 -22.94 -26.49 12.26
C ASN A 288 -23.50 -27.85 11.85
N ILE A 289 -23.12 -28.33 10.66
CA ILE A 289 -23.52 -29.68 10.26
C ILE A 289 -22.86 -30.73 11.14
N GLU A 290 -21.59 -30.51 11.49
CA GLU A 290 -20.85 -31.50 12.29
C GLU A 290 -21.47 -31.68 13.67
N ASP A 291 -21.86 -30.58 14.32
CA ASP A 291 -22.38 -30.63 15.68
C ASP A 291 -23.89 -30.42 15.73
N PHE A 292 -24.59 -30.74 14.64
CA PHE A 292 -26.03 -30.55 14.64
C PHE A 292 -26.71 -31.46 15.66
N GLU A 293 -26.02 -32.49 16.15
CA GLU A 293 -26.53 -33.28 17.25
C GLU A 293 -26.73 -32.42 18.50
N ARG A 294 -26.00 -31.31 18.61
CA ARG A 294 -26.30 -30.33 19.65
C ARG A 294 -27.71 -29.77 19.47
N ASP A 295 -28.11 -29.55 18.21
CA ASP A 295 -29.48 -29.25 17.88
C ASP A 295 -30.27 -30.56 17.89
N TYR A 296 -31.49 -30.53 17.38
CA TYR A 296 -32.41 -31.68 17.44
C TYR A 296 -31.76 -32.95 16.93
N PRO A 297 -31.49 -33.92 17.82
CA PRO A 297 -30.77 -35.13 17.40
C PRO A 297 -31.60 -36.10 16.56
N ASP A 298 -32.94 -36.02 16.64
CA ASP A 298 -33.79 -37.01 16.01
C ASP A 298 -33.84 -36.86 14.49
N THR A 299 -32.70 -37.12 13.84
CA THR A 299 -32.61 -37.15 12.40
C THR A 299 -31.57 -38.18 12.00
N ARG A 300 -31.66 -38.64 10.75
CA ARG A 300 -30.75 -39.67 10.25
C ARG A 300 -29.78 -39.07 9.26
N THR A 301 -28.51 -39.46 9.38
CA THR A 301 -27.53 -39.11 8.36
C THR A 301 -27.83 -39.86 7.08
N ILE A 302 -27.82 -39.14 5.96
CA ILE A 302 -28.13 -39.71 4.68
C ILE A 302 -26.82 -40.08 3.98
N LEU A 303 -26.92 -40.85 2.91
CA LEU A 303 -25.74 -41.26 2.14
C LEU A 303 -25.96 -40.86 0.68
N LEU A 304 -25.60 -39.62 0.37
CA LEU A 304 -25.62 -39.16 -1.01
C LEU A 304 -24.37 -39.66 -1.71
N GLU A 305 -24.56 -40.49 -2.72
CA GLU A 305 -23.44 -41.19 -3.34
C GLU A 305 -23.38 -41.04 -4.84
N GLN A 306 -24.53 -40.97 -5.53
CA GLN A 306 -24.56 -40.92 -6.98
C GLN A 306 -24.54 -39.47 -7.45
N ASN A 307 -24.77 -39.28 -8.75
CA ASN A 307 -24.70 -37.96 -9.36
C ASN A 307 -25.48 -37.98 -10.66
N TYR A 308 -25.82 -36.78 -11.16
CA TYR A 308 -26.47 -36.64 -12.45
C TYR A 308 -25.49 -36.35 -13.58
N ARG A 309 -24.48 -35.52 -13.34
CA ARG A 309 -23.68 -34.96 -14.43
C ARG A 309 -22.19 -35.12 -14.18
N SER A 310 -21.80 -36.12 -13.40
CA SER A 310 -20.38 -36.35 -13.13
C SER A 310 -19.83 -37.38 -14.13
N THR A 311 -18.59 -37.79 -13.90
CA THR A 311 -17.92 -38.81 -14.69
C THR A 311 -16.95 -39.53 -13.77
N GLN A 312 -16.66 -40.80 -14.09
CA GLN A 312 -15.86 -41.62 -13.20
C GLN A 312 -14.52 -40.98 -12.87
N ASN A 313 -13.83 -40.45 -13.88
CA ASN A 313 -12.54 -39.81 -13.66
C ASN A 313 -12.70 -38.58 -12.76
N ILE A 314 -13.65 -37.72 -13.09
CA ILE A 314 -13.79 -36.47 -12.35
C ILE A 314 -14.36 -36.73 -10.96
N LEU A 315 -15.27 -37.70 -10.82
CA LEU A 315 -15.76 -38.03 -9.49
C LEU A 315 -14.64 -38.61 -8.64
N SER A 316 -13.77 -39.43 -9.24
CA SER A 316 -12.61 -39.94 -8.51
C SER A 316 -11.69 -38.80 -8.08
N ALA A 317 -11.48 -37.83 -8.97
CA ALA A 317 -10.67 -36.67 -8.63
C ALA A 317 -11.28 -35.89 -7.48
N ALA A 318 -12.61 -35.70 -7.50
CA ALA A 318 -13.28 -35.00 -6.42
C ALA A 318 -13.15 -35.75 -5.11
N ASN A 319 -13.36 -37.06 -5.13
CA ASN A 319 -13.22 -37.85 -3.91
C ASN A 319 -11.79 -37.81 -3.38
N SER A 320 -10.81 -37.77 -4.29
CA SER A 320 -9.42 -37.65 -3.87
C SER A 320 -9.15 -36.31 -3.21
N VAL A 321 -9.58 -35.21 -3.85
CA VAL A 321 -9.37 -33.88 -3.29
C VAL A 321 -10.26 -33.58 -2.11
N ILE A 322 -11.18 -34.48 -1.77
CA ILE A 322 -11.91 -34.40 -0.51
C ILE A 322 -11.32 -35.33 0.55
N ALA A 323 -10.65 -36.41 0.16
CA ALA A 323 -10.25 -37.43 1.12
C ALA A 323 -9.11 -36.96 2.01
N ARG A 324 -7.93 -36.71 1.41
CA ARG A 324 -6.69 -36.62 2.18
C ARG A 324 -6.14 -35.19 2.17
N ASN A 325 -6.64 -34.36 3.09
CA ASN A 325 -5.92 -33.18 3.54
C ASN A 325 -5.74 -33.24 5.04
N ALA A 326 -6.84 -33.50 5.73
CA ALA A 326 -6.93 -33.55 7.18
C ALA A 326 -8.26 -34.19 7.54
N GLY A 327 -8.62 -34.16 8.82
CA GLY A 327 -9.80 -34.85 9.26
C GLY A 327 -11.12 -34.21 8.87
N ARG A 328 -11.85 -34.84 7.94
CA ARG A 328 -13.27 -34.55 7.74
C ARG A 328 -13.99 -35.87 7.51
N ARG A 329 -15.32 -35.83 7.63
CA ARG A 329 -16.16 -36.99 7.34
C ARG A 329 -16.60 -36.96 5.89
N GLU A 330 -16.31 -38.04 5.16
CA GLU A 330 -16.77 -38.20 3.78
C GLU A 330 -16.85 -39.69 3.49
N LYS A 331 -17.63 -40.04 2.48
CA LYS A 331 -17.87 -41.43 2.11
C LYS A 331 -17.46 -41.68 0.67
N ARG A 332 -17.54 -42.94 0.26
CA ARG A 332 -17.25 -43.32 -1.12
C ARG A 332 -18.39 -42.84 -2.02
N LEU A 333 -18.06 -42.02 -3.01
CA LEU A 333 -19.06 -41.39 -3.86
C LEU A 333 -18.76 -41.73 -5.31
N TRP A 334 -19.73 -42.32 -5.99
CA TRP A 334 -19.58 -42.70 -7.39
C TRP A 334 -20.95 -42.89 -8.01
N THR A 335 -20.97 -43.01 -9.35
CA THR A 335 -22.22 -43.06 -10.09
C THR A 335 -22.08 -44.04 -11.25
N ASP A 336 -23.23 -44.60 -11.66
CA ASP A 336 -23.31 -45.54 -12.76
C ASP A 336 -23.14 -44.88 -14.12
N ALA A 337 -22.89 -43.57 -14.18
CA ALA A 337 -22.79 -42.87 -15.45
C ALA A 337 -21.58 -43.38 -16.26
N GLY A 338 -21.50 -42.90 -17.51
CA GLY A 338 -20.42 -43.31 -18.36
C GLY A 338 -19.08 -42.76 -17.92
N ALA A 339 -18.03 -43.52 -18.21
CA ALA A 339 -16.66 -43.21 -17.83
C ALA A 339 -15.87 -42.78 -19.07
N GLY A 340 -14.59 -42.53 -18.87
CA GLY A 340 -13.68 -42.19 -19.96
C GLY A 340 -13.39 -40.70 -20.01
N GLU A 341 -12.66 -40.33 -21.07
CA GLU A 341 -12.22 -38.96 -21.32
C GLU A 341 -11.45 -38.41 -20.11
N LEU A 342 -10.28 -39.03 -19.90
CA LEU A 342 -9.45 -38.71 -18.74
C LEU A 342 -9.18 -37.22 -18.67
N ILE A 343 -8.96 -36.73 -17.44
CA ILE A 343 -8.69 -35.33 -17.23
C ILE A 343 -7.44 -34.93 -18.01
N VAL A 344 -7.41 -33.68 -18.47
CA VAL A 344 -6.31 -33.24 -19.32
C VAL A 344 -5.14 -32.79 -18.45
N GLY A 345 -4.31 -33.74 -18.07
CA GLY A 345 -3.05 -33.42 -17.44
C GLY A 345 -1.99 -33.23 -18.50
N TYR A 346 -1.74 -31.98 -18.86
CA TYR A 346 -0.88 -31.64 -19.99
C TYR A 346 0.08 -30.54 -19.57
N VAL A 347 0.43 -30.52 -18.29
CA VAL A 347 1.22 -29.45 -17.69
C VAL A 347 2.64 -29.54 -18.23
N ALA A 348 3.15 -28.42 -18.76
CA ALA A 348 4.47 -28.43 -19.36
C ALA A 348 5.05 -27.02 -19.46
N ASP A 349 6.11 -26.87 -20.24
CA ASP A 349 6.73 -25.57 -20.48
C ASP A 349 5.93 -24.78 -21.51
N ASN A 350 6.54 -23.70 -22.04
CA ASN A 350 5.93 -22.82 -23.04
C ASN A 350 4.84 -21.93 -22.43
N GLU A 351 5.13 -21.34 -21.26
CA GLU A 351 4.44 -20.13 -20.79
C GLU A 351 3.02 -20.39 -20.29
N HIS A 352 2.65 -19.74 -19.17
CA HIS A 352 1.34 -19.91 -18.57
C HIS A 352 0.27 -19.03 -19.20
N ASP A 353 0.35 -17.72 -18.97
CA ASP A 353 -0.68 -16.82 -19.48
C ASP A 353 -0.08 -15.48 -19.89
N GLU A 354 1.25 -15.37 -19.81
CA GLU A 354 1.92 -14.15 -20.23
C GLU A 354 1.68 -13.87 -21.71
N ALA A 355 1.78 -14.91 -22.53
CA ALA A 355 1.49 -14.85 -23.96
C ALA A 355 0.13 -15.46 -24.26
N ARG A 356 -0.86 -15.20 -23.40
CA ARG A 356 -2.22 -15.73 -23.47
C ARG A 356 -2.21 -17.22 -23.80
N PHE A 357 -2.66 -17.58 -25.01
CA PHE A 357 -2.54 -18.92 -25.56
C PHE A 357 -3.48 -19.91 -24.88
N VAL A 358 -4.18 -19.47 -23.84
CA VAL A 358 -5.19 -20.32 -23.21
C VAL A 358 -6.53 -20.19 -23.93
N ALA A 359 -7.02 -18.96 -24.08
CA ALA A 359 -8.25 -18.75 -24.83
C ALA A 359 -8.13 -19.30 -26.24
N GLU A 360 -6.91 -19.34 -26.77
CA GLU A 360 -6.67 -20.04 -28.03
C GLU A 360 -7.03 -21.51 -27.88
N GLU A 361 -6.62 -22.15 -26.79
CA GLU A 361 -7.01 -23.54 -26.58
C GLU A 361 -8.52 -23.68 -26.54
N ILE A 362 -9.20 -22.87 -25.70
CA ILE A 362 -10.65 -22.97 -25.60
C ILE A 362 -11.31 -22.83 -26.96
N ASP A 363 -11.12 -21.68 -27.61
CA ASP A 363 -11.91 -21.43 -28.81
C ASP A 363 -11.50 -22.35 -29.96
N ALA A 364 -10.20 -22.62 -30.12
CA ALA A 364 -9.77 -23.50 -31.20
C ALA A 364 -10.37 -24.89 -31.04
N LEU A 365 -10.34 -25.44 -29.83
CA LEU A 365 -11.01 -26.71 -29.60
C LEU A 365 -12.51 -26.58 -29.80
N ALA A 366 -13.07 -25.39 -29.55
CA ALA A 366 -14.50 -25.18 -29.73
C ALA A 366 -14.90 -25.36 -31.19
N GLU A 367 -14.22 -24.67 -32.11
CA GLU A 367 -14.61 -24.89 -33.52
C GLU A 367 -14.13 -26.22 -34.04
N GLY A 368 -13.03 -26.76 -33.49
CA GLY A 368 -12.57 -28.07 -33.95
C GLY A 368 -13.54 -29.18 -33.61
N SER A 369 -14.11 -29.15 -32.42
CA SER A 369 -15.04 -30.17 -31.97
C SER A 369 -16.47 -29.73 -32.28
N GLU A 370 -17.45 -30.44 -31.71
CA GLU A 370 -18.86 -30.13 -31.88
C GLU A 370 -19.36 -29.12 -30.86
N ILE A 371 -18.48 -28.33 -30.26
CA ILE A 371 -18.92 -27.29 -29.34
C ILE A 371 -19.71 -26.26 -30.12
N THR A 372 -20.93 -25.96 -29.66
CA THR A 372 -21.86 -25.10 -30.36
C THR A 372 -21.91 -23.70 -29.76
N TYR A 373 -20.80 -23.20 -29.22
CA TYR A 373 -20.74 -21.94 -28.50
C TYR A 373 -21.73 -21.89 -27.35
N ASN A 374 -22.16 -23.05 -26.86
CA ASN A 374 -23.19 -23.14 -25.83
C ASN A 374 -22.64 -23.68 -24.51
N ASP A 375 -21.32 -23.86 -24.39
CA ASP A 375 -20.79 -24.47 -23.17
C ASP A 375 -19.32 -24.13 -23.03
N VAL A 376 -18.97 -23.48 -21.91
CA VAL A 376 -17.58 -23.24 -21.52
C VAL A 376 -17.56 -22.83 -20.05
N ALA A 377 -16.48 -23.13 -19.34
CA ALA A 377 -16.36 -22.74 -17.94
C ALA A 377 -14.89 -22.62 -17.57
N VAL A 378 -14.49 -21.42 -17.14
CA VAL A 378 -13.17 -21.18 -16.57
C VAL A 378 -13.35 -20.31 -15.33
N PHE A 379 -12.68 -20.66 -14.25
CA PHE A 379 -12.82 -19.94 -12.99
C PHE A 379 -11.62 -19.04 -12.72
N TYR A 380 -11.89 -17.95 -12.01
CA TYR A 380 -10.87 -16.99 -11.64
C TYR A 380 -10.14 -17.48 -10.41
N ARG A 381 -9.20 -16.69 -9.90
CA ARG A 381 -8.51 -17.05 -8.67
C ARG A 381 -8.49 -15.88 -7.70
N THR A 382 -8.50 -14.65 -8.23
CA THR A 382 -8.38 -13.46 -7.41
C THR A 382 -9.33 -12.38 -7.92
N ASN A 383 -9.63 -11.43 -7.04
CA ASN A 383 -10.41 -10.25 -7.41
C ASN A 383 -9.54 -9.15 -8.00
N ASN A 384 -8.24 -9.37 -8.11
CA ASN A 384 -7.31 -8.39 -8.66
C ASN A 384 -7.37 -8.39 -10.17
N SER A 385 -6.36 -7.82 -10.82
CA SER A 385 -6.30 -7.62 -12.27
C SER A 385 -6.22 -8.92 -13.06
N SER A 386 -6.37 -10.07 -12.40
CA SER A 386 -6.56 -11.32 -13.14
C SER A 386 -7.69 -11.19 -14.14
N ARG A 387 -8.80 -10.55 -13.74
CA ARG A 387 -9.90 -10.33 -14.67
C ARG A 387 -9.48 -9.44 -15.83
N SER A 388 -8.72 -8.38 -15.55
CA SER A 388 -8.31 -7.46 -16.60
C SER A 388 -7.43 -8.16 -17.63
N LEU A 389 -6.42 -8.89 -17.16
CA LEU A 389 -5.56 -9.62 -18.10
C LEU A 389 -6.34 -10.69 -18.85
N GLU A 390 -7.26 -11.36 -18.15
CA GLU A 390 -8.05 -12.41 -18.77
C GLU A 390 -8.88 -11.84 -19.91
N GLU A 391 -9.44 -10.64 -19.70
CA GLU A 391 -10.14 -9.91 -20.74
C GLU A 391 -9.21 -9.54 -21.90
N VAL A 392 -8.08 -8.91 -21.59
CA VAL A 392 -7.20 -8.38 -22.63
C VAL A 392 -6.55 -9.54 -23.38
N LEU A 393 -6.76 -10.76 -22.91
CA LEU A 393 -6.36 -11.93 -23.69
C LEU A 393 -7.51 -12.68 -24.35
N ILE A 394 -8.77 -12.45 -23.95
CA ILE A 394 -9.91 -13.06 -24.64
C ILE A 394 -10.62 -12.08 -25.57
N ARG A 395 -10.07 -10.89 -25.79
CA ARG A 395 -10.71 -9.98 -26.73
C ARG A 395 -10.65 -10.53 -28.15
N ALA A 396 -9.71 -11.46 -28.41
CA ALA A 396 -9.64 -12.11 -29.70
C ALA A 396 -10.90 -12.94 -29.97
N GLY A 397 -11.35 -13.68 -28.97
CA GLY A 397 -12.54 -14.50 -29.12
C GLY A 397 -13.79 -13.66 -29.32
N ILE A 398 -14.31 -13.66 -30.55
CA ILE A 398 -15.49 -12.85 -30.85
C ILE A 398 -16.73 -13.32 -30.12
N PRO A 399 -17.10 -14.61 -30.13
CA PRO A 399 -18.22 -15.04 -29.29
C PRO A 399 -17.88 -14.81 -27.82
N TYR A 400 -18.69 -13.99 -27.16
CA TYR A 400 -18.27 -13.45 -25.88
C TYR A 400 -19.46 -12.92 -25.09
N LYS A 401 -19.35 -13.03 -23.77
CA LYS A 401 -20.20 -12.30 -22.83
C LYS A 401 -19.52 -12.27 -21.45
N VAL A 402 -19.23 -11.07 -20.95
CA VAL A 402 -18.58 -10.94 -19.65
C VAL A 402 -19.63 -11.03 -18.56
N VAL A 403 -19.30 -11.70 -17.46
CA VAL A 403 -20.25 -11.94 -16.37
C VAL A 403 -19.53 -11.87 -15.03
N GLY A 404 -20.25 -11.45 -13.99
CA GLY A 404 -19.72 -11.41 -12.65
C GLY A 404 -18.59 -10.43 -12.45
N GLY A 405 -18.45 -9.47 -13.37
CA GLY A 405 -17.38 -8.51 -13.31
C GLY A 405 -17.66 -7.26 -12.49
N VAL A 406 -18.80 -7.22 -11.78
CA VAL A 406 -19.22 -6.05 -11.01
C VAL A 406 -19.38 -4.87 -11.97
N ARG A 407 -20.58 -4.66 -12.48
CA ARG A 407 -20.79 -3.63 -13.49
C ARG A 407 -22.00 -2.72 -13.25
N PHE A 408 -22.84 -2.98 -12.25
CA PHE A 408 -23.98 -2.11 -12.00
C PHE A 408 -24.15 -1.88 -10.52
N TYR A 409 -24.47 -0.63 -10.17
CA TYR A 409 -24.80 -0.20 -8.81
C TYR A 409 -23.57 -0.13 -7.91
N GLU A 410 -22.41 0.23 -8.47
CA GLU A 410 -21.25 0.57 -7.64
C GLU A 410 -20.54 1.84 -8.07
N ARG A 411 -20.67 2.28 -9.31
CA ARG A 411 -19.95 3.44 -9.81
C ARG A 411 -20.39 4.71 -9.07
N LYS A 412 -19.50 5.70 -9.06
CA LYS A 412 -19.74 6.91 -8.28
C LYS A 412 -20.96 7.67 -8.79
N GLU A 413 -21.02 7.93 -10.10
CA GLU A 413 -22.11 8.71 -10.66
C GLU A 413 -23.45 7.99 -10.51
N ILE A 414 -23.47 6.69 -10.80
CA ILE A 414 -24.70 5.93 -10.69
C ILE A 414 -25.12 5.81 -9.23
N ARG A 415 -24.16 5.73 -8.31
CA ARG A 415 -24.51 5.78 -6.89
C ARG A 415 -25.11 7.12 -6.52
N ASP A 416 -24.61 8.21 -7.10
CA ASP A 416 -25.21 9.52 -6.89
C ASP A 416 -26.67 9.53 -7.31
N ILE A 417 -26.95 9.02 -8.51
CA ILE A 417 -28.33 9.05 -8.99
C ILE A 417 -29.21 8.11 -8.16
N VAL A 418 -28.66 6.97 -7.75
CA VAL A 418 -29.39 6.06 -6.85
C VAL A 418 -29.74 6.79 -5.55
N ALA A 419 -28.78 7.52 -4.99
CA ALA A 419 -29.05 8.29 -3.79
C ALA A 419 -30.12 9.34 -4.04
N TYR A 420 -30.09 9.98 -5.21
CA TYR A 420 -31.11 10.99 -5.52
C TYR A 420 -32.50 10.36 -5.62
N LEU A 421 -32.60 9.13 -6.11
CA LEU A 421 -33.84 8.38 -5.92
C LEU A 421 -34.12 8.15 -4.44
N ARG A 422 -33.08 7.87 -3.66
CA ARG A 422 -33.26 7.53 -2.26
C ARG A 422 -33.58 8.75 -1.41
N VAL A 423 -33.04 9.91 -1.76
CA VAL A 423 -33.32 11.12 -0.99
C VAL A 423 -34.75 11.59 -1.20
N LEU A 424 -35.42 11.08 -2.25
CA LEU A 424 -36.81 11.45 -2.50
C LEU A 424 -37.67 11.21 -1.27
N ASP A 425 -37.40 10.15 -0.54
CA ASP A 425 -38.10 9.81 0.70
C ASP A 425 -37.13 9.82 1.87
N ASN A 426 -37.68 9.52 3.05
CA ASN A 426 -36.91 9.36 4.28
C ASN A 426 -36.03 10.57 4.55
N PRO A 427 -36.60 11.70 5.00
CA PRO A 427 -35.77 12.85 5.38
C PRO A 427 -34.79 12.46 6.48
N GLY A 428 -33.51 12.44 6.15
CA GLY A 428 -32.49 11.92 7.03
C GLY A 428 -32.00 10.57 6.56
N ASP A 429 -30.84 10.54 5.90
CA ASP A 429 -30.31 9.34 5.29
C ASP A 429 -28.80 9.25 5.50
N ALA A 430 -28.34 9.63 6.69
CA ALA A 430 -26.92 9.55 7.06
C ALA A 430 -26.03 10.20 6.01
N VAL A 431 -24.81 9.68 5.85
CA VAL A 431 -23.93 10.19 4.80
C VAL A 431 -24.54 9.91 3.43
N SER A 432 -25.35 8.86 3.31
CA SER A 432 -26.01 8.58 2.05
C SER A 432 -26.97 9.71 1.66
N LEU A 433 -27.47 10.46 2.63
CA LEU A 433 -28.31 11.61 2.31
C LEU A 433 -27.58 12.59 1.43
N ARG A 434 -26.39 13.02 1.84
CA ARG A 434 -25.63 13.95 1.02
C ARG A 434 -24.98 13.24 -0.17
N ARG A 435 -24.60 11.97 0.01
CA ARG A 435 -23.64 11.33 -0.88
C ARG A 435 -22.50 12.31 -1.10
N ILE A 436 -22.61 13.11 -2.16
CA ILE A 436 -21.84 14.34 -2.29
C ILE A 436 -22.81 15.46 -2.64
N LEU A 437 -22.90 16.46 -1.78
CA LEU A 437 -23.80 17.58 -2.04
C LEU A 437 -23.35 18.37 -3.25
N ASN A 438 -22.04 18.59 -3.38
CA ASN A 438 -21.45 19.31 -4.51
C ASN A 438 -21.22 18.34 -5.68
N THR A 439 -22.32 17.74 -6.16
CA THR A 439 -22.18 16.65 -7.10
C THR A 439 -21.82 17.15 -8.51
N PRO A 440 -22.62 18.01 -9.17
CA PRO A 440 -22.19 18.50 -10.49
C PRO A 440 -21.31 19.74 -10.38
N ARG A 441 -20.35 19.72 -9.47
CA ARG A 441 -19.52 20.89 -9.15
C ARG A 441 -20.39 22.12 -8.94
N ARG A 442 -21.36 21.98 -8.03
CA ARG A 442 -22.30 23.07 -7.72
C ARG A 442 -21.59 24.31 -7.21
N GLY A 443 -20.48 24.14 -6.51
CA GLY A 443 -19.87 25.21 -5.76
C GLY A 443 -20.10 25.15 -4.27
N ILE A 444 -20.66 24.06 -3.76
CA ILE A 444 -20.91 23.94 -2.32
C ILE A 444 -19.60 24.00 -1.56
N GLY A 445 -19.56 24.85 -0.55
CA GLY A 445 -18.44 24.91 0.37
C GLY A 445 -18.56 23.82 1.40
N ASP A 446 -18.15 22.60 1.03
CA ASP A 446 -18.36 21.40 1.82
C ASP A 446 -18.00 21.57 3.30
N ARG A 447 -17.13 22.52 3.60
CA ARG A 447 -16.81 22.84 4.99
C ARG A 447 -18.03 23.45 5.68
N ALA A 448 -17.85 23.81 6.94
CA ALA A 448 -18.89 24.43 7.75
C ALA A 448 -20.06 23.47 7.92
N GLU A 449 -20.82 23.21 6.85
CA GLU A 449 -21.90 22.26 6.94
C GLU A 449 -21.40 20.84 7.21
N ALA A 450 -20.14 20.56 6.90
CA ALA A 450 -19.54 19.30 7.31
C ALA A 450 -19.50 19.15 8.82
N CYS A 451 -19.60 20.25 9.55
CA CYS A 451 -19.58 20.21 11.01
C CYS A 451 -20.73 20.97 11.67
N VAL A 452 -21.60 21.64 10.90
CA VAL A 452 -22.82 22.13 11.53
C VAL A 452 -23.65 20.95 11.99
N ALA A 453 -23.39 19.76 11.45
CA ALA A 453 -24.04 18.55 11.94
C ALA A 453 -23.70 18.31 13.41
N VAL A 454 -22.41 18.32 13.74
CA VAL A 454 -22.04 18.16 15.15
C VAL A 454 -22.45 19.40 15.95
N TYR A 455 -22.49 20.55 15.30
CA TYR A 455 -23.00 21.77 15.95
C TYR A 455 -24.42 21.54 16.46
N ALA A 456 -25.30 21.05 15.59
CA ALA A 456 -26.70 20.83 15.95
C ALA A 456 -26.88 19.59 16.79
N GLU A 457 -25.99 18.61 16.69
CA GLU A 457 -26.09 17.44 17.55
C GLU A 457 -25.65 17.76 18.97
N ASN A 458 -24.80 18.78 19.14
CA ASN A 458 -24.62 19.34 20.47
C ASN A 458 -25.93 19.90 21.00
N THR A 459 -26.68 20.58 20.14
CA THR A 459 -28.06 20.95 20.48
C THR A 459 -28.94 19.70 20.60
N GLY A 460 -28.70 18.70 19.76
CA GLY A 460 -29.43 17.45 19.88
C GLY A 460 -29.81 16.77 18.59
N VAL A 461 -30.05 17.53 17.52
CA VAL A 461 -30.47 16.95 16.25
C VAL A 461 -29.25 16.61 15.41
N GLY A 462 -29.20 15.39 14.90
CA GLY A 462 -28.04 14.89 14.18
C GLY A 462 -27.81 15.51 12.82
N PHE A 463 -28.70 15.20 11.86
CA PHE A 463 -28.52 15.66 10.49
C PHE A 463 -29.86 16.05 9.87
N GLY A 464 -30.81 16.49 10.68
CA GLY A 464 -32.15 16.77 10.21
C GLY A 464 -32.43 18.24 9.99
N ASP A 465 -33.05 18.89 10.97
CA ASP A 465 -33.41 20.30 10.86
C ASP A 465 -32.21 21.16 10.50
N ALA A 466 -31.02 20.77 10.95
CA ALA A 466 -29.80 21.48 10.57
C ALA A 466 -29.65 21.56 9.06
N LEU A 467 -30.05 20.51 8.34
CA LEU A 467 -29.98 20.54 6.89
C LEU A 467 -30.93 21.60 6.33
N VAL A 468 -32.20 21.56 6.75
CA VAL A 468 -33.15 22.58 6.33
C VAL A 468 -32.90 23.90 7.04
N ALA A 469 -32.04 23.90 8.07
CA ALA A 469 -31.56 25.16 8.61
C ALA A 469 -30.76 25.87 7.53
N ALA A 470 -31.35 26.92 6.97
CA ALA A 470 -30.86 27.55 5.75
C ALA A 470 -31.18 29.03 5.85
N ALA A 471 -31.23 29.70 4.68
CA ALA A 471 -31.67 31.10 4.64
C ALA A 471 -32.92 31.30 5.49
N GLN A 472 -33.86 30.35 5.42
CA GLN A 472 -34.99 30.38 6.35
C GLN A 472 -34.61 29.88 7.74
N GLY A 473 -33.66 28.95 7.83
CA GLY A 473 -33.28 28.39 9.11
C GLY A 473 -32.09 29.08 9.75
N LYS A 474 -32.27 30.35 10.12
CA LYS A 474 -31.26 31.11 10.86
C LYS A 474 -31.30 30.83 12.35
N VAL A 475 -31.89 29.71 12.78
CA VAL A 475 -31.80 29.32 14.19
C VAL A 475 -30.35 29.08 14.61
N PRO A 476 -29.53 28.33 13.86
CA PRO A 476 -28.09 28.28 14.19
C PRO A 476 -27.33 29.49 13.67
N MET A 477 -27.76 29.99 12.50
CA MET A 477 -27.14 31.09 11.76
C MET A 477 -25.62 31.05 11.85
N LEU A 478 -25.03 29.86 11.72
CA LEU A 478 -23.62 29.66 12.00
C LEU A 478 -22.73 30.01 10.82
N ASN A 479 -22.90 31.20 10.26
CA ASN A 479 -21.92 31.83 9.37
C ASN A 479 -21.45 30.87 8.27
N THR A 480 -22.37 30.56 7.36
CA THR A 480 -22.17 29.51 6.36
C THR A 480 -20.77 29.57 5.76
N ARG A 481 -20.45 30.64 5.03
CA ARG A 481 -19.06 31.10 4.94
C ARG A 481 -18.96 32.54 5.44
N ALA A 482 -19.54 33.49 4.72
CA ALA A 482 -19.86 34.80 5.27
C ALA A 482 -21.11 35.40 4.63
N GLU A 483 -21.78 34.69 3.72
CA GLU A 483 -22.63 35.35 2.74
C GLU A 483 -23.96 34.66 2.50
N LYS A 484 -24.28 33.57 3.21
CA LYS A 484 -25.50 32.78 3.10
C LYS A 484 -25.83 32.41 1.65
N ALA A 485 -24.84 32.51 0.76
CA ALA A 485 -25.02 31.95 -0.57
C ALA A 485 -25.17 30.44 -0.51
N ILE A 486 -24.39 29.79 0.35
CA ILE A 486 -24.57 28.35 0.56
C ILE A 486 -25.93 28.09 1.17
N ALA A 487 -26.44 29.02 1.97
CA ALA A 487 -27.82 28.90 2.44
C ALA A 487 -28.79 28.92 1.27
N GLY A 488 -28.52 29.75 0.27
CA GLY A 488 -29.34 29.73 -0.94
C GLY A 488 -29.24 28.41 -1.69
N PHE A 489 -28.03 27.87 -1.80
CA PHE A 489 -27.85 26.57 -2.47
C PHE A 489 -28.61 25.47 -1.74
N VAL A 490 -28.52 25.42 -0.41
CA VAL A 490 -29.22 24.36 0.30
C VAL A 490 -30.72 24.62 0.31
N GLU A 491 -31.14 25.88 0.20
CA GLU A 491 -32.55 26.18 -0.02
C GLU A 491 -33.02 25.54 -1.32
N MET A 492 -32.26 25.73 -2.40
CA MET A 492 -32.60 25.08 -3.66
C MET A 492 -32.52 23.56 -3.54
N PHE A 493 -31.62 23.06 -2.69
CA PHE A 493 -31.50 21.61 -2.48
C PHE A 493 -32.77 21.03 -1.86
N ASP A 494 -33.24 21.66 -0.78
CA ASP A 494 -34.49 21.18 -0.19
C ASP A 494 -35.67 21.44 -1.11
N GLU A 495 -35.57 22.45 -1.98
CA GLU A 495 -36.59 22.66 -3.00
C GLU A 495 -36.67 21.48 -3.95
N LEU A 496 -35.53 21.06 -4.49
CA LEU A 496 -35.52 19.91 -5.38
C LEU A 496 -35.89 18.62 -4.65
N ARG A 497 -35.58 18.54 -3.36
CA ARG A 497 -36.04 17.41 -2.56
C ARG A 497 -37.57 17.40 -2.46
N GLY A 498 -38.17 18.57 -2.27
CA GLY A 498 -39.61 18.63 -2.08
C GLY A 498 -40.39 18.20 -3.32
N ARG A 499 -39.99 18.67 -4.49
CA ARG A 499 -40.73 18.39 -5.71
C ARG A 499 -40.65 16.92 -6.07
N LEU A 500 -41.76 16.37 -6.54
CA LEU A 500 -41.87 14.95 -6.80
C LEU A 500 -43.04 14.70 -7.74
N ASP A 501 -43.12 13.47 -8.24
CA ASP A 501 -44.22 13.05 -9.11
C ASP A 501 -44.44 11.55 -8.90
N ASP A 502 -45.23 10.95 -9.79
CA ASP A 502 -45.59 9.54 -9.68
C ASP A 502 -44.48 8.65 -10.26
N ASP A 503 -44.72 7.35 -10.25
CA ASP A 503 -43.74 6.37 -10.74
C ASP A 503 -43.85 6.26 -12.25
N LEU A 504 -43.37 7.30 -12.92
CA LEU A 504 -43.48 7.44 -14.37
C LEU A 504 -42.22 8.16 -14.86
N GLY A 505 -42.30 8.74 -16.06
CA GLY A 505 -41.15 9.37 -16.68
C GLY A 505 -40.71 10.64 -15.99
N GLU A 506 -40.35 10.52 -14.71
CA GLU A 506 -39.83 11.64 -13.94
C GLU A 506 -38.64 11.26 -13.08
N LEU A 507 -38.19 10.00 -13.11
CA LEU A 507 -37.24 9.52 -12.11
C LEU A 507 -35.92 10.28 -12.16
N VAL A 508 -35.55 10.79 -13.34
CA VAL A 508 -34.35 11.60 -13.46
C VAL A 508 -34.66 12.86 -14.26
N GLU A 509 -35.83 12.88 -14.90
CA GLU A 509 -36.05 13.79 -16.03
C GLU A 509 -37.09 14.87 -15.75
N ALA A 510 -38.33 14.51 -15.38
CA ALA A 510 -39.42 15.48 -15.46
C ALA A 510 -39.45 16.44 -14.27
N VAL A 511 -39.71 15.92 -13.07
CA VAL A 511 -39.70 16.76 -11.88
C VAL A 511 -38.31 16.82 -11.26
N LEU A 512 -37.36 16.05 -11.79
CA LEU A 512 -35.96 16.09 -11.39
C LEU A 512 -35.11 16.81 -12.42
N GLU A 513 -35.60 17.95 -12.92
CA GLU A 513 -34.87 18.70 -13.93
C GLU A 513 -33.46 19.07 -13.48
N ARG A 514 -33.20 19.12 -12.17
CA ARG A 514 -31.85 19.37 -11.71
C ARG A 514 -30.93 18.19 -12.08
N THR A 515 -31.42 16.96 -11.93
CA THR A 515 -30.68 15.81 -12.44
C THR A 515 -30.62 15.82 -13.96
N GLY A 516 -31.64 16.37 -14.62
CA GLY A 516 -31.55 16.56 -16.06
C GLY A 516 -30.42 17.49 -16.43
N TYR A 517 -30.19 18.54 -15.63
CA TYR A 517 -29.08 19.44 -15.89
C TYR A 517 -27.75 18.80 -15.50
N ARG A 518 -27.75 17.91 -14.50
CA ARG A 518 -26.60 17.06 -14.29
C ARG A 518 -26.27 16.28 -15.56
N ARG A 519 -27.30 15.71 -16.18
CA ARG A 519 -27.12 14.95 -17.41
C ARG A 519 -26.57 15.82 -18.53
N GLU A 520 -27.12 17.02 -18.68
CA GLU A 520 -26.65 17.88 -19.77
C GLU A 520 -25.21 18.33 -19.51
N LEU A 521 -24.85 18.59 -18.25
CA LEU A 521 -23.48 18.96 -17.92
C LEU A 521 -22.52 17.82 -18.26
N GLU A 522 -22.83 16.60 -17.79
CA GLU A 522 -21.95 15.47 -18.05
C GLU A 522 -21.86 15.15 -19.53
N ALA A 523 -22.98 15.26 -20.26
CA ALA A 523 -22.93 15.08 -21.71
C ALA A 523 -22.13 16.18 -22.38
N SER A 524 -22.10 17.38 -21.81
CA SER A 524 -21.35 18.47 -22.39
C SER A 524 -19.85 18.25 -22.21
N THR A 525 -19.43 17.80 -21.04
CA THR A 525 -18.00 17.67 -20.77
C THR A 525 -17.41 16.43 -21.43
N ASP A 526 -17.89 15.25 -21.03
CA ASP A 526 -17.64 13.91 -21.56
C ASP A 526 -16.30 13.72 -22.27
N PRO A 527 -15.15 13.85 -21.57
CA PRO A 527 -13.87 13.52 -22.20
C PRO A 527 -13.74 12.02 -22.44
N GLN A 528 -13.86 11.62 -23.71
CA GLN A 528 -13.85 10.22 -24.17
C GLN A 528 -14.77 9.33 -23.34
N GLU A 529 -15.74 9.92 -22.64
CA GLU A 529 -16.73 9.16 -21.89
C GLU A 529 -18.01 8.93 -22.70
N LEU A 530 -17.86 8.43 -23.94
CA LEU A 530 -19.04 8.16 -24.76
C LEU A 530 -19.73 6.86 -24.34
N ALA A 531 -18.94 5.80 -24.13
CA ALA A 531 -19.50 4.58 -23.56
C ALA A 531 -20.10 4.84 -22.19
N ARG A 532 -19.51 5.77 -21.43
CA ARG A 532 -20.09 6.16 -20.16
C ARG A 532 -21.44 6.83 -20.37
N LEU A 533 -21.56 7.66 -21.40
CA LEU A 533 -22.85 8.25 -21.77
C LEU A 533 -23.88 7.16 -22.04
N ASP A 534 -23.53 6.17 -22.87
CA ASP A 534 -24.52 5.17 -23.24
C ASP A 534 -24.87 4.25 -22.08
N ASN A 535 -23.93 3.97 -21.18
CA ASN A 535 -24.28 3.17 -20.02
C ASN A 535 -25.17 3.95 -19.06
N LEU A 536 -24.93 5.27 -18.92
CA LEU A 536 -25.85 6.09 -18.16
C LEU A 536 -27.25 6.07 -18.77
N ASN A 537 -27.33 6.16 -20.09
CA ASN A 537 -28.62 6.10 -20.77
C ASN A 537 -29.29 4.75 -20.54
N GLU A 538 -28.52 3.67 -20.59
CA GLU A 538 -29.08 2.34 -20.34
C GLU A 538 -29.59 2.22 -18.91
N LEU A 539 -28.88 2.81 -17.95
CA LEU A 539 -29.36 2.78 -16.57
C LEU A 539 -30.63 3.61 -16.40
N VAL A 540 -30.72 4.75 -17.08
CA VAL A 540 -31.98 5.49 -17.08
C VAL A 540 -33.10 4.62 -17.66
N SER A 541 -32.80 3.92 -18.75
CA SER A 541 -33.80 3.06 -19.38
C SER A 541 -34.25 1.95 -18.44
N VAL A 542 -33.32 1.31 -17.76
CA VAL A 542 -33.69 0.21 -16.86
C VAL A 542 -34.46 0.76 -15.65
N ALA A 543 -34.06 1.94 -15.16
CA ALA A 543 -34.77 2.55 -14.05
C ALA A 543 -36.22 2.83 -14.43
N HIS A 544 -36.45 3.37 -15.62
CA HIS A 544 -37.82 3.68 -16.00
C HIS A 544 -38.61 2.45 -16.42
N GLU A 545 -37.94 1.42 -16.96
CA GLU A 545 -38.67 0.19 -17.29
C GLU A 545 -39.06 -0.55 -16.03
N PHE A 546 -38.25 -0.46 -14.98
CA PHE A 546 -38.70 -0.95 -13.68
C PHE A 546 -39.93 -0.19 -13.21
N SER A 547 -40.05 1.07 -13.60
CA SER A 547 -41.28 1.84 -13.42
C SER A 547 -42.30 1.57 -14.53
N THR A 548 -41.93 0.77 -15.53
CA THR A 548 -42.82 0.45 -16.64
C THR A 548 -43.16 -1.03 -16.72
N ASP A 549 -42.18 -1.91 -16.57
CA ASP A 549 -42.47 -3.33 -16.67
C ASP A 549 -43.01 -3.89 -15.35
N ARG A 550 -42.45 -3.46 -14.23
CA ARG A 550 -42.92 -3.93 -12.93
C ARG A 550 -44.27 -3.30 -12.61
N GLU A 551 -44.28 -1.97 -12.46
CA GLU A 551 -45.46 -1.16 -12.20
C GLU A 551 -46.49 -1.89 -11.33
N ASN A 552 -47.70 -2.06 -11.86
CA ASN A 552 -48.76 -2.84 -11.22
C ASN A 552 -49.20 -3.94 -12.18
N ALA A 553 -50.26 -4.65 -11.79
CA ALA A 553 -50.87 -5.70 -12.60
C ALA A 553 -49.88 -6.82 -12.91
N ALA A 554 -48.84 -6.53 -13.70
CA ALA A 554 -47.83 -7.52 -14.00
C ALA A 554 -47.06 -7.94 -12.76
N ALA A 555 -46.81 -7.01 -11.84
CA ALA A 555 -46.11 -7.31 -10.60
C ALA A 555 -47.07 -7.64 -9.46
N LEU A 556 -48.02 -6.75 -9.18
CA LEU A 556 -48.92 -6.93 -8.04
C LEU A 556 -50.03 -7.91 -8.36
N GLY A 557 -50.91 -7.56 -9.31
CA GLY A 557 -52.01 -8.40 -9.68
C GLY A 557 -53.00 -8.60 -8.57
N PRO A 558 -53.75 -9.69 -8.62
CA PRO A 558 -54.73 -9.99 -7.57
C PRO A 558 -54.14 -10.78 -6.41
N ASP A 559 -52.81 -10.73 -6.28
CA ASP A 559 -52.12 -11.58 -5.32
C ASP A 559 -52.63 -11.37 -3.91
N ASP A 560 -52.70 -12.47 -3.15
CA ASP A 560 -53.19 -12.45 -1.78
C ASP A 560 -52.08 -11.96 -0.85
N GLU A 561 -52.28 -12.17 0.46
CA GLU A 561 -51.34 -11.79 1.51
C GLU A 561 -51.30 -10.27 1.67
N ASP A 562 -50.84 -9.80 2.83
CA ASP A 562 -50.90 -8.40 3.20
C ASP A 562 -49.50 -7.80 3.25
N VAL A 563 -49.30 -6.69 2.56
CA VAL A 563 -48.06 -5.94 2.62
C VAL A 563 -48.38 -4.50 3.02
N PRO A 564 -47.76 -3.98 4.08
CA PRO A 564 -48.17 -2.65 4.60
C PRO A 564 -47.94 -1.50 3.63
N ASP A 565 -46.70 -1.32 3.16
CA ASP A 565 -46.37 -0.11 2.42
C ASP A 565 -45.49 -0.32 1.20
N THR A 566 -44.95 -1.51 0.96
CA THR A 566 -44.06 -1.70 -0.19
C THR A 566 -44.82 -1.53 -1.49
N GLY A 567 -44.14 -0.95 -2.48
CA GLY A 567 -44.72 -0.76 -3.79
C GLY A 567 -45.01 0.69 -4.16
N VAL A 568 -45.52 1.47 -3.20
CA VAL A 568 -45.83 2.87 -3.44
C VAL A 568 -44.59 3.72 -3.21
N LEU A 569 -43.81 3.92 -4.27
CA LEU A 569 -42.54 4.65 -4.26
C LEU A 569 -41.50 3.90 -3.45
N ALA A 570 -41.89 2.79 -2.83
CA ALA A 570 -40.96 1.80 -2.33
C ALA A 570 -40.50 0.86 -3.44
N ASP A 571 -40.72 1.25 -4.69
CA ASP A 571 -40.41 0.42 -5.85
C ASP A 571 -39.00 -0.14 -5.77
N PHE A 572 -38.01 0.74 -5.78
CA PHE A 572 -36.63 0.29 -5.71
C PHE A 572 -36.10 0.21 -4.28
N LEU A 573 -36.93 0.53 -3.29
CA LEU A 573 -36.55 0.26 -1.91
C LEU A 573 -36.27 -1.22 -1.72
N GLU A 574 -37.15 -2.08 -2.23
CA GLU A 574 -36.82 -3.47 -2.43
C GLU A 574 -35.99 -3.60 -3.71
N ARG A 575 -35.13 -4.62 -3.74
CA ARG A 575 -34.27 -4.98 -4.86
C ARG A 575 -33.14 -3.97 -5.08
N VAL A 576 -33.03 -2.93 -4.25
CA VAL A 576 -31.84 -2.09 -4.31
C VAL A 576 -30.61 -2.90 -3.94
N SER A 577 -30.76 -3.88 -3.05
CA SER A 577 -29.66 -4.77 -2.71
C SER A 577 -29.51 -5.87 -3.75
N LEU A 578 -30.55 -6.71 -3.90
CA LEU A 578 -30.53 -7.91 -4.73
C LEU A 578 -29.21 -8.65 -4.59
N VAL A 579 -28.63 -8.63 -3.38
CA VAL A 579 -27.20 -8.92 -3.21
C VAL A 579 -27.08 -10.43 -3.07
N ALA A 580 -27.10 -11.11 -4.23
CA ALA A 580 -26.92 -12.56 -4.26
C ALA A 580 -26.14 -13.02 -5.48
N ASP A 581 -25.43 -12.12 -6.16
CA ASP A 581 -24.68 -12.45 -7.38
C ASP A 581 -25.59 -13.00 -8.47
N ALA A 582 -26.50 -12.16 -8.93
CA ALA A 582 -27.40 -12.54 -10.01
C ALA A 582 -26.62 -12.78 -11.30
N ASP A 583 -27.01 -13.79 -12.05
CA ASP A 583 -26.35 -14.16 -13.30
C ASP A 583 -27.39 -14.39 -14.39
N GLU A 584 -27.02 -14.04 -15.62
CA GLU A 584 -27.91 -14.15 -16.77
C GLU A 584 -27.39 -15.24 -17.70
N ILE A 585 -28.25 -16.16 -18.08
CA ILE A 585 -27.91 -17.30 -18.90
C ILE A 585 -28.76 -17.28 -20.16
N PRO A 586 -28.19 -16.91 -21.30
CA PRO A 586 -28.87 -17.09 -22.58
C PRO A 586 -28.77 -18.56 -23.01
N GLU A 587 -29.37 -18.86 -24.16
CA GLU A 587 -29.35 -20.23 -24.69
C GLU A 587 -28.61 -20.32 -26.01
N HIS A 588 -28.87 -19.41 -26.95
CA HIS A 588 -28.12 -19.42 -28.21
C HIS A 588 -26.65 -19.14 -27.98
N GLY A 589 -26.33 -18.21 -27.08
CA GLY A 589 -24.96 -17.93 -26.71
C GLY A 589 -24.67 -18.33 -25.28
N ALA A 590 -25.17 -19.50 -24.88
CA ALA A 590 -25.04 -19.96 -23.50
C ALA A 590 -23.59 -20.12 -23.08
N GLY A 591 -22.70 -20.46 -24.00
CA GLY A 591 -21.32 -20.73 -23.63
C GLY A 591 -20.29 -20.12 -24.58
N VAL A 592 -20.60 -18.95 -25.13
CA VAL A 592 -19.62 -18.26 -25.97
C VAL A 592 -18.39 -17.88 -25.15
N VAL A 593 -18.60 -17.19 -24.03
CA VAL A 593 -17.60 -16.91 -23.00
C VAL A 593 -18.32 -16.85 -21.66
N THR A 594 -17.99 -17.76 -20.75
CA THR A 594 -18.60 -17.78 -19.43
C THR A 594 -17.55 -17.74 -18.33
N LEU A 595 -16.57 -16.85 -18.49
CA LEU A 595 -15.61 -16.60 -17.42
C LEU A 595 -16.32 -16.11 -16.16
N MET A 596 -16.32 -16.95 -15.14
CA MET A 596 -16.96 -16.69 -13.87
C MET A 596 -16.01 -17.09 -12.76
N THR A 597 -15.83 -16.22 -11.77
CA THR A 597 -15.00 -16.55 -10.63
C THR A 597 -15.61 -17.71 -9.86
N LEU A 598 -14.74 -18.59 -9.35
CA LEU A 598 -15.21 -19.84 -8.76
C LEU A 598 -16.06 -19.60 -7.53
N HIS A 599 -15.77 -18.55 -6.76
CA HIS A 599 -16.55 -18.26 -5.55
C HIS A 599 -18.02 -18.09 -5.88
N THR A 600 -18.32 -17.30 -6.91
CA THR A 600 -19.70 -17.20 -7.37
C THR A 600 -20.20 -18.52 -7.94
N ALA A 601 -19.34 -19.23 -8.67
CA ALA A 601 -19.73 -20.52 -9.24
C ALA A 601 -20.14 -21.48 -8.13
N LYS A 602 -21.28 -22.14 -8.32
CA LYS A 602 -21.83 -23.06 -7.34
C LYS A 602 -22.30 -24.34 -8.03
N GLY A 603 -21.47 -24.87 -8.92
CA GLY A 603 -21.83 -26.06 -9.66
C GLY A 603 -22.88 -25.81 -10.71
N LEU A 604 -22.54 -24.99 -11.70
CA LEU A 604 -23.45 -24.65 -12.79
C LEU A 604 -23.38 -25.74 -13.85
N GLU A 605 -23.88 -25.45 -15.05
CA GLU A 605 -24.15 -26.48 -16.04
C GLU A 605 -23.25 -26.39 -17.28
N PHE A 606 -21.95 -26.18 -17.07
CA PHE A 606 -21.02 -26.12 -18.20
C PHE A 606 -20.05 -27.29 -18.15
N PRO A 607 -20.31 -28.37 -18.89
CA PRO A 607 -19.33 -29.46 -18.98
C PRO A 607 -17.96 -29.04 -19.49
N VAL A 608 -17.87 -28.01 -20.33
CA VAL A 608 -16.59 -27.59 -20.89
C VAL A 608 -15.83 -26.78 -19.85
N VAL A 609 -14.63 -27.22 -19.51
CA VAL A 609 -13.84 -26.66 -18.41
C VAL A 609 -12.43 -26.37 -18.89
N PHE A 610 -11.93 -25.18 -18.58
CA PHE A 610 -10.54 -24.81 -18.82
C PHE A 610 -9.99 -24.01 -17.65
N VAL A 611 -10.31 -24.43 -16.42
CA VAL A 611 -10.03 -23.63 -15.24
C VAL A 611 -8.54 -23.67 -14.92
N THR A 612 -8.03 -22.54 -14.40
CA THR A 612 -6.65 -22.48 -13.92
C THR A 612 -6.43 -23.43 -12.73
N GLY A 613 -7.28 -23.34 -11.70
CA GLY A 613 -7.43 -24.39 -10.71
C GLY A 613 -6.40 -24.59 -9.61
N TRP A 614 -5.12 -24.64 -9.96
CA TRP A 614 -4.13 -25.27 -9.08
C TRP A 614 -2.74 -24.66 -9.17
N GLU A 615 -1.71 -25.43 -8.79
CA GLU A 615 -0.32 -24.98 -8.71
C GLU A 615 -0.11 -23.94 -7.61
N ASP A 616 -0.14 -24.40 -6.36
CA ASP A 616 -0.17 -23.57 -5.16
C ASP A 616 0.90 -22.48 -5.21
N GLY A 617 0.64 -21.40 -4.49
CA GLY A 617 1.44 -20.20 -4.48
C GLY A 617 0.62 -19.02 -4.94
N MET A 618 -0.30 -19.28 -5.87
CA MET A 618 -1.37 -18.37 -6.23
C MET A 618 -2.73 -18.90 -5.84
N PHE A 619 -2.94 -20.22 -5.94
CA PHE A 619 -4.17 -20.80 -5.43
C PHE A 619 -4.33 -20.57 -3.93
N PRO A 620 -3.31 -20.80 -3.09
CA PRO A 620 -3.27 -20.12 -1.77
C PRO A 620 -2.78 -18.69 -1.95
N HIS A 621 -3.60 -17.75 -1.53
CA HIS A 621 -3.40 -16.36 -1.89
C HIS A 621 -2.17 -15.78 -1.18
N MET A 622 -1.86 -14.53 -1.51
CA MET A 622 -0.69 -13.87 -0.93
C MET A 622 -0.77 -13.85 0.60
N ARG A 623 -1.98 -13.68 1.14
CA ARG A 623 -2.16 -13.83 2.58
C ARG A 623 -2.19 -15.29 2.99
N ALA A 624 -2.80 -16.17 2.17
CA ALA A 624 -2.96 -17.58 2.50
C ALA A 624 -1.64 -18.30 2.27
N LEU A 625 -0.68 -18.01 3.12
CA LEU A 625 0.62 -18.68 3.10
C LEU A 625 0.58 -19.88 4.04
N ASP A 626 1.76 -20.43 4.35
CA ASP A 626 2.02 -21.54 5.25
C ASP A 626 0.83 -22.47 5.48
N ASN A 627 0.52 -22.79 6.73
CA ASN A 627 -0.60 -23.68 7.09
C ASN A 627 -1.52 -22.96 8.06
N PRO A 628 -2.44 -22.14 7.57
CA PRO A 628 -3.46 -21.57 8.46
C PRO A 628 -4.57 -22.56 8.71
N THR A 629 -5.64 -22.13 9.39
CA THR A 629 -6.77 -23.02 9.68
C THR A 629 -7.82 -22.97 8.58
N GLU A 630 -7.42 -22.63 7.35
CA GLU A 630 -8.37 -22.52 6.24
C GLU A 630 -7.85 -23.04 4.91
N LEU A 631 -6.70 -23.72 4.87
CA LEU A 631 -6.25 -24.30 3.61
C LEU A 631 -7.19 -25.42 3.16
N SER A 632 -7.75 -26.15 4.13
CA SER A 632 -8.78 -27.14 3.79
C SER A 632 -9.97 -26.49 3.10
N GLU A 633 -10.30 -25.25 3.49
CA GLU A 633 -11.35 -24.51 2.78
C GLU A 633 -10.96 -24.28 1.33
N GLU A 634 -9.68 -23.99 1.08
CA GLU A 634 -9.22 -23.82 -0.30
C GLU A 634 -9.35 -25.10 -1.09
N ARG A 635 -8.94 -26.22 -0.50
CA ARG A 635 -9.11 -27.50 -1.18
C ARG A 635 -10.58 -27.78 -1.45
N ARG A 636 -11.45 -27.40 -0.50
CA ARG A 636 -12.87 -27.64 -0.66
C ARG A 636 -13.48 -26.77 -1.76
N LEU A 637 -13.03 -25.52 -1.87
CA LEU A 637 -13.50 -24.69 -2.97
C LEU A 637 -13.01 -25.19 -4.31
N ALA A 638 -11.78 -25.72 -4.35
CA ALA A 638 -11.30 -26.37 -5.57
C ALA A 638 -12.18 -27.56 -5.92
N TYR A 639 -12.57 -28.34 -4.91
CA TYR A 639 -13.47 -29.47 -5.13
C TYR A 639 -14.82 -29.01 -5.66
N VAL A 640 -15.36 -27.92 -5.11
CA VAL A 640 -16.64 -27.41 -5.59
C VAL A 640 -16.51 -26.93 -7.03
N GLY A 641 -15.37 -26.29 -7.35
CA GLY A 641 -15.14 -25.88 -8.73
C GLY A 641 -15.09 -27.05 -9.69
N ILE A 642 -14.41 -28.13 -9.30
CA ILE A 642 -14.31 -29.29 -10.16
C ILE A 642 -15.59 -30.13 -10.13
N THR A 643 -16.50 -29.87 -9.19
CA THR A 643 -17.80 -30.51 -9.21
C THR A 643 -18.49 -30.26 -10.55
N ARG A 644 -18.81 -29.00 -10.83
CA ARG A 644 -18.97 -28.49 -12.19
C ARG A 644 -20.08 -29.26 -12.91
N ALA A 645 -19.79 -29.99 -13.98
CA ALA A 645 -20.79 -30.52 -14.88
C ALA A 645 -20.17 -31.71 -15.63
N ARG A 646 -20.76 -32.06 -16.79
CA ARG A 646 -20.43 -33.28 -17.50
C ARG A 646 -19.07 -33.20 -18.19
N GLN A 647 -18.81 -34.14 -19.11
CA GLN A 647 -17.48 -34.42 -19.66
C GLN A 647 -16.88 -33.24 -20.42
N ARG A 648 -15.67 -33.44 -20.95
CA ARG A 648 -14.89 -32.41 -21.64
C ARG A 648 -14.45 -31.32 -20.67
N LEU A 649 -13.85 -31.74 -19.56
CA LEU A 649 -13.26 -30.82 -18.59
C LEU A 649 -11.77 -30.59 -18.93
N TYR A 650 -11.56 -29.97 -20.09
CA TYR A 650 -10.25 -29.86 -20.70
C TYR A 650 -9.42 -28.80 -19.96
N VAL A 651 -8.99 -29.17 -18.75
CA VAL A 651 -8.18 -28.27 -17.94
C VAL A 651 -6.74 -28.23 -18.46
N SER A 652 -6.00 -27.20 -18.07
CA SER A 652 -4.66 -27.00 -18.60
C SER A 652 -3.81 -26.24 -17.59
N ARG A 653 -2.49 -26.33 -17.78
CA ARG A 653 -1.53 -25.67 -16.92
C ARG A 653 -0.17 -25.68 -17.61
N ALA A 654 0.71 -24.79 -17.15
CA ALA A 654 2.11 -24.73 -17.58
C ALA A 654 3.01 -24.92 -16.35
N ILE A 655 4.31 -24.70 -16.53
CA ILE A 655 5.25 -24.81 -15.43
C ILE A 655 5.96 -23.51 -15.08
N VAL A 656 6.03 -22.52 -15.99
CA VAL A 656 6.74 -21.28 -15.72
C VAL A 656 5.72 -20.18 -15.46
N ARG A 657 5.68 -19.68 -14.23
CA ARG A 657 4.66 -18.74 -13.78
C ARG A 657 5.23 -17.34 -13.62
N SER A 658 4.51 -16.36 -14.16
CA SER A 658 4.81 -14.94 -13.95
C SER A 658 3.61 -14.13 -14.43
N SER A 659 3.13 -13.19 -13.61
CA SER A 659 1.95 -12.44 -13.98
C SER A 659 1.91 -11.14 -13.18
N TRP A 660 1.08 -10.21 -13.66
CA TRP A 660 0.83 -8.93 -13.00
C TRP A 660 2.14 -8.14 -12.81
N GLY A 661 2.73 -7.74 -13.93
CA GLY A 661 3.92 -6.92 -13.90
C GLY A 661 5.12 -7.63 -13.30
N GLN A 662 5.48 -7.24 -12.08
CA GLN A 662 6.59 -7.85 -11.38
C GLN A 662 6.33 -9.34 -11.20
N PRO A 663 7.22 -10.21 -11.63
CA PRO A 663 6.93 -11.64 -11.63
C PRO A 663 7.08 -12.28 -10.26
N MET A 664 6.37 -13.39 -10.09
CA MET A 664 6.46 -14.19 -8.88
C MET A 664 6.45 -15.65 -9.29
N LEU A 665 7.11 -16.49 -8.48
CA LEU A 665 7.24 -17.91 -8.75
C LEU A 665 6.18 -18.70 -8.00
N ASN A 666 5.91 -19.91 -8.49
CA ASN A 666 4.75 -20.68 -8.07
C ASN A 666 5.18 -22.11 -7.78
N PRO A 667 5.06 -22.59 -6.54
CA PRO A 667 5.40 -23.99 -6.25
C PRO A 667 4.38 -24.95 -6.83
N GLU A 668 4.71 -26.25 -6.73
CA GLU A 668 3.86 -27.32 -7.25
C GLU A 668 2.85 -27.75 -6.19
N SER A 669 1.58 -27.79 -6.57
CA SER A 669 0.50 -28.02 -5.61
C SER A 669 0.45 -29.47 -5.14
N ARG A 670 0.08 -29.66 -3.88
CA ARG A 670 -0.27 -30.99 -3.40
C ARG A 670 -1.62 -31.44 -3.92
N PHE A 671 -2.51 -30.49 -4.25
CA PHE A 671 -3.81 -30.85 -4.80
C PHE A 671 -3.68 -31.44 -6.19
N LEU A 672 -2.78 -30.89 -7.02
CA LEU A 672 -2.46 -31.55 -8.28
C LEU A 672 -1.70 -32.85 -8.07
N ARG A 673 -1.18 -33.10 -6.87
CA ARG A 673 -0.51 -34.34 -6.55
C ARG A 673 -1.38 -35.30 -5.75
N GLU A 674 -2.32 -34.79 -4.94
CA GLU A 674 -3.23 -35.67 -4.23
C GLU A 674 -4.11 -36.44 -5.20
N ILE A 675 -4.40 -35.86 -6.36
CA ILE A 675 -5.02 -36.64 -7.44
C ILE A 675 -3.97 -37.59 -8.01
N PRO A 676 -4.33 -38.86 -8.28
CA PRO A 676 -3.30 -39.84 -8.64
C PRO A 676 -2.69 -39.58 -10.00
N GLN A 677 -1.55 -40.24 -10.23
CA GLN A 677 -0.75 -40.05 -11.44
C GLN A 677 -1.22 -40.90 -12.61
N GLU A 678 -1.51 -42.19 -12.38
CA GLU A 678 -1.76 -43.10 -13.49
C GLU A 678 -3.25 -43.27 -13.79
N LEU A 679 -4.08 -43.48 -12.76
CA LEU A 679 -5.49 -43.75 -13.00
C LEU A 679 -6.23 -42.55 -13.59
N ILE A 680 -5.69 -41.34 -13.44
CA ILE A 680 -6.17 -40.16 -14.14
C ILE A 680 -4.99 -39.47 -14.80
N ASP A 681 -5.21 -38.95 -15.99
CA ASP A 681 -4.12 -38.46 -16.84
C ASP A 681 -3.44 -37.24 -16.23
N TRP A 682 -2.12 -37.20 -16.35
CA TRP A 682 -1.28 -36.09 -15.93
C TRP A 682 -0.16 -35.93 -16.95
N ARG A 683 0.77 -34.99 -16.69
CA ARG A 683 1.73 -34.51 -17.69
C ARG A 683 2.29 -35.63 -18.55
N ARG A 684 2.29 -35.41 -19.87
CA ARG A 684 2.72 -36.44 -20.80
C ARG A 684 3.81 -35.92 -21.75
N THR A 685 3.72 -34.66 -22.16
CA THR A 685 4.63 -34.14 -23.18
C THR A 685 4.79 -32.63 -23.00
N ALA A 686 5.62 -32.04 -23.87
CA ALA A 686 6.12 -30.68 -23.81
C ALA A 686 5.14 -29.56 -24.18
N PRO A 687 4.19 -29.76 -25.10
CA PRO A 687 3.26 -28.66 -25.42
C PRO A 687 2.48 -28.18 -24.20
N LYS A 688 2.24 -26.87 -24.17
CA LYS A 688 1.56 -26.25 -23.04
C LYS A 688 0.14 -26.73 -22.80
N PRO A 689 -0.78 -26.76 -23.80
CA PRO A 689 -2.21 -26.95 -23.51
C PRO A 689 -2.54 -28.23 -22.76
N ALA C 16 20.00 4.60 -37.37
CA ALA C 16 20.75 5.85 -37.45
C ALA C 16 21.55 6.09 -36.18
N ASP C 17 22.21 7.24 -36.11
CA ASP C 17 23.03 7.63 -34.98
C ASP C 17 22.76 9.07 -34.58
N GLN C 18 21.47 9.43 -34.49
CA GLN C 18 21.11 10.79 -34.11
C GLN C 18 21.53 11.13 -32.69
N LEU C 19 21.72 10.12 -31.84
CA LEU C 19 22.19 10.34 -30.48
C LEU C 19 23.72 10.26 -30.37
N LEU C 20 24.41 9.94 -31.45
CA LEU C 20 25.86 9.81 -31.44
C LEU C 20 26.47 11.21 -31.44
N ASP C 21 26.83 11.70 -30.25
CA ASP C 21 27.37 13.03 -30.10
C ASP C 21 28.83 13.07 -30.53
N GLY C 22 29.39 14.27 -30.55
CA GLY C 22 30.80 14.46 -30.85
C GLY C 22 31.69 13.88 -29.77
N LEU C 23 32.41 12.81 -30.09
CA LEU C 23 33.23 12.10 -29.10
C LEU C 23 34.19 11.19 -29.85
N ASN C 24 35.47 11.24 -29.46
CA ASN C 24 36.45 10.41 -30.11
C ASN C 24 36.22 8.94 -29.73
N PRO C 25 36.72 8.00 -30.54
CA PRO C 25 36.26 6.60 -30.40
C PRO C 25 36.42 5.99 -29.02
N GLN C 26 37.45 6.37 -28.26
CA GLN C 26 37.87 5.58 -27.11
C GLN C 26 36.76 5.37 -26.08
N GLN C 27 36.10 6.44 -25.64
CA GLN C 27 35.16 6.31 -24.54
C GLN C 27 33.94 5.51 -24.93
N ARG C 28 33.31 5.85 -26.07
CA ARG C 28 32.06 5.19 -26.40
C ARG C 28 32.28 3.83 -27.06
N GLN C 29 33.52 3.34 -27.09
CA GLN C 29 33.73 1.94 -27.49
C GLN C 29 32.95 0.99 -26.59
N ALA C 30 32.94 1.26 -25.28
CA ALA C 30 32.09 0.50 -24.38
C ALA C 30 30.61 0.69 -24.68
N VAL C 31 30.25 1.73 -25.43
CA VAL C 31 28.87 1.95 -25.85
C VAL C 31 28.54 1.19 -27.13
N VAL C 32 29.47 1.15 -28.08
CA VAL C 32 29.21 0.55 -29.38
C VAL C 32 29.67 -0.91 -29.45
N HIS C 33 30.83 -1.22 -28.86
CA HIS C 33 31.35 -2.59 -28.92
C HIS C 33 30.58 -3.45 -27.93
N GLU C 34 29.70 -4.30 -28.44
CA GLU C 34 28.97 -5.24 -27.61
C GLU C 34 29.88 -6.34 -27.09
N GLY C 35 29.57 -6.85 -25.93
CA GLY C 35 30.32 -7.93 -25.30
C GLY C 35 30.62 -7.62 -23.86
N SER C 36 30.53 -8.67 -23.03
CA SER C 36 30.84 -8.56 -21.61
C SER C 36 32.30 -8.14 -21.36
N PRO C 37 33.30 -8.75 -22.01
CA PRO C 37 34.69 -8.38 -21.70
C PRO C 37 35.09 -7.01 -22.23
N LEU C 38 34.37 -5.96 -21.79
CA LEU C 38 34.69 -4.58 -22.15
C LEU C 38 34.84 -3.78 -20.86
N LEU C 39 35.94 -3.04 -20.74
CA LEU C 39 36.22 -2.20 -19.59
C LEU C 39 36.79 -0.87 -20.08
N ILE C 40 36.62 0.17 -19.26
CA ILE C 40 37.17 1.48 -19.53
C ILE C 40 38.03 1.87 -18.34
N VAL C 41 38.98 2.77 -18.56
CA VAL C 41 39.69 3.43 -17.47
C VAL C 41 39.21 4.89 -17.47
N ALA C 42 38.49 5.27 -16.42
CA ALA C 42 37.87 6.58 -16.35
C ALA C 42 38.06 7.17 -14.96
N GLY C 43 38.56 8.39 -14.91
CA GLY C 43 38.62 9.16 -13.68
C GLY C 43 37.44 10.09 -13.57
N ALA C 44 37.63 11.17 -12.83
CA ALA C 44 36.60 12.19 -12.73
C ALA C 44 36.45 12.92 -14.06
N GLY C 45 35.32 13.60 -14.21
CA GLY C 45 35.04 14.32 -15.44
C GLY C 45 34.86 13.43 -16.65
N SER C 46 34.23 12.28 -16.47
CA SER C 46 33.95 11.34 -17.55
C SER C 46 32.47 11.41 -17.91
N GLY C 47 32.07 10.55 -18.85
CA GLY C 47 30.66 10.50 -19.23
C GLY C 47 29.76 10.09 -18.08
N LYS C 48 30.21 9.12 -17.27
CA LYS C 48 29.44 8.60 -16.16
C LYS C 48 28.05 8.18 -16.61
N THR C 49 27.05 9.02 -16.34
CA THR C 49 25.72 8.74 -16.84
C THR C 49 25.58 9.07 -18.32
N ALA C 50 26.45 9.94 -18.85
CA ALA C 50 26.43 10.18 -20.29
C ALA C 50 26.74 8.90 -21.06
N VAL C 51 27.82 8.21 -20.69
CA VAL C 51 28.18 6.98 -21.37
C VAL C 51 27.17 5.88 -21.06
N LEU C 52 26.60 5.88 -19.85
CA LEU C 52 25.57 4.90 -19.51
C LEU C 52 24.36 5.05 -20.41
N THR C 53 23.85 6.27 -20.52
CA THR C 53 22.71 6.54 -21.41
C THR C 53 23.07 6.29 -22.86
N ARG C 54 24.31 6.57 -23.26
CA ARG C 54 24.70 6.28 -24.63
C ARG C 54 24.71 4.78 -24.89
N ARG C 55 25.15 3.98 -23.92
CA ARG C 55 25.12 2.53 -24.08
C ARG C 55 23.67 2.03 -24.16
N ILE C 56 22.79 2.55 -23.30
CA ILE C 56 21.41 2.10 -23.35
C ILE C 56 20.74 2.53 -24.65
N ALA C 57 21.13 3.69 -25.19
CA ALA C 57 20.62 4.12 -26.49
C ALA C 57 21.19 3.30 -27.63
N TYR C 58 22.44 2.87 -27.53
CA TYR C 58 22.97 1.94 -28.52
C TYR C 58 22.20 0.64 -28.49
N LEU C 59 21.84 0.17 -27.30
CA LEU C 59 20.98 -1.01 -27.18
C LEU C 59 19.58 -0.74 -27.73
N MET C 60 19.12 0.51 -27.63
CA MET C 60 17.87 0.93 -28.25
C MET C 60 17.92 0.77 -29.77
N ALA C 61 18.98 1.28 -30.39
CA ALA C 61 19.20 1.00 -31.81
C ALA C 61 19.31 -0.49 -32.05
N ALA C 62 19.90 -1.21 -31.09
CA ALA C 62 19.88 -2.65 -30.95
C ALA C 62 18.56 -3.09 -30.33
N ARG C 63 18.58 -4.26 -29.69
CA ARG C 63 17.41 -5.07 -29.32
C ARG C 63 16.19 -4.27 -28.87
N GLY C 64 16.38 -3.28 -28.00
CA GLY C 64 15.28 -2.48 -27.51
C GLY C 64 15.07 -2.67 -26.01
N VAL C 65 14.00 -2.05 -25.51
CA VAL C 65 13.74 -2.05 -24.08
C VAL C 65 13.61 -3.47 -23.56
N GLY C 66 12.58 -4.18 -24.03
CA GLY C 66 12.20 -5.44 -23.42
C GLY C 66 11.88 -5.26 -21.95
N VAL C 67 11.25 -4.13 -21.60
CA VAL C 67 11.01 -3.72 -20.22
C VAL C 67 12.34 -3.57 -19.50
N GLY C 68 13.04 -4.67 -19.26
CA GLY C 68 14.29 -4.63 -18.54
C GLY C 68 15.41 -5.49 -19.08
N GLN C 69 15.51 -5.61 -20.41
CA GLN C 69 16.42 -6.59 -21.02
C GLN C 69 17.83 -6.49 -20.45
N ILE C 70 18.31 -5.28 -20.19
CA ILE C 70 19.58 -5.09 -19.49
C ILE C 70 19.37 -4.11 -18.35
N LEU C 71 19.74 -4.51 -17.14
CA LEU C 71 19.56 -3.70 -15.95
C LEU C 71 20.75 -2.79 -15.75
N ALA C 72 20.80 -2.08 -14.63
CA ALA C 72 21.91 -1.17 -14.35
C ALA C 72 22.00 -0.96 -12.84
N ILE C 73 23.17 -1.21 -12.28
CA ILE C 73 23.46 -0.86 -10.90
C ILE C 73 24.10 0.51 -10.87
N THR C 74 23.87 1.26 -9.80
CA THR C 74 24.25 2.66 -9.78
C THR C 74 24.58 3.08 -8.36
N PHE C 75 24.67 4.40 -8.15
CA PHE C 75 24.82 4.99 -6.84
C PHE C 75 23.43 5.32 -6.29
N THR C 76 23.36 6.09 -5.21
CA THR C 76 22.10 6.39 -4.56
C THR C 76 21.31 7.44 -5.35
N ASN C 77 20.28 8.01 -4.70
CA ASN C 77 19.36 8.92 -5.35
C ASN C 77 20.08 10.09 -6.03
N LYS C 78 21.19 10.56 -5.44
CA LYS C 78 21.94 11.65 -6.05
C LYS C 78 22.35 11.30 -7.48
N ALA C 79 22.62 10.04 -7.75
CA ALA C 79 22.83 9.59 -9.12
C ALA C 79 21.55 9.15 -9.81
N ALA C 80 20.60 8.59 -9.05
CA ALA C 80 19.40 8.03 -9.64
C ALA C 80 18.56 9.10 -10.32
N ALA C 81 18.39 10.25 -9.66
CA ALA C 81 17.54 11.30 -10.21
C ALA C 81 18.11 11.84 -11.52
N GLU C 82 19.40 12.15 -11.54
CA GLU C 82 20.00 12.68 -12.76
C GLU C 82 20.08 11.61 -13.84
N MET C 83 20.27 10.35 -13.47
CA MET C 83 20.21 9.27 -14.45
C MET C 83 18.83 9.20 -15.09
N ARG C 84 17.78 9.29 -14.27
CA ARG C 84 16.42 9.25 -14.81
C ARG C 84 16.16 10.45 -15.70
N GLU C 85 16.66 11.63 -15.31
CA GLU C 85 16.52 12.80 -16.15
C GLU C 85 17.19 12.61 -17.50
N ARG C 86 18.41 12.07 -17.49
CA ARG C 86 19.12 11.82 -18.75
C ARG C 86 18.37 10.80 -19.61
N VAL C 87 17.82 9.76 -18.99
CA VAL C 87 17.04 8.78 -19.75
C VAL C 87 15.82 9.45 -20.37
N VAL C 88 15.13 10.30 -19.62
CA VAL C 88 13.99 11.02 -20.17
C VAL C 88 14.41 11.89 -21.34
N GLY C 89 15.54 12.57 -21.22
CA GLY C 89 15.97 13.52 -22.22
C GLY C 89 16.76 12.95 -23.38
N LEU C 90 17.82 12.21 -23.09
CA LEU C 90 18.77 11.83 -24.14
C LEU C 90 18.12 10.92 -25.18
N VAL C 91 17.32 9.97 -24.76
CA VAL C 91 16.61 9.09 -25.69
C VAL C 91 15.17 9.58 -25.80
N GLY C 92 14.58 9.38 -26.99
CA GLY C 92 13.26 9.92 -27.25
C GLY C 92 12.18 9.34 -26.35
N GLU C 93 12.32 8.07 -25.97
CA GLU C 93 11.31 7.44 -25.15
C GLU C 93 11.20 8.13 -23.79
N LYS C 94 9.98 8.23 -23.27
CA LYS C 94 9.71 9.15 -22.18
C LYS C 94 10.35 8.69 -20.87
N ALA C 95 9.87 7.57 -20.33
CA ALA C 95 10.33 7.09 -19.03
C ALA C 95 9.79 5.68 -18.83
N ARG C 96 9.95 5.17 -17.61
CA ARG C 96 9.35 3.90 -17.18
C ARG C 96 9.91 2.71 -17.97
N TYR C 97 11.24 2.64 -18.05
CA TYR C 97 11.89 1.40 -18.47
C TYR C 97 11.74 0.33 -17.40
N MET C 98 12.31 0.59 -16.23
CA MET C 98 12.14 -0.28 -15.07
C MET C 98 12.72 0.45 -13.86
N TRP C 99 12.65 -0.22 -12.71
CA TRP C 99 13.38 0.22 -11.53
C TRP C 99 14.88 0.12 -11.78
N VAL C 100 15.56 1.27 -11.73
CA VAL C 100 17.01 1.30 -11.78
C VAL C 100 17.42 2.20 -10.61
N SER C 101 16.70 2.05 -9.50
CA SER C 101 16.84 2.95 -8.37
C SER C 101 18.14 2.65 -7.62
N THR C 102 18.25 3.16 -6.39
CA THR C 102 19.53 3.22 -5.71
C THR C 102 20.10 1.83 -5.44
N PHE C 103 21.07 1.46 -6.28
CA PHE C 103 21.74 0.15 -6.33
C PHE C 103 21.00 -0.99 -5.65
N HIS C 104 21.78 -1.82 -4.95
CA HIS C 104 21.23 -3.02 -4.31
C HIS C 104 20.18 -2.66 -3.28
N SER C 105 20.35 -1.51 -2.61
CA SER C 105 19.41 -1.10 -1.57
C SER C 105 17.97 -1.11 -2.06
N THR C 106 17.76 -0.70 -3.32
CA THR C 106 16.43 -0.78 -3.92
C THR C 106 16.23 -2.04 -4.74
N CYS C 107 17.30 -2.61 -5.30
CA CYS C 107 17.16 -3.84 -6.07
C CYS C 107 16.56 -4.97 -5.22
N VAL C 108 17.14 -5.21 -4.05
CA VAL C 108 16.62 -6.27 -3.20
C VAL C 108 15.20 -5.96 -2.75
N ARG C 109 14.94 -4.68 -2.42
CA ARG C 109 13.62 -4.28 -1.93
C ARG C 109 12.55 -4.56 -2.96
N ILE C 110 12.83 -4.22 -4.23
CA ILE C 110 11.87 -4.52 -5.29
C ILE C 110 11.89 -6.00 -5.65
N LEU C 111 12.93 -6.72 -5.28
CA LEU C 111 13.00 -8.14 -5.61
C LEU C 111 12.12 -8.98 -4.69
N ARG C 112 12.36 -8.89 -3.37
CA ARG C 112 11.60 -9.72 -2.44
C ARG C 112 10.17 -9.21 -2.25
N ASN C 113 9.79 -8.12 -2.93
CA ASN C 113 8.39 -7.71 -2.94
C ASN C 113 7.49 -8.84 -3.44
N GLN C 114 7.91 -9.49 -4.53
CA GLN C 114 7.18 -10.64 -5.05
C GLN C 114 7.76 -11.97 -4.60
N ALA C 115 9.07 -12.04 -4.35
CA ALA C 115 9.65 -13.26 -3.82
C ALA C 115 9.16 -13.49 -2.40
N ALA C 116 8.79 -14.74 -2.10
CA ALA C 116 8.19 -15.10 -0.82
C ALA C 116 8.82 -16.39 -0.30
N LEU C 117 9.84 -16.24 0.54
CA LEU C 117 10.43 -17.39 1.24
C LEU C 117 10.30 -17.26 2.75
N ILE C 118 10.75 -16.15 3.33
CA ILE C 118 10.84 -16.05 4.79
C ILE C 118 10.26 -14.72 5.28
N GLU C 119 9.97 -13.81 4.36
CA GLU C 119 9.50 -12.49 4.75
C GLU C 119 8.12 -12.57 5.37
N GLY C 120 7.86 -11.70 6.35
CA GLY C 120 6.57 -11.63 6.99
C GLY C 120 5.78 -10.38 6.64
N LEU C 121 6.47 -9.24 6.57
CA LEU C 121 5.84 -7.96 6.27
C LEU C 121 6.66 -7.20 5.23
N ASN C 122 7.14 -7.90 4.21
CA ASN C 122 7.90 -7.31 3.11
C ASN C 122 9.17 -6.60 3.60
N SER C 123 9.77 -7.14 4.67
CA SER C 123 11.09 -6.71 5.15
C SER C 123 11.19 -5.20 5.33
N ASN C 124 11.42 -4.50 4.22
CA ASN C 124 11.52 -3.03 4.15
C ASN C 124 12.22 -2.43 5.38
N PHE C 125 13.45 -2.89 5.60
CA PHE C 125 14.26 -2.50 6.73
C PHE C 125 15.48 -1.73 6.24
N SER C 126 16.06 -0.90 7.12
CA SER C 126 17.16 -0.04 6.70
C SER C 126 18.33 0.08 7.66
N ILE C 127 18.20 -0.31 8.93
CA ILE C 127 19.08 0.12 10.04
C ILE C 127 19.58 1.54 9.79
N TYR C 128 18.67 2.44 9.41
CA TYR C 128 19.03 3.79 9.01
C TYR C 128 19.29 4.64 10.24
N ASP C 129 19.36 5.96 10.07
CA ASP C 129 19.79 6.86 11.14
C ASP C 129 19.02 6.60 12.42
N ALA C 130 17.68 6.55 12.34
CA ALA C 130 16.89 6.18 13.51
C ALA C 130 17.18 4.75 13.93
N ASP C 131 17.30 3.84 12.96
CA ASP C 131 17.48 2.44 13.32
C ASP C 131 18.93 2.10 13.66
N ASP C 132 19.91 2.78 13.07
CA ASP C 132 21.27 2.61 13.57
C ASP C 132 21.43 3.27 14.93
N SER C 133 20.67 4.32 15.22
CA SER C 133 20.59 4.82 16.58
C SER C 133 19.91 3.81 17.50
N ARG C 134 18.97 3.03 16.98
CA ARG C 134 18.41 1.92 17.75
C ARG C 134 19.48 0.89 18.06
N ARG C 135 20.33 0.57 17.08
CA ARG C 135 21.50 -0.26 17.34
C ARG C 135 22.36 0.36 18.43
N LEU C 136 22.56 1.68 18.37
CA LEU C 136 23.37 2.37 19.38
C LEU C 136 22.76 2.21 20.77
N LEU C 137 21.44 2.37 20.88
CA LEU C 137 20.82 2.29 22.19
C LEU C 137 20.82 0.85 22.72
N GLN C 138 20.61 -0.13 21.85
CA GLN C 138 20.64 -1.52 22.32
C GLN C 138 22.05 -1.93 22.72
N MET C 139 23.08 -1.45 22.01
CA MET C 139 24.43 -1.77 22.47
C MET C 139 24.79 -0.96 23.71
N VAL C 140 24.15 0.20 23.91
CA VAL C 140 24.30 0.91 25.18
C VAL C 140 23.75 0.06 26.32
N GLY C 141 22.59 -0.55 26.10
CA GLY C 141 22.05 -1.48 27.09
C GLY C 141 22.97 -2.66 27.33
N ARG C 142 23.51 -3.24 26.26
CA ARG C 142 24.42 -4.37 26.41
C ARG C 142 25.68 -3.95 27.16
N ASP C 143 26.21 -2.77 26.84
CA ASP C 143 27.32 -2.17 27.60
C ASP C 143 26.99 -2.08 29.07
N LEU C 144 25.80 -1.57 29.39
CA LEU C 144 25.36 -1.54 30.77
C LEU C 144 25.17 -2.93 31.34
N GLY C 145 25.15 -3.95 30.48
CA GLY C 145 24.86 -5.28 30.96
C GLY C 145 25.79 -6.43 30.59
N LEU C 146 26.78 -6.26 29.71
CA LEU C 146 27.61 -7.40 29.33
C LEU C 146 29.06 -7.29 29.77
N ASP C 147 29.87 -6.41 29.18
CA ASP C 147 31.26 -6.40 29.62
C ASP C 147 31.86 -5.04 29.96
N ILE C 148 31.95 -4.16 28.96
CA ILE C 148 32.87 -3.02 29.00
C ILE C 148 32.51 -2.06 27.88
N LYS C 149 33.01 -0.83 27.97
CA LYS C 149 32.75 0.22 27.00
C LYS C 149 33.07 -0.23 25.57
N ARG C 150 34.13 -1.03 25.41
CA ARG C 150 34.51 -1.57 24.10
C ARG C 150 34.77 -0.42 23.11
N TYR C 151 35.87 0.27 23.39
CA TYR C 151 36.30 1.47 22.65
C TYR C 151 35.33 2.62 22.86
N SER C 152 34.44 2.84 21.90
CA SER C 152 33.50 3.95 21.95
C SER C 152 32.12 3.46 21.56
N PRO C 153 31.06 4.18 21.97
CA PRO C 153 29.72 3.85 21.47
C PRO C 153 29.57 4.05 19.97
N ARG C 154 30.47 4.77 19.33
CA ARG C 154 30.48 4.95 17.89
C ARG C 154 31.68 4.24 17.27
N LEU C 155 31.69 4.22 15.94
CA LEU C 155 32.76 3.69 15.10
C LEU C 155 33.17 2.26 15.46
N LEU C 156 32.34 1.57 16.24
CA LEU C 156 32.49 0.14 16.47
C LEU C 156 31.43 -0.67 15.74
N ALA C 157 30.37 -0.01 15.24
CA ALA C 157 29.41 -0.67 14.38
C ALA C 157 30.03 -1.12 13.07
N ASN C 158 31.28 -0.72 12.80
CA ASN C 158 32.02 -1.29 11.67
C ASN C 158 32.14 -2.80 11.80
N ALA C 159 32.28 -3.30 13.03
CA ALA C 159 32.41 -4.75 13.23
C ALA C 159 31.14 -5.47 12.77
N ILE C 160 29.98 -5.04 13.27
CA ILE C 160 28.74 -5.69 12.84
C ILE C 160 28.47 -5.40 11.38
N SER C 161 28.94 -4.25 10.87
CA SER C 161 28.69 -3.89 9.48
C SER C 161 29.43 -4.83 8.54
N ASN C 162 30.76 -4.89 8.64
CA ASN C 162 31.51 -5.81 7.79
C ASN C 162 31.23 -7.26 8.15
N LEU C 163 30.67 -7.53 9.34
CA LEU C 163 30.13 -8.86 9.60
C LEU C 163 28.96 -9.14 8.66
N LYS C 164 28.02 -8.21 8.56
CA LYS C 164 26.93 -8.36 7.60
C LYS C 164 27.38 -8.03 6.19
N ASN C 165 28.32 -7.10 6.02
CA ASN C 165 28.69 -6.65 4.69
C ASN C 165 29.27 -7.78 3.86
N GLU C 166 30.17 -8.58 4.45
CA GLU C 166 30.74 -9.72 3.74
C GLU C 166 29.99 -11.02 4.04
N LEU C 167 28.76 -10.92 4.56
CA LEU C 167 27.86 -12.06 4.75
C LEU C 167 28.53 -13.21 5.51
N ILE C 168 29.56 -12.89 6.29
CA ILE C 168 30.22 -13.92 7.10
C ILE C 168 29.20 -14.46 8.11
N ASP C 169 29.45 -15.67 8.59
CA ASP C 169 28.54 -16.38 9.49
C ASP C 169 28.19 -15.50 10.69
N PRO C 170 26.96 -15.59 11.21
CA PRO C 170 26.55 -14.69 12.30
C PRO C 170 27.53 -14.66 13.46
N HIS C 171 27.70 -15.78 14.16
CA HIS C 171 28.72 -15.82 15.21
C HIS C 171 29.41 -17.17 15.32
N GLN C 172 28.96 -18.17 14.55
CA GLN C 172 29.33 -19.55 14.84
C GLN C 172 30.82 -19.82 14.73
N ALA C 173 31.40 -19.74 13.53
CA ALA C 173 32.83 -19.96 13.40
C ALA C 173 33.63 -18.75 13.84
N LEU C 174 33.01 -17.59 13.97
CA LEU C 174 33.67 -16.44 14.57
C LEU C 174 34.09 -16.75 15.99
N ALA C 175 33.16 -17.28 16.80
CA ALA C 175 33.50 -17.82 18.10
C ALA C 175 34.38 -19.07 17.97
N GLY C 176 34.12 -19.89 16.97
CA GLY C 176 34.98 -21.04 16.73
C GLY C 176 36.38 -20.66 16.35
N LEU C 177 36.57 -19.43 15.85
CA LEU C 177 37.91 -18.94 15.54
C LEU C 177 38.77 -18.80 16.79
N THR C 178 38.16 -18.71 17.97
CA THR C 178 38.86 -18.56 19.24
C THR C 178 39.77 -17.33 19.21
N GLU C 179 39.14 -16.17 19.04
CA GLU C 179 39.84 -14.90 18.96
C GLU C 179 40.02 -14.30 20.35
N ASP C 180 40.58 -13.09 20.40
CA ASP C 180 40.94 -12.45 21.66
C ASP C 180 39.73 -11.84 22.35
N SER C 181 39.97 -10.98 23.33
CA SER C 181 38.87 -10.46 24.16
C SER C 181 37.97 -9.51 23.39
N ASP C 182 37.26 -10.04 22.39
CA ASP C 182 36.29 -9.30 21.62
C ASP C 182 35.00 -10.12 21.46
N ASP C 183 34.75 -11.03 22.39
CA ASP C 183 33.59 -11.91 22.30
C ASP C 183 32.27 -11.15 22.42
N LEU C 184 32.31 -9.91 22.89
CA LEU C 184 31.10 -9.10 22.92
C LEU C 184 30.53 -8.91 21.52
N ALA C 185 31.40 -8.81 20.52
CA ALA C 185 30.95 -8.75 19.14
C ALA C 185 30.18 -10.00 18.75
N ARG C 186 30.69 -11.17 19.14
CA ARG C 186 29.99 -12.41 18.82
C ARG C 186 28.67 -12.51 19.58
N ALA C 187 28.63 -12.03 20.82
CA ALA C 187 27.39 -12.04 21.58
C ALA C 187 26.34 -11.15 20.91
N VAL C 188 26.72 -9.92 20.55
CA VAL C 188 25.80 -9.00 19.90
C VAL C 188 25.57 -9.35 18.43
N ALA C 189 26.29 -10.33 17.90
CA ALA C 189 25.98 -10.88 16.58
C ALA C 189 24.99 -12.03 16.68
N SER C 190 25.11 -12.86 17.73
CA SER C 190 24.05 -13.82 18.03
C SER C 190 22.75 -13.11 18.32
N VAL C 191 22.81 -12.04 19.11
CA VAL C 191 21.71 -11.09 19.26
C VAL C 191 21.76 -10.21 18.02
N TYR C 192 20.69 -9.44 17.77
CA TYR C 192 20.64 -8.45 16.70
C TYR C 192 20.58 -9.12 15.32
N ASP C 193 20.72 -10.45 15.30
CA ASP C 193 20.40 -11.21 14.10
C ASP C 193 18.99 -11.76 14.18
N GLU C 194 18.56 -12.16 15.38
CA GLU C 194 17.17 -12.50 15.65
C GLU C 194 16.43 -11.42 16.41
N TYR C 195 17.15 -10.50 17.08
CA TYR C 195 16.50 -9.45 17.85
C TYR C 195 15.65 -8.55 16.96
N GLN C 196 16.08 -8.34 15.72
CA GLN C 196 15.29 -7.61 14.74
C GLN C 196 14.49 -8.54 13.83
N ARG C 197 14.56 -9.85 14.04
CA ARG C 197 13.93 -10.78 13.10
C ARG C 197 12.42 -10.81 13.26
N ARG C 198 11.89 -10.55 14.46
CA ARG C 198 10.44 -10.58 14.64
C ARG C 198 9.74 -9.67 13.65
N LEU C 199 10.26 -8.46 13.43
CA LEU C 199 9.67 -7.59 12.44
C LEU C 199 10.74 -6.60 11.96
N ARG C 200 10.65 -6.26 10.67
CA ARG C 200 11.52 -5.27 10.06
C ARG C 200 10.64 -4.22 9.41
N ALA C 201 11.02 -2.95 9.56
CA ALA C 201 10.20 -1.86 9.03
C ALA C 201 11.07 -0.63 8.83
N ALA C 202 10.57 0.29 8.00
CA ALA C 202 11.16 1.59 7.72
C ALA C 202 12.42 1.47 6.87
N ASN C 203 12.57 2.36 5.88
CA ASN C 203 13.63 2.27 4.88
C ASN C 203 14.14 3.68 4.59
N ALA C 204 15.35 4.00 5.07
CA ALA C 204 15.96 5.29 4.76
C ALA C 204 17.43 5.24 4.38
N LEU C 205 18.21 4.24 4.78
CA LEU C 205 19.63 4.20 4.49
C LEU C 205 19.89 3.23 3.34
N ASP C 206 21.16 2.97 3.05
CA ASP C 206 21.58 2.14 1.92
C ASP C 206 21.89 0.70 2.32
N PHE C 207 22.68 0.50 3.37
CA PHE C 207 23.33 -0.80 3.58
C PHE C 207 22.37 -1.83 4.16
N ASP C 208 21.92 -1.61 5.41
CA ASP C 208 21.06 -2.56 6.10
C ASP C 208 21.60 -3.98 6.03
N ASP C 209 20.72 -4.97 6.22
CA ASP C 209 20.97 -6.33 5.79
C ASP C 209 20.40 -6.58 4.40
N LEU C 210 19.95 -5.52 3.72
CA LEU C 210 19.33 -5.68 2.41
C LEU C 210 20.32 -6.25 1.40
N ILE C 211 21.53 -5.69 1.34
CA ILE C 211 22.55 -6.26 0.46
C ILE C 211 22.91 -7.66 0.92
N GLY C 212 22.74 -7.95 2.21
CA GLY C 212 22.90 -9.29 2.70
C GLY C 212 21.61 -10.09 2.54
N GLU C 213 21.72 -11.39 2.87
CA GLU C 213 20.60 -12.32 3.03
C GLU C 213 19.75 -12.40 1.76
N THR C 214 20.14 -11.67 0.72
CA THR C 214 19.51 -11.79 -0.59
C THR C 214 20.27 -12.73 -1.51
N VAL C 215 21.58 -12.86 -1.34
CA VAL C 215 22.30 -13.94 -1.99
C VAL C 215 21.79 -15.29 -1.50
N ALA C 216 21.45 -15.36 -0.21
CA ALA C 216 20.83 -16.58 0.32
C ALA C 216 19.53 -16.87 -0.39
N VAL C 217 18.74 -15.83 -0.69
CA VAL C 217 17.55 -16.01 -1.52
C VAL C 217 17.94 -16.51 -2.90
N LEU C 218 19.00 -15.94 -3.47
CA LEU C 218 19.51 -16.45 -4.73
C LEU C 218 20.15 -17.83 -4.55
N GLN C 219 20.72 -18.09 -3.39
CA GLN C 219 21.16 -19.44 -3.05
C GLN C 219 20.01 -20.32 -2.56
N ALA C 220 18.83 -19.73 -2.35
CA ALA C 220 17.61 -20.46 -2.06
C ALA C 220 17.03 -21.00 -3.36
N PHE C 221 15.74 -21.35 -3.35
CA PHE C 221 15.03 -21.94 -4.47
C PHE C 221 15.46 -21.31 -5.79
N PRO C 222 16.04 -22.10 -6.70
CA PRO C 222 16.61 -21.55 -7.93
C PRO C 222 15.58 -21.18 -9.00
N GLN C 223 14.27 -21.21 -8.69
CA GLN C 223 13.29 -20.82 -9.71
C GLN C 223 13.38 -19.32 -10.01
N ILE C 224 13.45 -18.49 -8.97
CA ILE C 224 13.57 -17.05 -9.18
C ILE C 224 14.89 -16.73 -9.88
N ALA C 225 15.98 -17.39 -9.49
CA ALA C 225 17.26 -17.17 -10.15
C ALA C 225 17.19 -17.57 -11.62
N GLN C 226 16.57 -18.70 -11.90
CA GLN C 226 16.45 -19.18 -13.28
C GLN C 226 15.67 -18.19 -14.13
N TYR C 227 14.52 -17.73 -13.63
CA TYR C 227 13.69 -16.85 -14.43
C TYR C 227 14.23 -15.42 -14.51
N TYR C 228 15.02 -15.00 -13.51
CA TYR C 228 15.40 -13.59 -13.39
C TYR C 228 16.18 -13.14 -14.61
N ARG C 229 17.17 -13.91 -15.03
CA ARG C 229 17.88 -13.64 -16.27
C ARG C 229 17.23 -14.32 -17.47
N ARG C 230 16.07 -14.94 -17.29
CA ARG C 230 15.26 -15.37 -18.42
C ARG C 230 14.35 -14.28 -18.96
N ARG C 231 13.81 -13.42 -18.10
CA ARG C 231 12.94 -12.36 -18.60
C ARG C 231 13.60 -11.00 -18.76
N PHE C 232 14.58 -10.64 -17.93
CA PHE C 232 15.27 -9.37 -18.10
C PHE C 232 16.78 -9.54 -18.20
N ARG C 233 17.24 -10.73 -18.59
CA ARG C 233 18.63 -11.03 -18.88
C ARG C 233 19.62 -10.44 -17.88
N HIS C 234 20.31 -9.37 -18.26
CA HIS C 234 21.53 -8.99 -17.55
C HIS C 234 21.49 -7.57 -17.01
N VAL C 235 22.61 -7.09 -16.48
CA VAL C 235 22.68 -5.83 -15.77
C VAL C 235 23.90 -5.05 -16.24
N LEU C 236 23.85 -3.73 -16.06
CA LEU C 236 25.00 -2.85 -16.24
C LEU C 236 25.56 -2.50 -14.87
N VAL C 237 26.89 -2.50 -14.75
CA VAL C 237 27.54 -2.21 -13.48
C VAL C 237 28.35 -0.94 -13.62
N ASP C 238 28.11 0.01 -12.71
CA ASP C 238 28.74 1.31 -12.73
C ASP C 238 29.99 1.28 -11.85
N GLU C 239 30.48 2.46 -11.47
CA GLU C 239 31.52 2.63 -10.47
C GLU C 239 31.23 1.79 -9.24
N TYR C 240 32.11 0.82 -8.95
CA TYR C 240 31.91 -0.06 -7.81
C TYR C 240 31.81 0.72 -6.50
N GLN C 241 32.90 1.35 -6.10
CA GLN C 241 32.96 2.15 -4.88
C GLN C 241 32.20 1.53 -3.71
N ASP C 242 30.91 1.82 -3.61
CA ASP C 242 30.11 1.33 -2.50
C ASP C 242 29.78 -0.15 -2.69
N THR C 243 30.81 -1.00 -2.69
CA THR C 243 30.64 -2.43 -2.84
C THR C 243 31.64 -3.15 -1.94
N ASN C 244 31.57 -4.48 -1.97
CA ASN C 244 32.54 -5.32 -1.32
C ASN C 244 32.58 -6.66 -2.05
N HIS C 245 33.48 -7.54 -1.62
CA HIS C 245 33.58 -8.85 -2.26
C HIS C 245 32.26 -9.62 -2.16
N ALA C 246 31.52 -9.44 -1.08
CA ALA C 246 30.18 -10.01 -1.00
C ALA C 246 29.26 -9.37 -2.02
N GLN C 247 29.28 -8.04 -2.12
CA GLN C 247 28.52 -7.39 -3.18
C GLN C 247 29.03 -7.82 -4.55
N TYR C 248 30.32 -8.16 -4.64
CA TYR C 248 30.86 -8.67 -5.89
C TYR C 248 30.23 -10.01 -6.26
N VAL C 249 30.09 -10.92 -5.28
CA VAL C 249 29.47 -12.20 -5.60
C VAL C 249 27.97 -12.00 -5.85
N LEU C 250 27.35 -11.01 -5.19
CA LEU C 250 25.98 -10.65 -5.54
C LEU C 250 25.87 -10.29 -7.02
N VAL C 251 26.58 -9.23 -7.45
CA VAL C 251 26.48 -8.81 -8.84
C VAL C 251 26.89 -9.95 -9.77
N ARG C 252 27.74 -10.86 -9.29
CA ARG C 252 28.08 -12.04 -10.06
C ARG C 252 26.91 -13.01 -10.18
N GLU C 253 26.02 -13.03 -9.18
CA GLU C 253 24.90 -13.95 -9.16
C GLU C 253 23.52 -13.29 -9.06
N LEU C 254 23.43 -12.07 -8.55
CA LEU C 254 22.12 -11.41 -8.46
C LEU C 254 21.48 -11.26 -9.83
N VAL C 255 22.26 -10.82 -10.82
CA VAL C 255 21.78 -10.73 -12.19
C VAL C 255 22.72 -11.57 -13.05
N GLY C 256 23.96 -11.74 -12.59
CA GLY C 256 24.89 -12.59 -13.29
C GLY C 256 24.44 -14.04 -13.26
N ARG C 257 24.81 -14.78 -14.31
CA ARG C 257 24.37 -16.16 -14.48
C ARG C 257 25.38 -17.19 -14.01
N ASP C 258 26.66 -16.84 -13.93
CA ASP C 258 27.74 -17.74 -13.55
C ASP C 258 27.90 -18.92 -14.49
N SER C 259 27.23 -18.89 -15.65
CA SER C 259 27.29 -19.97 -16.64
C SER C 259 26.96 -21.32 -16.02
N ASN C 260 25.92 -21.34 -15.19
CA ASN C 260 25.51 -22.56 -14.50
C ASN C 260 24.47 -23.34 -15.31
N ASP C 261 23.34 -22.70 -15.60
CA ASP C 261 22.27 -23.35 -16.35
C ASP C 261 21.83 -22.51 -17.54
N GLY C 262 22.07 -21.20 -17.47
CA GLY C 262 21.69 -20.30 -18.53
C GLY C 262 22.37 -20.60 -19.85
N ILE C 263 21.58 -20.84 -20.90
CA ILE C 263 22.10 -21.16 -22.23
C ILE C 263 22.89 -19.99 -22.80
N PRO C 264 22.38 -18.76 -22.84
CA PRO C 264 23.16 -17.67 -23.41
C PRO C 264 24.02 -16.99 -22.37
N PRO C 265 25.17 -16.44 -22.76
CA PRO C 265 26.07 -15.81 -21.79
C PRO C 265 25.55 -14.46 -21.31
N GLY C 266 26.34 -13.78 -20.48
CA GLY C 266 25.93 -12.52 -19.88
C GLY C 266 26.58 -11.33 -20.57
N GLU C 267 25.77 -10.32 -20.86
CA GLU C 267 26.27 -9.06 -21.43
C GLU C 267 26.60 -8.11 -20.28
N LEU C 268 27.75 -8.39 -19.65
CA LEU C 268 28.18 -7.68 -18.46
C LEU C 268 29.42 -6.85 -18.77
N CYS C 269 29.18 -5.61 -19.18
CA CYS C 269 30.27 -4.65 -19.30
C CYS C 269 30.43 -3.90 -17.98
N VAL C 270 31.66 -3.47 -17.71
CA VAL C 270 32.01 -2.91 -16.42
C VAL C 270 32.52 -1.48 -16.61
N VAL C 271 31.98 -0.57 -15.81
CA VAL C 271 32.42 0.82 -15.81
C VAL C 271 33.74 0.92 -15.09
N GLY C 272 34.59 1.84 -15.55
CA GLY C 272 35.93 2.01 -15.02
C GLY C 272 35.94 2.65 -13.64
N ASP C 273 35.57 1.87 -12.63
CA ASP C 273 35.49 2.36 -11.27
C ASP C 273 36.83 2.93 -10.81
N ALA C 274 36.88 4.24 -10.60
CA ALA C 274 38.10 4.88 -10.12
C ALA C 274 38.30 4.58 -8.65
N ASP C 275 39.42 5.05 -8.12
CA ASP C 275 39.75 4.85 -6.71
C ASP C 275 39.29 6.04 -5.87
N GLN C 276 38.11 5.92 -5.29
CA GLN C 276 37.60 6.94 -4.37
C GLN C 276 37.43 6.42 -2.95
N SER C 277 36.76 5.28 -2.80
CA SER C 277 36.48 4.68 -1.49
C SER C 277 35.85 5.70 -0.55
N ILE C 278 34.78 6.34 -1.02
CA ILE C 278 34.11 7.39 -0.24
C ILE C 278 33.59 6.83 1.08
N TYR C 279 33.31 5.53 1.13
CA TYR C 279 32.88 4.86 2.35
C TYR C 279 33.87 3.78 2.76
N ALA C 280 35.16 4.06 2.59
CA ALA C 280 36.19 3.14 3.07
C ALA C 280 36.05 2.90 4.56
N PHE C 281 35.60 3.91 5.31
CA PHE C 281 35.26 3.70 6.71
C PHE C 281 34.14 2.66 6.84
N ARG C 282 33.15 2.72 5.95
CA ARG C 282 32.06 1.76 5.94
C ARG C 282 32.45 0.44 5.28
N GLY C 283 33.62 0.35 4.65
CA GLY C 283 34.10 -0.90 4.14
C GLY C 283 33.97 -1.09 2.63
N ALA C 284 35.10 -1.03 1.93
CA ALA C 284 35.15 -1.30 0.49
C ALA C 284 36.59 -1.62 0.13
N THR C 285 36.84 -2.84 -0.33
CA THR C 285 38.19 -3.28 -0.63
C THR C 285 38.65 -2.70 -1.97
N ILE C 286 39.85 -3.09 -2.39
CA ILE C 286 40.45 -2.58 -3.61
C ILE C 286 40.55 -3.65 -4.69
N ARG C 287 40.77 -4.92 -4.30
CA ARG C 287 40.90 -5.98 -5.28
C ARG C 287 39.60 -6.23 -6.04
N ASN C 288 38.47 -5.74 -5.53
CA ASN C 288 37.21 -5.88 -6.24
C ASN C 288 37.20 -5.17 -7.58
N ILE C 289 38.08 -4.18 -7.77
CA ILE C 289 38.13 -3.42 -9.01
C ILE C 289 39.39 -3.66 -9.82
N GLU C 290 40.50 -4.02 -9.17
CA GLU C 290 41.80 -4.13 -9.84
C GLU C 290 42.17 -5.55 -10.24
N ASP C 291 41.36 -6.55 -9.87
CA ASP C 291 41.72 -7.94 -10.04
C ASP C 291 40.59 -8.70 -10.74
N PHE C 292 40.16 -8.18 -11.88
CA PHE C 292 39.19 -8.91 -12.70
C PHE C 292 39.78 -10.16 -13.33
N GLU C 293 41.10 -10.37 -13.20
CA GLU C 293 41.73 -11.52 -13.85
C GLU C 293 41.21 -12.84 -13.27
N ARG C 294 41.05 -12.93 -11.95
CA ARG C 294 40.50 -14.14 -11.35
C ARG C 294 38.98 -14.04 -11.20
N ASP C 295 38.35 -13.69 -12.31
CA ASP C 295 36.92 -13.40 -12.37
C ASP C 295 36.42 -13.80 -13.75
N TYR C 296 35.28 -13.25 -14.16
CA TYR C 296 34.77 -13.36 -15.52
C TYR C 296 35.86 -12.97 -16.50
N PRO C 297 35.77 -13.36 -17.78
CA PRO C 297 36.90 -13.19 -18.72
C PRO C 297 37.54 -11.82 -18.63
N ASP C 298 38.85 -11.79 -18.93
CA ASP C 298 39.78 -10.74 -18.54
C ASP C 298 39.25 -9.32 -18.71
N THR C 299 38.35 -9.11 -19.67
CA THR C 299 37.64 -7.82 -19.82
C THR C 299 38.64 -6.68 -20.05
N ARG C 300 39.26 -6.73 -21.24
CA ARG C 300 40.26 -5.74 -21.61
C ARG C 300 39.69 -4.33 -21.51
N THR C 301 40.53 -3.39 -21.10
CA THR C 301 40.11 -2.02 -20.84
C THR C 301 40.44 -1.11 -22.03
N ILE C 302 39.84 0.08 -21.99
CA ILE C 302 40.04 1.12 -23.00
C ILE C 302 40.28 2.44 -22.27
N LEU C 303 41.04 3.32 -22.91
CA LEU C 303 41.43 4.62 -22.37
C LEU C 303 40.33 5.65 -22.55
N LEU C 304 40.39 6.71 -21.74
CA LEU C 304 39.48 7.84 -21.82
C LEU C 304 40.30 9.13 -21.92
N GLU C 305 39.87 10.04 -22.80
CA GLU C 305 40.62 11.26 -23.05
C GLU C 305 39.86 12.53 -22.69
N GLN C 306 38.65 12.72 -23.23
CA GLN C 306 37.98 14.00 -23.09
C GLN C 306 37.58 14.27 -21.64
N ASN C 307 37.68 15.54 -21.24
CA ASN C 307 37.25 16.00 -19.94
C ASN C 307 37.00 17.50 -20.03
N TYR C 308 36.21 18.00 -19.08
CA TYR C 308 35.87 19.42 -19.06
C TYR C 308 35.93 20.01 -17.66
N ARG C 309 36.43 19.27 -16.68
CA ARG C 309 36.42 19.76 -15.30
C ARG C 309 37.31 20.97 -15.14
N SER C 310 38.57 20.88 -15.55
CA SER C 310 39.52 21.95 -15.29
C SER C 310 40.29 22.27 -16.55
N THR C 311 40.95 23.43 -16.52
CA THR C 311 41.67 23.92 -17.69
C THR C 311 42.84 23.00 -18.03
N GLN C 312 43.40 23.20 -19.23
CA GLN C 312 44.44 22.31 -19.75
C GLN C 312 45.61 22.22 -18.79
N ASN C 313 46.06 23.34 -18.24
CA ASN C 313 47.14 23.31 -17.26
C ASN C 313 46.71 22.52 -16.02
N ILE C 314 45.55 22.87 -15.45
CA ILE C 314 45.08 22.18 -14.25
C ILE C 314 44.82 20.71 -14.56
N LEU C 315 44.21 20.43 -15.71
CA LEU C 315 43.85 19.05 -16.03
C LEU C 315 45.10 18.19 -16.24
N SER C 316 46.09 18.69 -16.98
CA SER C 316 47.32 17.94 -17.19
C SER C 316 48.07 17.76 -15.88
N ALA C 317 48.12 18.80 -15.04
CA ALA C 317 48.80 18.66 -13.76
C ALA C 317 48.09 17.65 -12.86
N ALA C 318 46.76 17.62 -12.90
CA ALA C 318 46.02 16.62 -12.14
C ALA C 318 46.31 15.22 -12.66
N ASN C 319 46.42 15.08 -13.99
CA ASN C 319 46.82 13.79 -14.56
C ASN C 319 48.19 13.37 -14.05
N SER C 320 49.12 14.32 -13.97
CA SER C 320 50.45 14.01 -13.43
C SER C 320 50.37 13.65 -11.95
N VAL C 321 49.56 14.38 -11.18
CA VAL C 321 49.48 14.17 -9.74
C VAL C 321 48.90 12.80 -9.42
N ILE C 322 47.83 12.42 -10.13
CA ILE C 322 47.24 11.10 -9.94
C ILE C 322 48.17 9.98 -10.37
N ALA C 323 49.24 10.31 -11.08
CA ALA C 323 50.23 9.33 -11.54
C ALA C 323 51.35 9.11 -10.53
N ARG C 324 51.19 9.56 -9.29
CA ARG C 324 52.19 9.31 -8.26
C ARG C 324 52.35 7.82 -8.01
N ASN C 325 51.24 7.09 -8.06
CA ASN C 325 51.24 5.62 -8.05
C ASN C 325 51.86 5.07 -6.77
N ALA C 326 51.45 5.64 -5.63
CA ALA C 326 51.83 5.05 -4.34
C ALA C 326 51.23 3.65 -4.21
N GLY C 327 49.97 3.49 -4.60
CA GLY C 327 49.38 2.19 -4.77
C GLY C 327 49.25 1.88 -6.25
N ARG C 328 49.72 0.69 -6.63
CA ARG C 328 49.81 0.32 -8.04
C ARG C 328 48.45 0.38 -8.72
N ARG C 329 48.28 1.32 -9.65
CA ARG C 329 47.01 1.56 -10.31
C ARG C 329 47.24 1.68 -11.81
N GLU C 330 46.40 1.01 -12.59
CA GLU C 330 46.44 1.18 -14.04
C GLU C 330 46.10 2.61 -14.41
N LYS C 331 47.08 3.36 -14.90
CA LYS C 331 46.85 4.76 -15.25
C LYS C 331 47.67 5.08 -16.49
N ARG C 332 47.01 5.09 -17.65
CA ARG C 332 47.54 5.65 -18.88
C ARG C 332 46.67 6.81 -19.36
N LEU C 333 45.57 7.08 -18.66
CA LEU C 333 44.63 8.12 -19.06
C LEU C 333 45.27 9.50 -19.07
N TRP C 334 44.95 10.28 -20.09
CA TRP C 334 45.27 11.69 -20.15
C TRP C 334 44.00 12.46 -20.46
N THR C 335 43.89 13.66 -19.90
CA THR C 335 42.73 14.51 -20.12
C THR C 335 43.19 15.87 -20.61
N ASP C 336 42.61 16.33 -21.71
CA ASP C 336 42.96 17.60 -22.33
C ASP C 336 41.82 18.60 -22.18
N ALA C 337 42.14 19.87 -22.40
CA ALA C 337 41.20 20.96 -22.22
C ALA C 337 41.66 22.15 -23.05
N GLY C 338 41.12 23.33 -22.74
CA GLY C 338 41.42 24.53 -23.50
C GLY C 338 42.51 25.38 -22.88
N ALA C 339 42.13 26.48 -22.24
CA ALA C 339 43.09 27.40 -21.66
C ALA C 339 43.81 26.77 -20.47
N GLY C 340 44.67 27.56 -19.83
CA GLY C 340 45.39 27.08 -18.67
C GLY C 340 46.04 28.24 -17.93
N GLU C 341 46.24 28.04 -16.63
CA GLU C 341 46.80 29.08 -15.78
C GLU C 341 47.47 28.44 -14.57
N LEU C 342 48.31 29.23 -13.91
CA LEU C 342 49.06 28.78 -12.75
C LEU C 342 48.27 28.99 -11.47
N ILE C 343 48.73 28.34 -10.39
CA ILE C 343 48.03 28.35 -9.12
C ILE C 343 48.45 29.59 -8.32
N VAL C 344 47.59 29.98 -7.38
CA VAL C 344 47.80 31.19 -6.59
C VAL C 344 48.73 30.86 -5.41
N GLY C 345 49.30 31.90 -4.82
CA GLY C 345 50.26 31.74 -3.75
C GLY C 345 49.99 32.58 -2.51
N TYR C 346 48.73 32.71 -2.12
CA TYR C 346 48.36 33.58 -1.01
C TYR C 346 48.35 32.78 0.29
N VAL C 347 49.34 33.03 1.15
CA VAL C 347 49.39 32.52 2.51
C VAL C 347 49.66 33.68 3.44
N ALA C 348 48.98 33.71 4.58
CA ALA C 348 49.03 34.85 5.49
C ALA C 348 49.39 34.43 6.91
N ASP C 349 50.27 33.44 7.04
CA ASP C 349 50.87 33.06 8.33
C ASP C 349 49.79 32.73 9.37
N ASN C 350 49.10 31.62 9.11
CA ASN C 350 47.95 31.20 9.90
C ASN C 350 46.87 32.27 9.86
N GLU C 351 46.45 32.76 11.03
CA GLU C 351 45.29 33.64 11.13
C GLU C 351 44.11 33.05 10.38
N HIS C 352 43.92 31.74 10.55
CA HIS C 352 43.04 30.92 9.72
C HIS C 352 41.72 31.61 9.40
N ASP C 353 40.96 31.95 10.44
CA ASP C 353 39.69 32.65 10.26
C ASP C 353 39.89 33.91 9.43
N GLU C 354 40.64 34.87 9.97
CA GLU C 354 40.76 36.18 9.32
C GLU C 354 41.43 36.05 7.96
N ALA C 355 42.54 35.32 7.89
CA ALA C 355 43.30 35.23 6.64
C ALA C 355 42.46 34.60 5.53
N ARG C 356 41.85 33.45 5.82
CA ARG C 356 41.09 32.77 4.78
C ARG C 356 39.84 33.55 4.41
N PHE C 357 39.16 34.16 5.39
CA PHE C 357 37.99 34.96 5.08
C PHE C 357 38.35 36.14 4.18
N VAL C 358 39.42 36.88 4.51
CA VAL C 358 39.76 38.04 3.69
C VAL C 358 40.24 37.61 2.32
N ALA C 359 40.99 36.51 2.24
CA ALA C 359 41.46 36.04 0.94
C ALA C 359 40.29 35.66 0.04
N GLU C 360 39.39 34.80 0.56
CA GLU C 360 38.25 34.39 -0.25
C GLU C 360 37.32 35.57 -0.54
N GLU C 361 37.22 36.52 0.37
CA GLU C 361 36.34 37.67 0.15
C GLU C 361 36.88 38.55 -0.97
N ILE C 362 38.16 38.90 -0.92
CA ILE C 362 38.72 39.75 -1.96
C ILE C 362 38.68 39.04 -3.30
N ASP C 363 39.06 37.76 -3.34
CA ASP C 363 39.02 37.02 -4.59
C ASP C 363 37.61 36.90 -5.13
N ALA C 364 36.63 36.65 -4.24
CA ALA C 364 35.24 36.53 -4.66
C ALA C 364 34.70 37.84 -5.19
N LEU C 365 35.03 38.97 -4.54
CA LEU C 365 34.59 40.27 -5.04
C LEU C 365 35.21 40.59 -6.39
N ALA C 366 36.51 40.30 -6.56
CA ALA C 366 37.13 40.50 -7.86
C ALA C 366 36.48 39.63 -8.92
N GLU C 367 36.10 38.40 -8.55
CA GLU C 367 35.37 37.53 -9.46
C GLU C 367 34.00 38.12 -9.79
N GLY C 368 33.30 38.65 -8.77
CA GLY C 368 31.98 39.19 -8.98
C GLY C 368 31.98 40.44 -9.84
N SER C 369 33.09 41.18 -9.85
CA SER C 369 33.25 42.26 -10.82
C SER C 369 33.36 41.72 -12.24
N GLU C 370 33.61 40.43 -12.41
CA GLU C 370 33.78 39.81 -13.72
C GLU C 370 32.85 38.64 -13.98
N ILE C 371 32.62 37.78 -12.98
CA ILE C 371 31.81 36.58 -13.15
C ILE C 371 30.82 36.49 -12.00
N THR C 372 29.64 35.95 -12.29
CA THR C 372 28.55 35.90 -11.33
C THR C 372 28.89 34.98 -10.15
N TYR C 373 28.29 35.29 -9.00
CA TYR C 373 28.45 34.54 -7.76
C TYR C 373 27.68 33.22 -7.74
N ASN C 374 27.16 32.76 -8.87
CA ASN C 374 26.14 31.71 -8.81
C ASN C 374 26.66 30.37 -8.33
N ASP C 375 27.97 30.13 -8.32
CA ASP C 375 28.46 28.88 -7.74
C ASP C 375 29.80 29.10 -7.02
N VAL C 376 29.88 30.11 -6.18
CA VAL C 376 31.05 30.31 -5.33
C VAL C 376 30.86 29.57 -4.02
N ALA C 377 31.85 28.78 -3.62
CA ALA C 377 31.73 27.97 -2.41
C ALA C 377 33.13 27.66 -1.88
N VAL C 378 33.17 26.77 -0.87
CA VAL C 378 34.42 26.42 -0.20
C VAL C 378 34.27 25.02 0.36
N PHE C 379 35.41 24.38 0.62
CA PHE C 379 35.48 23.00 1.12
C PHE C 379 36.05 23.01 2.53
N TYR C 380 35.45 22.23 3.42
CA TYR C 380 35.85 22.16 4.83
C TYR C 380 36.20 20.72 5.19
N ARG C 381 36.76 20.55 6.39
CA ARG C 381 37.32 19.27 6.83
C ARG C 381 36.54 18.70 8.01
N THR C 382 35.22 18.82 7.99
CA THR C 382 34.34 18.28 9.03
C THR C 382 34.68 18.87 10.40
N ASN C 383 34.52 20.18 10.51
CA ASN C 383 34.71 20.87 11.78
C ASN C 383 33.90 22.17 11.75
N ASN C 384 33.51 22.61 12.95
CA ASN C 384 32.68 23.81 13.10
C ASN C 384 33.56 24.93 13.65
N SER C 385 33.89 25.89 12.80
CA SER C 385 34.81 26.96 13.15
C SER C 385 34.43 28.20 12.34
N SER C 386 35.36 29.16 12.27
CA SER C 386 35.31 30.30 11.36
C SER C 386 34.38 31.40 11.83
N ARG C 387 34.43 32.54 11.15
CA ARG C 387 33.70 33.75 11.51
C ARG C 387 32.19 33.53 11.38
N SER C 388 31.42 34.48 11.92
CA SER C 388 29.97 34.42 11.84
C SER C 388 29.52 34.25 10.40
N LEU C 389 28.59 33.33 10.18
CA LEU C 389 28.23 32.88 8.84
C LEU C 389 27.39 33.91 8.08
N GLU C 390 26.96 34.99 8.75
CA GLU C 390 26.07 35.94 8.10
C GLU C 390 26.69 36.56 6.86
N GLU C 391 27.96 36.96 6.94
CA GLU C 391 28.60 37.64 5.81
C GLU C 391 28.69 36.72 4.60
N VAL C 392 29.17 35.49 4.80
CA VAL C 392 29.32 34.58 3.67
C VAL C 392 27.97 34.19 3.11
N LEU C 393 26.95 34.02 3.97
CA LEU C 393 25.63 33.68 3.48
C LEU C 393 25.02 34.81 2.66
N ILE C 394 25.26 36.06 3.06
CA ILE C 394 24.76 37.18 2.26
C ILE C 394 25.67 37.51 1.09
N ARG C 395 26.82 36.85 0.98
CA ARG C 395 27.67 37.06 -0.20
C ARG C 395 26.96 36.61 -1.47
N ALA C 396 26.41 35.39 -1.46
CA ALA C 396 25.77 34.83 -2.66
C ALA C 396 24.39 34.27 -2.33
N GLY C 397 23.64 35.01 -1.52
CA GLY C 397 22.20 34.81 -1.39
C GLY C 397 21.72 33.62 -0.61
N ILE C 398 21.86 32.42 -1.17
CA ILE C 398 21.22 31.22 -0.61
C ILE C 398 22.14 30.72 0.50
N PRO C 399 21.61 30.08 1.55
CA PRO C 399 22.49 29.61 2.63
C PRO C 399 23.18 28.28 2.31
N TYR C 400 23.94 27.74 3.27
CA TYR C 400 24.65 26.48 3.09
C TYR C 400 23.64 25.35 2.91
N LYS C 401 23.37 24.98 1.67
CA LYS C 401 22.53 23.82 1.39
C LYS C 401 23.40 22.60 1.13
N VAL C 402 24.08 22.16 2.18
CA VAL C 402 25.02 21.06 2.11
C VAL C 402 24.50 19.82 2.84
N VAL C 403 24.33 19.92 4.15
CA VAL C 403 23.91 18.77 4.95
C VAL C 403 23.39 19.27 6.29
N GLY C 404 22.28 18.68 6.72
CA GLY C 404 21.77 18.86 8.06
C GLY C 404 21.25 17.53 8.55
N GLY C 405 21.74 16.46 7.94
CA GLY C 405 21.18 15.14 8.19
C GLY C 405 19.72 15.05 7.82
N VAL C 406 19.33 15.73 6.72
CA VAL C 406 17.94 15.93 6.30
C VAL C 406 17.06 16.09 7.54
N ARG C 407 17.31 17.15 8.29
CA ARG C 407 16.73 17.33 9.62
C ARG C 407 15.23 17.53 9.60
N PHE C 408 14.63 17.75 8.42
CA PHE C 408 13.21 18.00 8.28
C PHE C 408 12.45 16.70 8.57
N TYR C 409 12.22 16.46 9.86
CA TYR C 409 11.58 15.22 10.26
C TYR C 409 11.12 15.35 11.71
N GLU C 410 9.93 14.79 12.02
CA GLU C 410 9.20 15.01 13.26
C GLU C 410 8.94 16.49 13.54
N ARG C 411 8.56 16.81 14.77
CA ARG C 411 8.31 18.18 15.18
C ARG C 411 9.60 18.95 15.47
N LYS C 412 10.75 18.28 15.45
CA LYS C 412 11.96 18.86 16.03
C LYS C 412 12.36 20.16 15.34
N GLU C 413 12.19 20.25 14.03
CA GLU C 413 12.61 21.41 13.27
C GLU C 413 11.56 22.50 13.20
N ILE C 414 10.34 22.24 13.66
CA ILE C 414 9.20 23.10 13.39
C ILE C 414 8.58 23.64 14.67
N ARG C 415 8.46 22.81 15.70
CA ARG C 415 7.94 23.31 16.97
C ARG C 415 8.80 24.44 17.51
N ASP C 416 10.12 24.27 17.47
CA ASP C 416 11.01 25.37 17.85
C ASP C 416 10.88 26.54 16.89
N ILE C 417 10.82 26.27 15.58
CA ILE C 417 10.89 27.36 14.61
C ILE C 417 9.58 28.13 14.59
N VAL C 418 8.55 27.61 15.25
CA VAL C 418 7.34 28.38 15.46
C VAL C 418 7.23 28.88 16.89
N ALA C 419 8.06 28.38 17.80
CA ALA C 419 8.06 28.88 19.17
C ALA C 419 8.28 30.39 19.21
N TYR C 420 9.06 30.91 18.26
CA TYR C 420 9.23 32.36 18.23
C TYR C 420 8.14 33.04 17.42
N LEU C 421 7.47 32.32 16.52
CA LEU C 421 6.29 32.88 15.88
C LEU C 421 5.20 33.17 16.91
N ARG C 422 5.00 32.25 17.85
CA ARG C 422 3.94 32.42 18.84
C ARG C 422 4.30 33.44 19.91
N VAL C 423 5.59 33.67 20.15
CA VAL C 423 6.03 34.66 21.13
C VAL C 423 7.36 35.25 20.68
N LEU C 424 7.55 36.54 20.92
CA LEU C 424 8.68 37.40 20.54
C LEU C 424 8.60 37.93 19.10
N ASP C 425 7.60 37.54 18.31
CA ASP C 425 7.26 38.22 17.06
C ASP C 425 5.88 37.75 16.64
N ASN C 426 5.41 38.25 15.50
CA ASN C 426 4.09 37.87 15.01
C ASN C 426 4.11 36.43 14.53
N PRO C 427 3.03 35.67 14.77
CA PRO C 427 2.90 34.33 14.18
C PRO C 427 2.43 34.38 12.73
N GLY C 428 3.25 35.00 11.87
CA GLY C 428 2.83 35.27 10.51
C GLY C 428 2.49 34.04 9.70
N ASP C 429 3.24 32.94 9.90
CA ASP C 429 3.02 31.71 9.16
C ASP C 429 1.81 31.00 9.76
N ALA C 430 0.63 31.38 9.27
CA ALA C 430 -0.61 30.77 9.75
C ALA C 430 -0.67 29.29 9.39
N VAL C 431 -0.06 28.89 8.27
CA VAL C 431 0.03 27.47 7.95
C VAL C 431 0.86 26.75 9.00
N SER C 432 1.96 27.38 9.43
CA SER C 432 2.73 26.82 10.55
C SER C 432 1.86 26.74 11.80
N LEU C 433 1.01 27.74 12.03
CA LEU C 433 0.10 27.68 13.18
C LEU C 433 -0.84 26.50 13.09
N ARG C 434 -1.37 26.22 11.90
CA ARG C 434 -2.15 25.00 11.72
C ARG C 434 -1.32 23.77 11.99
N ARG C 435 -0.02 23.84 11.69
CA ARG C 435 0.87 22.71 12.01
C ARG C 435 1.03 22.54 13.53
N ILE C 436 1.03 23.63 14.29
CA ILE C 436 0.89 23.50 15.74
C ILE C 436 -0.45 22.83 16.06
N LEU C 437 -1.51 23.24 15.38
CA LEU C 437 -2.78 22.55 15.53
C LEU C 437 -2.73 21.14 14.99
N ASN C 438 -1.67 20.77 14.26
CA ASN C 438 -1.40 19.40 13.85
C ASN C 438 -0.33 18.75 14.72
N THR C 439 -0.13 19.23 15.94
CA THR C 439 0.85 18.62 16.84
C THR C 439 0.40 17.22 17.23
N PRO C 440 1.35 16.32 17.52
CA PRO C 440 0.96 15.06 18.18
C PRO C 440 0.08 15.28 19.40
N ARG C 441 0.32 16.34 20.17
CA ARG C 441 -0.70 16.79 21.11
C ARG C 441 -1.98 17.15 20.36
N ARG C 442 -1.90 18.18 19.51
CA ARG C 442 -3.10 18.74 18.90
C ARG C 442 -3.75 17.78 17.92
N GLY C 443 -3.06 16.73 17.53
CA GLY C 443 -3.67 15.68 16.74
C GLY C 443 -4.52 14.77 17.60
N ILE C 444 -3.93 14.22 18.67
CA ILE C 444 -4.61 13.29 19.56
C ILE C 444 -4.53 13.74 21.01
N GLY C 445 -3.33 14.11 21.48
CA GLY C 445 -3.14 14.39 22.89
C GLY C 445 -3.88 15.62 23.38
N ASP C 446 -3.42 16.80 22.97
CA ASP C 446 -4.19 18.04 23.15
C ASP C 446 -5.01 18.33 21.90
N ARG C 447 -5.79 17.31 21.49
CA ARG C 447 -6.43 17.27 20.18
C ARG C 447 -7.07 18.61 19.80
N ALA C 448 -6.90 18.97 18.54
CA ALA C 448 -7.35 20.26 18.02
C ALA C 448 -8.77 20.26 17.52
N GLU C 449 -9.43 19.09 17.47
CA GLU C 449 -10.81 18.98 17.01
C GLU C 449 -10.95 19.54 15.60
N ALA C 450 -10.34 18.83 14.65
CA ALA C 450 -10.38 19.21 13.23
C ALA C 450 -11.77 19.71 12.82
N CYS C 451 -12.80 18.90 13.05
CA CYS C 451 -14.19 19.29 12.78
C CYS C 451 -14.66 20.47 13.65
N VAL C 452 -13.84 20.97 14.57
CA VAL C 452 -14.11 22.22 15.27
C VAL C 452 -13.09 23.28 14.93
N ALA C 453 -11.81 22.90 14.87
CA ALA C 453 -10.75 23.86 14.58
C ALA C 453 -10.91 24.48 13.19
N VAL C 454 -11.17 23.65 12.18
CA VAL C 454 -11.21 24.16 10.82
C VAL C 454 -12.23 25.29 10.71
N TYR C 455 -13.40 25.10 11.32
CA TYR C 455 -14.37 26.17 11.35
C TYR C 455 -13.97 27.30 12.30
N ALA C 456 -13.31 26.98 13.41
CA ALA C 456 -12.91 28.01 14.37
C ALA C 456 -12.01 29.04 13.70
N GLU C 457 -10.93 28.59 13.07
CA GLU C 457 -10.15 29.51 12.25
C GLU C 457 -10.90 29.98 11.02
N ASN C 458 -11.91 29.23 10.56
CA ASN C 458 -12.76 29.74 9.49
C ASN C 458 -13.64 30.88 9.97
N THR C 459 -14.04 30.87 11.25
CA THR C 459 -14.86 31.95 11.78
C THR C 459 -14.06 33.25 11.84
N GLY C 460 -14.78 34.35 11.99
CA GLY C 460 -14.19 35.67 12.02
C GLY C 460 -14.27 36.45 10.74
N VAL C 461 -15.07 36.01 9.76
CA VAL C 461 -15.25 36.60 8.44
C VAL C 461 -13.95 37.18 7.87
N GLY C 462 -13.41 38.21 8.50
CA GLY C 462 -12.08 38.68 8.16
C GLY C 462 -11.03 37.85 8.86
N PHE C 463 -11.16 36.53 8.75
CA PHE C 463 -10.36 35.60 9.51
C PHE C 463 -8.91 35.59 9.05
N GLY C 464 -8.04 35.03 9.89
CA GLY C 464 -6.63 34.94 9.61
C GLY C 464 -5.84 34.74 10.89
N ASP C 465 -4.72 34.03 10.80
CA ASP C 465 -3.84 33.80 11.94
C ASP C 465 -4.61 33.03 13.03
N ALA C 466 -4.13 33.07 14.26
CA ALA C 466 -4.84 32.51 15.40
C ALA C 466 -5.70 33.55 16.13
N LEU C 467 -6.24 34.52 15.38
CA LEU C 467 -7.04 35.57 15.99
C LEU C 467 -8.21 35.00 16.77
N VAL C 468 -8.84 33.96 16.24
CA VAL C 468 -9.89 33.27 16.99
C VAL C 468 -9.29 32.61 18.23
N ALA C 469 -8.14 31.96 18.09
CA ALA C 469 -7.43 31.48 19.27
C ALA C 469 -7.03 32.63 20.17
N ALA C 470 -6.77 33.80 19.60
CA ALA C 470 -6.51 34.99 20.40
C ALA C 470 -7.80 35.49 21.05
N ALA C 471 -7.64 36.24 22.14
CA ALA C 471 -8.74 36.80 22.92
C ALA C 471 -9.72 35.74 23.39
N GLN C 472 -9.26 34.49 23.52
CA GLN C 472 -10.05 33.35 23.98
C GLN C 472 -11.27 33.11 23.11
N GLY C 473 -11.31 33.69 21.91
CA GLY C 473 -12.41 33.47 21.00
C GLY C 473 -13.76 34.00 21.43
N LYS C 474 -13.81 35.21 21.99
CA LYS C 474 -15.08 35.81 22.36
C LYS C 474 -15.98 36.01 21.15
N VAL C 475 -15.42 36.51 20.05
CA VAL C 475 -16.22 36.69 18.83
C VAL C 475 -16.72 35.36 18.27
N PRO C 476 -15.88 34.31 18.11
CA PRO C 476 -16.40 33.06 17.56
C PRO C 476 -17.11 32.16 18.56
N MET C 477 -17.59 32.71 19.69
CA MET C 477 -18.36 31.89 20.63
C MET C 477 -19.61 31.28 20.01
N LEU C 478 -19.96 31.60 18.77
CA LEU C 478 -20.95 30.77 18.09
C LEU C 478 -20.43 29.37 17.77
N ASN C 479 -19.19 29.06 18.17
CA ASN C 479 -18.63 27.74 17.94
C ASN C 479 -19.27 26.71 18.86
N THR C 480 -18.75 25.49 18.78
CA THR C 480 -19.29 24.37 19.56
C THR C 480 -19.25 24.67 21.05
N ARG C 481 -20.35 24.34 21.73
CA ARG C 481 -20.63 24.81 23.09
C ARG C 481 -20.01 23.92 24.16
N ALA C 482 -20.39 22.63 24.19
CA ALA C 482 -19.80 21.72 25.17
C ALA C 482 -18.29 21.61 24.96
N GLU C 483 -17.84 21.73 23.72
CA GLU C 483 -16.42 21.72 23.42
C GLU C 483 -15.70 22.93 23.99
N LYS C 484 -16.42 24.01 24.29
CA LYS C 484 -15.77 25.24 24.78
C LYS C 484 -14.90 24.99 26.00
N ALA C 485 -15.25 24.01 26.83
CA ALA C 485 -14.40 23.69 27.96
C ALA C 485 -13.02 23.29 27.50
N ILE C 486 -12.93 22.18 26.78
CA ILE C 486 -11.63 21.65 26.34
C ILE C 486 -11.02 22.54 25.27
N ALA C 487 -11.83 23.06 24.35
CA ALA C 487 -11.30 23.95 23.32
C ALA C 487 -10.70 25.20 23.93
N GLY C 488 -11.42 25.82 24.86
CA GLY C 488 -10.90 26.99 25.54
C GLY C 488 -9.67 26.68 26.37
N PHE C 489 -9.64 25.50 27.00
CA PHE C 489 -8.48 25.12 27.80
C PHE C 489 -7.23 24.97 26.94
N VAL C 490 -7.35 24.25 25.82
CA VAL C 490 -6.20 24.06 24.94
C VAL C 490 -5.80 25.38 24.30
N GLU C 491 -6.79 26.22 23.97
CA GLU C 491 -6.51 27.55 23.43
C GLU C 491 -5.73 28.39 24.43
N MET C 492 -6.19 28.41 25.69
CA MET C 492 -5.53 29.18 26.73
C MET C 492 -4.11 28.68 26.96
N PHE C 493 -3.93 27.36 26.98
CA PHE C 493 -2.60 26.78 27.10
C PHE C 493 -1.73 27.33 25.97
N ASP C 494 -2.10 26.98 24.74
CA ASP C 494 -1.24 27.27 23.59
C ASP C 494 -0.97 28.76 23.43
N GLU C 495 -1.86 29.62 23.93
CA GLU C 495 -1.63 31.05 23.80
C GLU C 495 -0.83 31.61 24.97
N LEU C 496 -1.36 31.49 26.19
CA LEU C 496 -0.74 32.18 27.33
C LEU C 496 0.57 31.51 27.74
N ARG C 497 0.59 30.18 27.79
CA ARG C 497 1.78 29.50 28.31
C ARG C 497 2.99 29.81 27.45
N GLY C 498 2.80 29.92 26.13
CA GLY C 498 3.89 30.33 25.25
C GLY C 498 4.13 31.83 25.27
N ARG C 499 3.05 32.62 25.40
CA ARG C 499 3.19 34.08 25.35
C ARG C 499 4.06 34.61 26.48
N LEU C 500 3.92 34.05 27.67
CA LEU C 500 4.71 34.52 28.81
C LEU C 500 6.20 34.18 28.67
N ASP C 501 6.56 33.32 27.73
CA ASP C 501 7.94 32.85 27.62
C ASP C 501 8.84 34.00 27.20
N ASP C 502 9.63 34.52 28.15
CA ASP C 502 10.55 35.61 27.88
C ASP C 502 11.95 35.35 28.42
N ASP C 503 12.19 34.21 29.07
CA ASP C 503 13.48 33.91 29.64
C ASP C 503 14.43 33.43 28.54
N LEU C 504 15.57 32.86 28.94
CA LEU C 504 16.55 32.39 27.96
C LEU C 504 15.97 31.30 27.08
N GLY C 505 15.20 30.38 27.66
CA GLY C 505 14.47 29.39 26.90
C GLY C 505 15.34 28.38 26.17
N GLU C 506 16.11 27.59 26.92
CA GLU C 506 16.93 26.55 26.33
C GLU C 506 16.69 25.22 27.03
N LEU C 507 17.54 24.23 26.72
CA LEU C 507 17.45 22.89 27.30
C LEU C 507 16.02 22.36 27.24
N VAL C 508 15.38 22.28 28.39
CA VAL C 508 13.96 21.94 28.47
C VAL C 508 13.28 22.89 29.45
N GLU C 509 12.64 23.93 28.94
CA GLU C 509 11.89 24.85 29.79
C GLU C 509 10.70 25.43 29.03
N ALA C 510 10.12 26.51 29.57
CA ALA C 510 8.94 27.15 28.99
C ALA C 510 7.86 26.11 28.71
N VAL C 511 7.73 25.71 27.45
CA VAL C 511 6.96 24.53 27.08
C VAL C 511 7.84 23.41 26.54
N LEU C 512 9.09 23.73 26.17
CA LEU C 512 10.01 22.74 25.64
C LEU C 512 10.22 21.59 26.63
N GLU C 513 10.13 21.88 27.93
CA GLU C 513 10.23 20.81 28.92
C GLU C 513 9.02 19.89 28.85
N ARG C 514 7.85 20.44 28.55
CA ARG C 514 6.67 19.62 28.35
C ARG C 514 6.79 18.80 27.08
N THR C 515 7.34 19.40 26.02
CA THR C 515 7.53 18.68 24.77
C THR C 515 8.45 17.49 24.96
N GLY C 516 9.62 17.72 25.55
CA GLY C 516 10.51 16.61 25.86
C GLY C 516 9.91 15.64 26.85
N TYR C 517 9.03 16.15 27.74
CA TYR C 517 8.36 15.28 28.70
C TYR C 517 7.49 14.25 27.99
N ARG C 518 6.61 14.69 27.10
CA ARG C 518 5.76 13.69 26.47
C ARG C 518 6.48 12.94 25.35
N ARG C 519 7.54 13.50 24.77
CA ARG C 519 8.40 12.67 23.93
C ARG C 519 9.02 11.53 24.73
N GLU C 520 9.48 11.82 25.95
CA GLU C 520 9.96 10.76 26.83
C GLU C 520 8.83 9.79 27.19
N LEU C 521 7.60 10.30 27.29
CA LEU C 521 6.47 9.41 27.57
C LEU C 521 6.27 8.38 26.46
N GLU C 522 6.28 8.82 25.20
CA GLU C 522 6.21 7.82 24.13
C GLU C 522 7.52 7.04 24.03
N ALA C 523 8.62 7.61 24.53
CA ALA C 523 9.89 6.89 24.52
C ALA C 523 9.85 5.67 25.43
N SER C 524 9.20 5.79 26.58
CA SER C 524 9.12 4.67 27.51
C SER C 524 8.39 3.48 26.91
N THR C 525 7.62 3.70 25.84
CA THR C 525 6.86 2.64 25.20
C THR C 525 7.72 1.90 24.17
N ASP C 526 7.04 1.07 23.37
CA ASP C 526 7.63 0.15 22.39
C ASP C 526 8.45 0.77 21.26
N PRO C 527 7.97 1.84 20.57
CA PRO C 527 8.47 2.13 19.22
C PRO C 527 9.98 2.28 19.10
N GLN C 528 10.53 1.80 17.98
CA GLN C 528 11.96 1.72 17.77
C GLN C 528 12.55 3.12 17.54
N GLU C 529 13.04 3.70 18.64
CA GLU C 529 13.63 5.04 18.67
C GLU C 529 12.61 6.14 18.40
N LEU C 530 11.39 5.77 18.01
CA LEU C 530 10.39 6.79 17.74
C LEU C 530 10.00 7.45 19.05
N ALA C 531 10.20 8.77 19.11
CA ALA C 531 10.14 9.58 20.31
C ALA C 531 11.30 9.24 21.25
N ARG C 532 12.23 8.40 20.80
CA ARG C 532 13.42 8.09 21.61
C ARG C 532 14.66 8.76 21.03
N LEU C 533 14.87 8.64 19.71
CA LEU C 533 16.06 9.29 19.14
C LEU C 533 15.91 10.80 19.18
N ASP C 534 14.68 11.29 19.05
CA ASP C 534 14.48 12.74 18.99
C ASP C 534 14.81 13.39 20.32
N ASN C 535 14.86 12.61 21.40
CA ASN C 535 15.40 13.14 22.65
C ASN C 535 16.87 13.52 22.47
N LEU C 536 17.66 12.61 21.89
CA LEU C 536 19.04 12.94 21.57
C LEU C 536 19.11 14.06 20.54
N ASN C 537 18.15 14.10 19.62
CA ASN C 537 18.15 15.13 18.59
C ASN C 537 17.88 16.52 19.19
N GLU C 538 16.95 16.62 20.14
CA GLU C 538 16.72 17.91 20.78
C GLU C 538 17.85 18.27 21.73
N LEU C 539 18.49 17.27 22.35
CA LEU C 539 19.67 17.55 23.15
C LEU C 539 20.80 18.11 22.28
N VAL C 540 21.02 17.52 21.10
CA VAL C 540 22.06 18.05 20.24
C VAL C 540 21.63 19.36 19.59
N SER C 541 20.33 19.59 19.45
CA SER C 541 19.84 20.88 18.94
C SER C 541 20.07 21.99 19.96
N VAL C 542 19.82 21.72 21.24
CA VAL C 542 20.12 22.72 22.26
C VAL C 542 21.64 22.88 22.40
N ALA C 543 22.40 21.80 22.17
CA ALA C 543 23.84 21.95 22.09
C ALA C 543 24.24 22.88 20.95
N HIS C 544 23.57 22.75 19.81
CA HIS C 544 23.86 23.64 18.67
C HIS C 544 23.48 25.09 18.97
N GLU C 545 22.35 25.31 19.64
CA GLU C 545 22.00 26.70 19.96
C GLU C 545 22.94 27.27 21.01
N PHE C 546 23.42 26.45 21.94
CA PHE C 546 24.47 26.88 22.85
C PHE C 546 25.74 27.24 22.09
N SER C 547 26.09 26.42 21.10
CA SER C 547 27.23 26.72 20.25
C SER C 547 27.04 28.05 19.54
N THR C 548 25.84 28.30 19.03
CA THR C 548 25.57 29.60 18.42
C THR C 548 25.74 30.72 19.43
N ASP C 549 25.26 30.51 20.65
CA ASP C 549 25.51 31.47 21.73
C ASP C 549 27.00 31.70 21.93
N ARG C 550 27.83 30.70 21.63
CA ARG C 550 29.27 30.91 21.70
C ARG C 550 29.75 31.93 20.67
N GLU C 551 29.00 32.10 19.57
CA GLU C 551 29.30 33.15 18.61
C GLU C 551 28.14 34.10 18.31
N ASN C 552 26.99 33.95 18.99
CA ASN C 552 25.90 34.90 18.81
C ASN C 552 25.53 35.63 20.09
N ALA C 553 25.27 34.90 21.19
CA ALA C 553 24.78 35.53 22.41
C ALA C 553 25.93 35.89 23.35
N ALA C 554 26.65 34.88 23.82
CA ALA C 554 27.85 35.10 24.64
C ALA C 554 29.11 34.87 23.80
N ALA C 555 29.28 35.71 22.79
CA ALA C 555 30.35 35.55 21.82
C ALA C 555 31.64 36.24 22.27
N LEU C 556 32.07 35.96 23.51
CA LEU C 556 33.20 36.68 24.11
C LEU C 556 33.00 38.18 23.98
N GLY C 557 31.77 38.62 24.23
CA GLY C 557 31.30 39.91 23.77
C GLY C 557 30.30 39.70 22.65
N PRO C 558 29.02 39.94 22.95
CA PRO C 558 27.94 39.54 22.04
C PRO C 558 28.12 40.00 20.60
N ASP C 559 28.02 39.06 19.66
CA ASP C 559 28.08 39.40 18.24
C ASP C 559 26.76 39.95 17.75
N ASP C 560 25.69 39.15 17.86
CA ASP C 560 24.32 39.59 17.59
C ASP C 560 23.49 39.18 18.81
N GLU C 561 23.55 39.98 19.86
CA GLU C 561 22.75 39.77 21.06
C GLU C 561 22.31 41.12 21.63
N ASP C 562 21.79 41.99 20.76
CA ASP C 562 21.29 43.29 21.21
C ASP C 562 20.01 43.03 22.01
N VAL C 563 20.21 42.71 23.28
CA VAL C 563 19.29 42.10 24.27
C VAL C 563 18.85 40.74 23.74
N PRO C 564 18.53 39.78 24.61
CA PRO C 564 18.44 38.37 24.17
C PRO C 564 17.42 38.11 23.07
N ASP C 565 16.40 38.94 22.91
CA ASP C 565 15.35 38.65 21.94
C ASP C 565 15.91 38.59 20.52
N THR C 566 16.66 39.62 20.11
CA THR C 566 17.16 39.63 18.75
C THR C 566 18.24 38.57 18.54
N GLY C 567 18.95 38.18 19.60
CA GLY C 567 19.95 37.12 19.44
C GLY C 567 19.31 35.77 19.15
N VAL C 568 18.30 35.40 19.93
CA VAL C 568 17.61 34.15 19.68
C VAL C 568 16.88 34.20 18.35
N LEU C 569 16.33 35.36 17.99
CA LEU C 569 15.68 35.49 16.69
C LEU C 569 16.69 35.36 15.55
N ALA C 570 17.91 35.87 15.73
CA ALA C 570 18.94 35.67 14.72
C ALA C 570 19.30 34.20 14.58
N ASP C 571 19.39 33.50 15.71
CA ASP C 571 19.55 32.05 15.67
C ASP C 571 18.43 31.39 14.88
N PHE C 572 17.20 31.85 15.11
CA PHE C 572 16.05 31.26 14.42
C PHE C 572 16.05 31.57 12.92
N LEU C 573 16.50 32.75 12.51
CA LEU C 573 16.63 33.03 11.09
C LEU C 573 17.75 32.22 10.46
N GLU C 574 18.84 32.00 11.19
CA GLU C 574 19.85 31.05 10.71
C GLU C 574 19.22 29.67 10.52
N ARG C 575 18.34 29.27 11.43
CA ARG C 575 17.68 27.97 11.30
C ARG C 575 16.72 27.94 10.12
N VAL C 576 15.98 29.03 9.88
CA VAL C 576 15.09 29.05 8.71
C VAL C 576 15.92 28.96 7.44
N SER C 577 17.09 29.59 7.44
CA SER C 577 18.01 29.46 6.31
C SER C 577 18.42 28.01 6.11
N LEU C 578 18.81 27.34 7.19
CA LEU C 578 19.27 25.96 7.11
C LEU C 578 18.16 25.05 6.60
N VAL C 579 16.94 25.23 7.11
CA VAL C 579 15.84 24.36 6.72
C VAL C 579 15.30 24.72 5.35
N ALA C 580 15.51 25.96 4.90
CA ALA C 580 15.09 26.33 3.55
C ALA C 580 16.01 25.72 2.51
N ASP C 581 17.33 25.77 2.75
CA ASP C 581 18.34 25.29 1.81
C ASP C 581 17.96 25.57 0.36
N ALA C 582 17.90 24.53 -0.48
CA ALA C 582 17.53 24.71 -1.87
C ALA C 582 16.04 25.03 -1.99
N ASP C 583 15.72 26.17 -2.58
CA ASP C 583 14.34 26.64 -2.68
C ASP C 583 14.20 27.50 -3.94
N GLU C 584 13.15 28.31 -3.97
CA GLU C 584 12.82 29.19 -5.09
C GLU C 584 13.77 30.39 -5.04
N ILE C 585 13.47 31.47 -5.76
CA ILE C 585 14.42 32.54 -6.03
C ILE C 585 15.58 31.95 -6.83
N PRO C 586 15.37 31.65 -8.13
CA PRO C 586 16.37 30.93 -8.93
C PRO C 586 17.77 31.51 -8.88
N GLU C 587 18.74 30.70 -9.31
CA GLU C 587 20.16 31.04 -9.20
C GLU C 587 20.54 32.07 -10.27
N HIS C 588 20.28 33.33 -9.95
CA HIS C 588 20.68 34.46 -10.78
C HIS C 588 21.47 35.45 -9.95
N GLY C 589 22.67 35.80 -10.42
CA GLY C 589 23.52 36.75 -9.73
C GLY C 589 24.26 36.13 -8.55
N ALA C 590 23.98 36.62 -7.36
CA ALA C 590 24.57 36.10 -6.12
C ALA C 590 23.88 34.78 -5.80
N GLY C 591 24.42 33.71 -6.37
CA GLY C 591 23.72 32.44 -6.40
C GLY C 591 23.81 31.54 -5.19
N VAL C 592 25.02 31.10 -4.80
CA VAL C 592 25.14 30.08 -3.76
C VAL C 592 26.44 30.30 -2.99
N VAL C 593 26.41 29.98 -1.69
CA VAL C 593 27.59 29.72 -0.88
C VAL C 593 27.36 28.43 -0.11
N THR C 594 28.31 27.50 -0.20
CA THR C 594 28.18 26.21 0.45
C THR C 594 29.54 25.79 1.01
N LEU C 595 29.50 24.94 2.04
CA LEU C 595 30.69 24.41 2.67
C LEU C 595 30.82 22.95 2.22
N MET C 596 31.85 22.66 1.44
CA MET C 596 31.94 21.39 0.73
C MET C 596 32.61 20.35 1.62
N THR C 597 31.96 19.22 1.79
CA THR C 597 32.53 18.09 2.52
C THR C 597 32.86 16.96 1.55
N LEU C 598 33.75 16.07 2.01
CA LEU C 598 34.20 14.96 1.18
C LEU C 598 33.04 14.08 0.75
N HIS C 599 32.15 13.75 1.69
CA HIS C 599 31.08 12.81 1.41
C HIS C 599 30.05 13.33 0.42
N THR C 600 30.05 14.64 0.15
CA THR C 600 29.23 15.22 -0.91
C THR C 600 30.03 15.49 -2.18
N ALA C 601 31.30 15.09 -2.23
CA ALA C 601 32.15 15.47 -3.35
C ALA C 601 31.78 14.71 -4.61
N LYS C 602 30.59 14.97 -5.13
CA LYS C 602 30.13 14.49 -6.43
C LYS C 602 28.86 15.24 -6.80
N GLY C 603 28.83 15.79 -8.00
CA GLY C 603 27.66 16.48 -8.49
C GLY C 603 27.81 17.98 -8.64
N LEU C 604 28.47 18.62 -7.68
CA LEU C 604 28.67 20.07 -7.72
C LEU C 604 29.85 20.38 -8.63
N GLU C 605 29.62 21.22 -9.64
CA GLU C 605 30.71 21.57 -10.54
C GLU C 605 31.81 22.34 -9.81
N PHE C 606 31.43 23.29 -8.95
CA PHE C 606 32.35 24.01 -8.09
C PHE C 606 33.41 24.73 -8.93
N PRO C 607 33.01 25.78 -9.67
CA PRO C 607 33.95 26.41 -10.62
C PRO C 607 35.02 27.27 -9.98
N VAL C 608 35.10 27.33 -8.66
CA VAL C 608 36.20 27.96 -7.95
C VAL C 608 36.52 27.08 -6.75
N VAL C 609 37.81 26.91 -6.47
CA VAL C 609 38.27 26.00 -5.42
C VAL C 609 39.20 26.79 -4.51
N PHE C 610 38.64 27.40 -3.47
CA PHE C 610 39.43 28.00 -2.41
C PHE C 610 39.51 27.03 -1.22
N VAL C 611 40.02 25.84 -1.51
CA VAL C 611 40.12 24.78 -0.51
C VAL C 611 41.42 24.97 0.27
N THR C 612 41.42 24.48 1.51
CA THR C 612 42.58 24.49 2.38
C THR C 612 42.74 23.12 3.03
N GLY C 613 43.88 22.91 3.68
CA GLY C 613 44.16 21.65 4.33
C GLY C 613 44.84 20.61 3.47
N TRP C 614 45.37 21.00 2.31
CA TRP C 614 46.10 20.08 1.45
C TRP C 614 47.38 19.55 2.09
N GLU C 615 47.88 20.23 3.12
CA GLU C 615 49.07 19.80 3.83
C GLU C 615 48.73 18.68 4.81
N ASP C 616 49.74 18.25 5.56
CA ASP C 616 49.56 17.22 6.58
C ASP C 616 48.94 17.84 7.82
N GLY C 617 48.95 17.10 8.92
CA GLY C 617 48.38 17.59 10.16
C GLY C 617 46.94 17.17 10.33
N MET C 618 46.17 17.23 9.23
CA MET C 618 44.82 16.69 9.20
C MET C 618 44.67 15.54 8.22
N PHE C 619 45.64 15.33 7.33
CA PHE C 619 45.64 14.24 6.35
C PHE C 619 46.93 13.44 6.55
N PRO C 620 46.97 12.56 7.58
CA PRO C 620 45.97 12.32 8.61
C PRO C 620 46.17 13.24 9.81
N HIS C 621 45.51 12.96 10.93
CA HIS C 621 45.58 13.79 12.13
C HIS C 621 45.88 12.94 13.35
N MET C 622 46.92 12.11 13.24
CA MET C 622 47.48 11.21 14.25
C MET C 622 46.61 9.98 14.46
N ARG C 623 45.43 9.89 13.84
CA ARG C 623 44.65 8.65 13.91
C ARG C 623 45.24 7.58 13.01
N ALA C 624 45.70 7.97 11.83
CA ALA C 624 46.04 7.05 10.75
C ALA C 624 47.40 7.39 10.15
N LEU C 625 48.40 7.55 11.01
CA LEU C 625 49.69 8.08 10.59
C LEU C 625 50.42 7.22 9.56
N ASP C 626 50.88 6.02 9.94
CA ASP C 626 51.84 5.33 9.08
C ASP C 626 51.17 4.54 7.95
N ASN C 627 50.54 3.39 8.28
CA ASN C 627 49.55 2.63 7.51
C ASN C 627 49.64 2.90 6.01
N PRO C 628 50.71 2.48 5.32
CA PRO C 628 50.94 2.96 3.94
C PRO C 628 49.76 2.77 3.00
N THR C 629 49.01 1.67 3.13
CA THR C 629 47.79 1.51 2.34
C THR C 629 46.76 2.57 2.69
N GLU C 630 46.58 2.85 3.99
CA GLU C 630 45.63 3.90 4.38
C GLU C 630 46.07 5.25 3.85
N LEU C 631 47.37 5.52 3.91
CA LEU C 631 47.92 6.71 3.27
C LEU C 631 47.64 6.70 1.77
N SER C 632 47.57 5.52 1.16
CA SER C 632 47.25 5.45 -0.26
C SER C 632 45.81 5.88 -0.55
N GLU C 633 44.84 5.39 0.24
CA GLU C 633 43.50 5.89 -0.07
C GLU C 633 43.33 7.34 0.38
N GLU C 634 44.13 7.82 1.33
CA GLU C 634 44.11 9.25 1.60
C GLU C 634 44.67 10.04 0.43
N ARG C 635 45.69 9.50 -0.24
CA ARG C 635 46.22 10.13 -1.45
C ARG C 635 45.15 10.17 -2.55
N ARG C 636 44.40 9.08 -2.72
CA ARG C 636 43.36 9.12 -3.73
C ARG C 636 42.19 9.99 -3.27
N LEU C 637 42.02 10.17 -1.97
CA LEU C 637 41.11 11.18 -1.45
C LEU C 637 41.53 12.57 -1.91
N ALA C 638 42.83 12.86 -1.81
CA ALA C 638 43.35 14.11 -2.35
C ALA C 638 43.11 14.20 -3.85
N TYR C 639 43.24 13.08 -4.56
CA TYR C 639 42.98 13.07 -5.99
C TYR C 639 41.54 13.44 -6.30
N VAL C 640 40.59 12.84 -5.59
CA VAL C 640 39.19 13.15 -5.85
C VAL C 640 38.89 14.58 -5.44
N GLY C 641 39.56 15.09 -4.40
CA GLY C 641 39.37 16.49 -4.04
C GLY C 641 39.85 17.44 -5.13
N ILE C 642 41.05 17.19 -5.65
CA ILE C 642 41.60 18.07 -6.68
C ILE C 642 40.83 17.95 -7.99
N THR C 643 40.31 16.76 -8.29
CA THR C 643 39.54 16.55 -9.51
C THR C 643 38.09 16.98 -9.37
N ARG C 644 37.66 17.40 -8.18
CA ARG C 644 36.31 17.91 -7.97
C ARG C 644 36.35 19.43 -8.15
N ALA C 645 36.32 19.84 -9.41
CA ALA C 645 36.43 21.26 -9.72
C ALA C 645 35.82 21.53 -11.09
N ARG C 646 35.51 22.80 -11.33
CA ARG C 646 35.04 23.27 -12.63
C ARG C 646 35.78 24.55 -12.99
N GLN C 647 35.80 24.84 -14.29
CA GLN C 647 36.26 26.13 -14.79
C GLN C 647 37.64 26.52 -14.27
N ARG C 648 37.67 27.35 -13.23
CA ARG C 648 38.90 27.88 -12.65
C ARG C 648 39.07 27.37 -11.22
N LEU C 649 40.25 27.62 -10.67
CA LEU C 649 40.56 27.27 -9.29
C LEU C 649 41.87 27.92 -8.88
N TYR C 650 41.90 28.45 -7.66
CA TYR C 650 43.13 29.03 -7.08
C TYR C 650 43.13 28.66 -5.60
N VAL C 651 43.78 27.55 -5.27
CA VAL C 651 43.77 27.03 -3.90
C VAL C 651 44.79 27.78 -3.06
N SER C 652 44.42 28.06 -1.81
CA SER C 652 45.28 28.79 -0.88
C SER C 652 45.36 28.02 0.44
N ARG C 653 46.46 28.24 1.17
CA ARG C 653 46.74 27.53 2.40
C ARG C 653 47.25 28.49 3.47
N ALA C 654 47.35 27.97 4.69
CA ALA C 654 47.95 28.66 5.82
C ALA C 654 48.90 27.72 6.53
N ILE C 655 49.82 28.30 7.28
CA ILE C 655 50.82 27.54 8.02
C ILE C 655 50.51 27.65 9.51
N VAL C 656 51.21 26.84 10.31
CA VAL C 656 51.05 26.69 11.77
C VAL C 656 49.59 26.85 12.19
N ARG C 657 48.83 25.75 12.14
CA ARG C 657 47.42 25.76 12.56
C ARG C 657 47.37 25.65 14.08
N SER C 658 47.47 26.79 14.75
CA SER C 658 47.39 26.86 16.20
C SER C 658 45.92 26.78 16.59
N SER C 659 45.46 25.59 16.93
CA SER C 659 44.03 25.34 17.20
C SER C 659 43.86 24.92 18.66
N TRP C 660 43.43 25.87 19.50
CA TRP C 660 42.99 25.67 20.87
C TRP C 660 44.12 25.26 21.81
N GLY C 661 45.32 25.01 21.31
CA GLY C 661 46.39 24.54 22.16
C GLY C 661 47.16 23.39 21.56
N GLN C 662 46.54 22.66 20.62
CA GLN C 662 47.26 21.63 19.89
C GLN C 662 47.67 22.19 18.52
N PRO C 663 48.94 22.52 18.30
CA PRO C 663 49.33 23.08 17.00
C PRO C 663 49.38 22.04 15.90
N MET C 664 49.95 20.87 16.18
CA MET C 664 50.16 19.82 15.20
C MET C 664 50.85 20.39 13.96
N LEU C 665 52.09 20.85 14.17
CA LEU C 665 52.85 21.49 13.11
C LEU C 665 53.02 20.55 11.92
N ASN C 666 52.70 21.06 10.74
CA ASN C 666 52.74 20.29 9.50
C ASN C 666 53.52 21.06 8.43
N PRO C 667 54.82 21.26 8.64
CA PRO C 667 55.60 22.04 7.68
C PRO C 667 55.78 21.34 6.35
N GLU C 668 55.74 20.00 6.36
CA GLU C 668 55.91 19.22 5.15
C GLU C 668 54.78 18.21 5.03
N SER C 669 54.40 17.93 3.78
CA SER C 669 53.43 16.89 3.47
C SER C 669 53.89 16.15 2.23
N ARG C 670 53.57 14.85 2.17
CA ARG C 670 53.87 14.08 0.98
C ARG C 670 53.02 14.49 -0.22
N PHE C 671 52.12 15.45 -0.06
CA PHE C 671 51.36 16.01 -1.16
C PHE C 671 51.91 17.34 -1.66
N LEU C 672 52.56 18.11 -0.79
CA LEU C 672 52.88 19.50 -1.13
C LEU C 672 53.93 19.60 -2.22
N ARG C 673 55.14 19.11 -1.96
CA ARG C 673 56.32 19.48 -2.73
C ARG C 673 56.97 18.29 -3.44
N GLU C 674 56.16 17.34 -3.92
CA GLU C 674 56.66 16.34 -4.86
C GLU C 674 56.32 16.68 -6.31
N ILE C 675 55.55 17.74 -6.54
CA ILE C 675 55.17 18.18 -7.88
C ILE C 675 56.35 18.92 -8.50
N PRO C 676 56.61 18.77 -9.80
CA PRO C 676 57.72 19.50 -10.43
C PRO C 676 57.47 20.99 -10.58
N GLN C 677 56.40 21.49 -9.94
CA GLN C 677 56.06 22.90 -9.85
C GLN C 677 55.69 23.51 -11.20
N GLU C 678 55.34 22.69 -12.19
CA GLU C 678 54.86 23.23 -13.45
C GLU C 678 53.52 23.93 -13.27
N LEU C 679 52.66 23.39 -12.40
CA LEU C 679 51.44 24.07 -11.96
C LEU C 679 51.44 24.35 -10.47
N ILE C 680 51.70 23.34 -9.65
CA ILE C 680 51.63 23.50 -8.21
C ILE C 680 52.94 24.10 -7.73
N ASP C 681 52.99 25.43 -7.69
CA ASP C 681 54.12 26.15 -7.13
C ASP C 681 53.58 27.42 -6.48
N TRP C 682 54.03 27.68 -5.25
CA TRP C 682 53.47 28.77 -4.48
C TRP C 682 54.02 30.13 -4.87
N ARG C 683 55.05 30.17 -5.73
CA ARG C 683 55.71 31.40 -6.13
C ARG C 683 56.25 32.19 -4.93
N ARG C 684 56.37 31.53 -3.78
CA ARG C 684 56.83 32.17 -2.56
C ARG C 684 57.53 31.16 -1.65
#